data_3SLG
#
_entry.id   3SLG
#
_cell.length_a   83.570
_cell.length_b   91.550
_cell.length_c   147.260
_cell.angle_alpha   90.000
_cell.angle_beta   91.630
_cell.angle_gamma   90.000
#
_symmetry.space_group_name_H-M   'P 1 21 1'
#
loop_
_entity.id
_entity.type
_entity.pdbx_description
1 polymer 'PbgP3 protein'
2 non-polymer 'CHLORIDE ION'
3 water water
#
_entity_poly.entity_id   1
_entity_poly.type   'polypeptide(L)'
_entity_poly.pdbx_seq_one_letter_code
;MAHHHHHHMGTLEAQTQGPGSMKAKKVLILGVNGFIGHHLSKRILETTDWEVFGMDMQTDRLGDLVKHERMHFFEGDITI
NKEWVEYHVKKCDVILPLVAIATPATYVKQPLRVFELDFEANLPIVRSAVKYGKHLVFPSTSEVYGMCADEQFDPDASAL
TYGPINKPRWIYACSKQLMDRVIWGYGMEGLNFTLFRPFNWIGPGLDSIYTPKEGSSRVVTQFLGHIVRGENISLVDGGS
QKRAFTYVDDGISALMKIIENSNGVATGKIYNIGNPNNNFSVRELANKMLELAAEFPEYADSAKRVKLVETTSGAYYGNG
YQDVQNRVPKIENTMQELGWAPQFTFDDALRQIFEAYRGHVADARALVEQHG
;
_entity_poly.pdbx_strand_id   A,B,C,D,E,F
#
loop_
_chem_comp.id
_chem_comp.type
_chem_comp.name
_chem_comp.formula
CL non-polymer 'CHLORIDE ION' 'Cl -1'
#
# COMPACT_ATOMS: atom_id res chain seq x y z
N LYS A 23 -19.46 -29.19 2.49
CA LYS A 23 -20.84 -29.75 2.27
C LYS A 23 -21.97 -28.72 2.49
N ALA A 24 -22.27 -28.40 3.74
CA ALA A 24 -23.41 -27.57 4.08
C ALA A 24 -23.26 -26.14 3.54
N LYS A 25 -24.38 -25.51 3.16
CA LYS A 25 -24.37 -24.12 2.70
C LYS A 25 -23.85 -23.21 3.82
N LYS A 26 -23.03 -22.21 3.46
CA LYS A 26 -22.45 -21.26 4.43
C LYS A 26 -22.90 -19.83 4.14
N VAL A 27 -23.51 -19.21 5.15
CA VAL A 27 -24.17 -17.93 5.02
C VAL A 27 -23.33 -16.93 5.83
N LEU A 28 -22.81 -15.91 5.17
CA LEU A 28 -22.02 -14.88 5.82
C LEU A 28 -22.89 -13.64 6.08
N ILE A 29 -22.99 -13.26 7.33
CA ILE A 29 -23.77 -12.10 7.72
C ILE A 29 -22.80 -11.06 8.29
N LEU A 30 -22.55 -9.98 7.56
CA LEU A 30 -21.70 -8.91 8.08
C LEU A 30 -22.57 -7.91 8.83
N GLY A 31 -22.38 -7.80 10.14
CA GLY A 31 -23.27 -6.98 10.98
C GLY A 31 -24.37 -7.85 11.62
N VAL A 32 -23.96 -8.94 12.23
CA VAL A 32 -24.87 -9.95 12.70
C VAL A 32 -25.50 -9.64 14.07
N ASN A 33 -24.85 -8.82 14.86
CA ASN A 33 -25.32 -8.58 16.23
C ASN A 33 -26.40 -7.53 16.27
N GLY A 34 -27.60 -7.90 15.83
CA GLY A 34 -28.71 -6.97 15.75
C GLY A 34 -29.98 -7.64 15.20
N PHE A 35 -30.89 -6.82 14.70
CA PHE A 35 -32.27 -7.22 14.38
C PHE A 35 -32.35 -8.33 13.30
N ILE A 36 -31.84 -8.06 12.11
CA ILE A 36 -31.84 -9.09 11.07
C ILE A 36 -30.88 -10.22 11.45
N GLY A 37 -29.69 -9.87 11.94
CA GLY A 37 -28.69 -10.88 12.33
C GLY A 37 -29.23 -11.95 13.25
N HIS A 38 -29.91 -11.53 14.30
CA HIS A 38 -30.45 -12.40 15.30
C HIS A 38 -31.52 -13.29 14.72
N HIS A 39 -32.54 -12.66 14.13
CA HIS A 39 -33.73 -13.38 13.65
C HIS A 39 -33.42 -14.31 12.49
N LEU A 40 -32.55 -13.86 11.58
CA LEU A 40 -32.09 -14.72 10.46
C LEU A 40 -31.26 -15.91 10.96
N SER A 41 -30.29 -15.63 11.84
CA SER A 41 -29.42 -16.70 12.37
C SER A 41 -30.29 -17.74 13.09
N LYS A 42 -31.23 -17.27 13.89
CA LYS A 42 -32.13 -18.16 14.63
C LYS A 42 -32.88 -19.11 13.69
N ARG A 43 -33.53 -18.57 12.65
CA ARG A 43 -34.29 -19.37 11.71
C ARG A 43 -33.39 -20.37 11.00
N ILE A 44 -32.23 -19.90 10.55
CA ILE A 44 -31.28 -20.78 9.85
C ILE A 44 -30.87 -22.00 10.69
N LEU A 45 -30.54 -21.74 11.96
CA LEU A 45 -30.04 -22.77 12.87
C LEU A 45 -31.11 -23.78 13.19
N GLU A 46 -32.33 -23.29 13.40
CA GLU A 46 -33.47 -24.12 13.78
C GLU A 46 -34.17 -24.84 12.63
N THR A 47 -33.97 -24.42 11.38
CA THR A 47 -34.78 -24.99 10.27
C THR A 47 -34.02 -25.52 9.04
N THR A 48 -32.69 -25.40 9.06
CA THR A 48 -31.82 -25.90 7.98
C THR A 48 -30.59 -26.56 8.57
N ASP A 49 -29.73 -27.10 7.71
CA ASP A 49 -28.41 -27.57 8.11
C ASP A 49 -27.28 -26.57 7.72
N TRP A 50 -27.66 -25.34 7.40
CA TRP A 50 -26.69 -24.34 6.96
C TRP A 50 -25.81 -23.89 8.12
N GLU A 51 -24.60 -23.46 7.80
CA GLU A 51 -23.76 -22.89 8.82
C GLU A 51 -23.78 -21.38 8.71
N VAL A 52 -23.80 -20.72 9.86
CA VAL A 52 -23.80 -19.28 9.85
C VAL A 52 -22.45 -18.71 10.29
N PHE A 53 -21.92 -17.79 9.49
CA PHE A 53 -20.77 -17.02 9.89
C PHE A 53 -21.21 -15.57 10.04
N GLY A 54 -21.16 -15.08 11.27
CA GLY A 54 -21.70 -13.76 11.58
C GLY A 54 -20.58 -12.92 12.13
N MET A 55 -20.34 -11.76 11.50
CA MET A 55 -19.36 -10.82 11.97
C MET A 55 -19.97 -9.62 12.70
N ASP A 56 -19.38 -9.29 13.84
CA ASP A 56 -19.69 -8.03 14.47
C ASP A 56 -18.69 -7.65 15.56
N MET A 57 -18.95 -6.55 16.25
CA MET A 57 -18.09 -6.15 17.37
C MET A 57 -18.46 -6.79 18.73
N GLN A 58 -19.75 -7.02 18.95
CA GLN A 58 -20.27 -7.54 20.24
C GLN A 58 -21.27 -8.67 19.94
N THR A 59 -21.69 -9.40 20.98
CA THR A 59 -22.68 -10.48 20.82
C THR A 59 -23.91 -10.37 21.71
N ASP A 60 -24.17 -9.18 22.25
CA ASP A 60 -25.21 -9.04 23.27
C ASP A 60 -26.61 -9.09 22.72
N ARG A 61 -26.76 -9.10 21.37
CA ARG A 61 -28.06 -9.21 20.72
C ARG A 61 -28.29 -10.61 20.18
N LEU A 62 -27.32 -11.49 20.39
CA LEU A 62 -27.47 -12.83 19.87
C LEU A 62 -27.90 -13.84 20.95
N GLY A 63 -27.87 -13.42 22.21
CA GLY A 63 -28.11 -14.34 23.34
C GLY A 63 -27.45 -15.68 23.12
N ASP A 64 -28.27 -16.73 23.14
CA ASP A 64 -27.79 -18.11 23.19
C ASP A 64 -27.38 -18.71 21.84
N LEU A 65 -27.72 -18.03 20.74
CA LEU A 65 -27.37 -18.50 19.39
C LEU A 65 -25.91 -18.86 19.22
N VAL A 66 -25.00 -18.14 19.89
CA VAL A 66 -23.59 -18.40 19.73
C VAL A 66 -23.12 -19.78 20.23
N LYS A 67 -23.84 -20.36 21.19
CA LYS A 67 -23.50 -21.69 21.72
C LYS A 67 -23.87 -22.82 20.74
N HIS A 68 -24.69 -22.53 19.73
CA HIS A 68 -25.04 -23.50 18.71
C HIS A 68 -23.83 -23.83 17.85
N GLU A 69 -23.65 -25.13 17.57
CA GLU A 69 -22.48 -25.59 16.84
C GLU A 69 -22.46 -25.13 15.38
N ARG A 70 -23.60 -24.71 14.84
CA ARG A 70 -23.61 -24.20 13.46
C ARG A 70 -23.51 -22.66 13.38
N MET A 71 -23.42 -22.02 14.54
CA MET A 71 -23.21 -20.58 14.62
C MET A 71 -21.72 -20.25 14.79
N HIS A 72 -21.18 -19.41 13.91
CA HIS A 72 -19.79 -19.02 14.02
C HIS A 72 -19.73 -17.49 14.07
N PHE A 73 -19.73 -16.95 15.29
CA PHE A 73 -19.49 -15.55 15.49
C PHE A 73 -18.02 -15.24 15.32
N PHE A 74 -17.70 -14.15 14.63
CA PHE A 74 -16.32 -13.68 14.67
C PHE A 74 -16.29 -12.16 14.75
N GLU A 75 -15.18 -11.62 15.25
CA GLU A 75 -15.07 -10.19 15.42
C GLU A 75 -14.48 -9.51 14.21
N GLY A 76 -14.94 -8.29 13.94
CA GLY A 76 -14.36 -7.48 12.87
C GLY A 76 -15.23 -6.29 12.50
N ASP A 77 -14.63 -5.37 11.74
CA ASP A 77 -15.31 -4.17 11.31
C ASP A 77 -15.02 -4.03 9.82
N ILE A 78 -16.08 -3.83 9.02
CA ILE A 78 -15.91 -3.85 7.55
C ILE A 78 -14.99 -2.72 7.08
N THR A 79 -14.84 -1.67 7.88
CA THR A 79 -13.98 -0.55 7.45
C THR A 79 -12.53 -0.81 7.87
N ILE A 80 -12.29 -1.86 8.63
CA ILE A 80 -10.94 -2.10 9.17
C ILE A 80 -10.37 -3.44 8.75
N ASN A 81 -11.11 -4.50 9.07
CA ASN A 81 -10.63 -5.87 8.92
C ASN A 81 -10.82 -6.39 7.48
N LYS A 82 -10.15 -5.76 6.54
CA LYS A 82 -10.40 -6.04 5.13
C LYS A 82 -10.05 -7.48 4.76
N GLU A 83 -8.90 -7.96 5.24
CA GLU A 83 -8.41 -9.32 4.94
C GLU A 83 -9.32 -10.42 5.52
N TRP A 84 -9.71 -10.25 6.77
CA TRP A 84 -10.57 -11.21 7.46
C TRP A 84 -11.97 -11.24 6.83
N VAL A 85 -12.50 -10.11 6.38
CA VAL A 85 -13.78 -10.09 5.67
C VAL A 85 -13.64 -10.80 4.30
N GLU A 86 -12.64 -10.40 3.51
CA GLU A 86 -12.49 -11.00 2.19
C GLU A 86 -12.32 -12.54 2.30
N TYR A 87 -11.57 -12.96 3.32
CA TYR A 87 -11.37 -14.37 3.52
C TYR A 87 -12.73 -15.04 3.69
N HIS A 88 -13.60 -14.49 4.53
CA HIS A 88 -14.95 -15.03 4.72
C HIS A 88 -15.85 -15.01 3.48
N VAL A 89 -15.72 -13.99 2.65
CA VAL A 89 -16.42 -13.96 1.36
C VAL A 89 -15.99 -15.12 0.46
N LYS A 90 -14.70 -15.42 0.41
CA LYS A 90 -14.24 -16.58 -0.38
C LYS A 90 -14.76 -17.88 0.23
N LYS A 91 -14.79 -17.93 1.57
CA LYS A 91 -15.17 -19.13 2.28
C LYS A 91 -16.65 -19.49 2.12
N CYS A 92 -17.50 -18.48 2.19
CA CYS A 92 -18.94 -18.72 2.33
C CYS A 92 -19.63 -18.76 0.96
N ASP A 93 -20.89 -19.20 0.93
CA ASP A 93 -21.66 -19.29 -0.31
C ASP A 93 -22.57 -18.09 -0.57
N VAL A 94 -23.10 -17.50 0.49
CA VAL A 94 -24.07 -16.43 0.39
C VAL A 94 -23.64 -15.31 1.32
N ILE A 95 -23.69 -14.09 0.81
CA ILE A 95 -23.06 -12.95 1.44
C ILE A 95 -24.12 -11.86 1.68
N LEU A 96 -24.33 -11.50 2.96
CA LEU A 96 -25.28 -10.46 3.32
C LEU A 96 -24.59 -9.31 4.04
N PRO A 97 -24.32 -8.21 3.32
CA PRO A 97 -23.63 -7.14 4.02
C PRO A 97 -24.65 -6.17 4.60
N LEU A 98 -24.93 -6.29 5.90
CA LEU A 98 -25.98 -5.45 6.56
C LEU A 98 -25.49 -4.13 7.17
N VAL A 99 -24.20 -3.82 7.06
CA VAL A 99 -23.65 -2.65 7.77
C VAL A 99 -23.94 -1.36 6.99
N ALA A 100 -24.60 -0.41 7.66
CA ALA A 100 -24.96 0.88 7.04
C ALA A 100 -25.57 1.81 8.06
N ILE A 101 -25.32 3.10 7.94
CA ILE A 101 -26.07 4.11 8.68
C ILE A 101 -27.46 4.17 8.00
N ALA A 102 -28.51 3.90 8.77
CA ALA A 102 -29.89 3.91 8.29
C ALA A 102 -30.75 4.69 9.31
N THR A 103 -30.17 5.79 9.83
CA THR A 103 -30.84 6.72 10.76
C THR A 103 -31.16 8.02 10.04
N PRO A 104 -32.47 8.31 9.82
CA PRO A 104 -32.84 9.54 9.09
C PRO A 104 -32.09 10.80 9.58
N ALA A 105 -31.95 11.03 10.89
CA ALA A 105 -31.26 12.26 11.34
C ALA A 105 -29.84 12.41 10.82
N THR A 106 -29.12 11.29 10.67
CA THR A 106 -27.74 11.34 10.26
C THR A 106 -27.59 11.70 8.78
N TYR A 107 -28.58 11.34 7.98
CA TYR A 107 -28.55 11.66 6.55
C TYR A 107 -28.42 13.18 6.38
N VAL A 108 -29.21 13.94 7.15
CA VAL A 108 -29.22 15.41 7.12
C VAL A 108 -27.96 16.03 7.75
N LYS A 109 -27.62 15.57 8.95
CA LYS A 109 -26.52 16.18 9.72
C LYS A 109 -25.13 15.70 9.20
N GLN A 110 -25.03 14.44 8.79
CA GLN A 110 -23.73 13.86 8.44
C GLN A 110 -23.77 13.07 7.11
N PRO A 111 -24.19 13.73 6.00
CA PRO A 111 -24.35 12.99 4.74
C PRO A 111 -23.09 12.26 4.28
N LEU A 112 -21.92 12.85 4.50
CA LEU A 112 -20.68 12.22 4.05
C LEU A 112 -20.47 10.83 4.73
N ARG A 113 -20.81 10.75 6.03
CA ARG A 113 -20.61 9.50 6.77
C ARG A 113 -21.57 8.43 6.24
N VAL A 114 -22.74 8.87 5.77
CA VAL A 114 -23.70 7.95 5.19
C VAL A 114 -23.13 7.38 3.88
N PHE A 115 -22.61 8.24 2.99
CA PHE A 115 -21.93 7.79 1.73
C PHE A 115 -20.71 6.86 2.00
N GLU A 116 -19.84 7.28 2.92
CA GLU A 116 -18.60 6.55 3.23
C GLU A 116 -18.89 5.13 3.69
N LEU A 117 -19.85 4.96 4.59
CA LEU A 117 -20.17 3.62 5.07
C LEU A 117 -21.11 2.80 4.18
N ASP A 118 -22.27 3.37 3.85
CA ASP A 118 -23.30 2.63 3.09
C ASP A 118 -22.84 2.30 1.66
N PHE A 119 -22.06 3.21 1.05
CA PHE A 119 -21.61 2.96 -0.32
C PHE A 119 -20.15 2.52 -0.35
N GLU A 120 -19.27 3.43 0.03
CA GLU A 120 -17.86 3.28 -0.18
C GLU A 120 -17.27 2.06 0.51
N ALA A 121 -17.68 1.78 1.76
CA ALA A 121 -17.12 0.66 2.50
C ALA A 121 -17.75 -0.70 2.15
N ASN A 122 -18.95 -0.69 1.56
CA ASN A 122 -19.59 -1.95 1.12
C ASN A 122 -19.16 -2.43 -0.27
N LEU A 123 -18.69 -1.49 -1.08
CA LEU A 123 -18.30 -1.81 -2.46
C LEU A 123 -17.18 -2.87 -2.56
N PRO A 124 -16.12 -2.75 -1.71
CA PRO A 124 -15.14 -3.85 -1.82
C PRO A 124 -15.73 -5.24 -1.50
N ILE A 125 -16.79 -5.29 -0.67
CA ILE A 125 -17.45 -6.57 -0.35
C ILE A 125 -18.20 -7.12 -1.58
N VAL A 126 -18.89 -6.22 -2.27
CA VAL A 126 -19.56 -6.55 -3.54
C VAL A 126 -18.53 -7.12 -4.52
N ARG A 127 -17.39 -6.44 -4.59
CA ARG A 127 -16.37 -6.79 -5.54
C ARG A 127 -15.69 -8.14 -5.22
N SER A 128 -15.59 -8.47 -3.94
CA SER A 128 -15.12 -9.81 -3.50
C SER A 128 -16.14 -10.86 -3.84
N ALA A 129 -17.43 -10.56 -3.69
CA ALA A 129 -18.51 -11.49 -4.06
C ALA A 129 -18.45 -11.80 -5.57
N VAL A 130 -18.20 -10.76 -6.38
CA VAL A 130 -17.94 -10.95 -7.82
C VAL A 130 -16.74 -11.90 -8.01
N LYS A 131 -15.60 -11.54 -7.41
CA LYS A 131 -14.34 -12.30 -7.58
C LYS A 131 -14.46 -13.80 -7.29
N TYR A 132 -15.11 -14.13 -6.17
CA TYR A 132 -15.17 -15.52 -5.73
C TYR A 132 -16.43 -16.26 -6.20
N GLY A 133 -17.25 -15.61 -7.03
CA GLY A 133 -18.45 -16.27 -7.62
C GLY A 133 -19.54 -16.57 -6.60
N LYS A 134 -19.77 -15.67 -5.65
CA LYS A 134 -20.73 -15.97 -4.58
C LYS A 134 -22.11 -15.35 -4.84
N HIS A 135 -23.09 -15.73 -4.02
CA HIS A 135 -24.42 -15.17 -4.11
C HIS A 135 -24.52 -13.98 -3.15
N LEU A 136 -24.62 -12.80 -3.72
CA LEU A 136 -24.68 -11.56 -2.94
C LEU A 136 -26.15 -11.23 -2.67
N VAL A 137 -26.54 -11.20 -1.41
CA VAL A 137 -27.90 -10.89 -1.02
C VAL A 137 -27.82 -9.59 -0.28
N PHE A 138 -28.18 -8.53 -1.00
CA PHE A 138 -27.88 -7.19 -0.56
C PHE A 138 -29.11 -6.39 -0.10
N PRO A 139 -29.01 -5.74 1.08
CA PRO A 139 -30.14 -4.93 1.58
C PRO A 139 -30.17 -3.59 0.89
N SER A 140 -31.02 -3.49 -0.14
CA SER A 140 -31.35 -2.20 -0.75
C SER A 140 -32.32 -1.56 0.27
N THR A 141 -33.11 -0.57 -0.13
CA THR A 141 -33.98 0.11 0.83
C THR A 141 -35.31 0.52 0.20
N SER A 142 -36.37 0.46 1.01
CA SER A 142 -37.67 1.01 0.60
C SER A 142 -37.53 2.47 0.22
N GLU A 143 -36.48 3.14 0.70
CA GLU A 143 -36.33 4.58 0.46
C GLU A 143 -35.94 4.87 -0.97
N VAL A 144 -35.47 3.84 -1.68
CA VAL A 144 -34.94 4.02 -3.03
C VAL A 144 -35.98 4.58 -4.03
N TYR A 145 -37.26 4.34 -3.78
CA TYR A 145 -38.35 4.87 -4.62
C TYR A 145 -38.56 6.36 -4.42
N GLY A 146 -38.17 6.86 -3.26
CA GLY A 146 -38.25 8.29 -2.98
C GLY A 146 -39.69 8.77 -3.11
N MET A 147 -39.89 9.90 -3.79
CA MET A 147 -41.22 10.55 -3.89
C MET A 147 -42.08 10.00 -5.06
N CYS A 148 -42.00 8.70 -5.25
CA CYS A 148 -42.71 7.98 -6.29
C CYS A 148 -44.20 8.09 -6.05
N ALA A 149 -44.94 8.39 -7.12
CA ALA A 149 -46.40 8.61 -7.12
C ALA A 149 -47.20 7.33 -7.39
N ASP A 150 -46.52 6.26 -7.79
CA ASP A 150 -47.19 4.98 -8.03
C ASP A 150 -47.95 4.47 -6.81
N GLU A 151 -49.10 3.85 -7.07
CA GLU A 151 -49.93 3.29 -6.01
C GLU A 151 -49.24 2.13 -5.30
N GLN A 152 -48.49 1.33 -6.05
CA GLN A 152 -47.58 0.34 -5.46
C GLN A 152 -46.18 0.52 -6.03
N PHE A 153 -45.17 0.50 -5.17
CA PHE A 153 -43.78 0.67 -5.61
C PHE A 153 -43.35 -0.65 -6.22
N ASP A 154 -43.02 -0.59 -7.51
CA ASP A 154 -42.72 -1.78 -8.29
C ASP A 154 -41.22 -1.79 -8.62
N PRO A 155 -40.49 -2.79 -8.10
CA PRO A 155 -39.04 -2.89 -8.28
C PRO A 155 -38.58 -3.07 -9.72
N ASP A 156 -39.46 -3.56 -10.61
CA ASP A 156 -39.11 -3.70 -12.02
C ASP A 156 -39.62 -2.54 -12.88
N ALA A 157 -40.30 -1.56 -12.28
CA ALA A 157 -40.99 -0.57 -13.12
C ALA A 157 -41.08 0.86 -12.61
N SER A 158 -41.23 1.06 -11.30
CA SER A 158 -41.40 2.41 -10.77
C SER A 158 -40.16 3.32 -10.98
N ALA A 159 -40.42 4.59 -11.25
CA ALA A 159 -39.38 5.58 -11.39
C ALA A 159 -38.93 6.00 -9.97
N LEU A 160 -37.69 6.47 -9.86
CA LEU A 160 -37.09 6.79 -8.56
C LEU A 160 -36.84 8.30 -8.43
N THR A 161 -37.50 8.95 -7.47
CA THR A 161 -37.53 10.40 -7.41
C THR A 161 -37.00 10.99 -6.08
N TYR A 162 -35.91 11.78 -6.16
CA TYR A 162 -35.35 12.45 -5.00
C TYR A 162 -35.44 13.96 -5.13
N GLY A 163 -35.18 14.67 -4.03
CA GLY A 163 -35.18 16.13 -4.05
C GLY A 163 -33.89 16.67 -4.66
N PRO A 164 -33.74 18.00 -4.70
CA PRO A 164 -32.50 18.53 -5.26
C PRO A 164 -31.26 18.28 -4.39
N ILE A 165 -30.09 18.70 -4.87
CA ILE A 165 -28.85 18.49 -4.13
C ILE A 165 -28.85 19.21 -2.78
N ASN A 166 -29.53 20.34 -2.69
CA ASN A 166 -29.55 21.11 -1.46
C ASN A 166 -30.41 20.47 -0.37
N LYS A 167 -30.98 19.29 -0.62
CA LYS A 167 -31.65 18.50 0.43
C LYS A 167 -30.85 17.25 0.70
N PRO A 168 -29.88 17.31 1.63
CA PRO A 168 -28.88 16.22 1.79
C PRO A 168 -29.41 14.92 2.37
N ARG A 169 -30.61 14.95 2.96
CA ARG A 169 -31.20 13.69 3.38
C ARG A 169 -31.24 12.63 2.26
N TRP A 170 -31.39 13.08 1.01
CA TRP A 170 -31.46 12.21 -0.17
C TRP A 170 -30.12 11.47 -0.50
N ILE A 171 -29.02 11.85 0.15
CA ILE A 171 -27.77 11.11 -0.02
C ILE A 171 -27.88 9.62 0.32
N TYR A 172 -28.74 9.28 1.28
CA TYR A 172 -28.94 7.87 1.61
C TYR A 172 -29.60 7.14 0.44
N ALA A 173 -30.76 7.62 0.01
CA ALA A 173 -31.47 6.93 -1.07
C ALA A 173 -30.57 6.91 -2.31
N CYS A 174 -29.83 8.00 -2.53
CA CYS A 174 -28.95 8.11 -3.71
C CYS A 174 -27.73 7.17 -3.63
N SER A 175 -27.11 7.05 -2.44
CA SER A 175 -26.06 6.03 -2.20
C SER A 175 -26.57 4.61 -2.46
N LYS A 176 -27.73 4.31 -1.87
CA LYS A 176 -28.33 3.01 -2.00
C LYS A 176 -28.76 2.75 -3.46
N GLN A 177 -29.24 3.78 -4.15
CA GLN A 177 -29.55 3.58 -5.60
C GLN A 177 -28.28 3.22 -6.39
N LEU A 178 -27.22 4.03 -6.21
CA LEU A 178 -26.01 3.81 -6.99
C LEU A 178 -25.44 2.43 -6.70
N MET A 179 -25.56 1.98 -5.45
CA MET A 179 -25.09 0.63 -5.09
C MET A 179 -25.91 -0.45 -5.81
N ASP A 180 -27.24 -0.31 -5.85
CA ASP A 180 -28.09 -1.23 -6.58
C ASP A 180 -27.67 -1.27 -8.06
N ARG A 181 -27.36 -0.12 -8.65
CA ARG A 181 -26.95 -0.06 -10.06
C ARG A 181 -25.56 -0.69 -10.36
N VAL A 182 -24.63 -0.52 -9.43
CA VAL A 182 -23.30 -1.11 -9.54
C VAL A 182 -23.42 -2.62 -9.42
N ILE A 183 -24.19 -3.09 -8.45
CA ILE A 183 -24.52 -4.52 -8.37
C ILE A 183 -25.22 -5.02 -9.64
N TRP A 184 -26.16 -4.23 -10.17
CA TRP A 184 -26.87 -4.63 -11.41
C TRP A 184 -25.85 -4.76 -12.53
N GLY A 185 -24.89 -3.82 -12.57
CA GLY A 185 -23.86 -3.83 -13.62
C GLY A 185 -22.99 -5.08 -13.48
N TYR A 186 -22.65 -5.48 -12.24
CA TYR A 186 -21.96 -6.76 -12.08
C TYR A 186 -22.83 -7.95 -12.45
N GLY A 187 -24.13 -7.86 -12.18
CA GLY A 187 -25.09 -8.89 -12.59
C GLY A 187 -25.02 -9.14 -14.09
N MET A 188 -24.82 -8.06 -14.85
CA MET A 188 -24.77 -8.14 -16.30
C MET A 188 -23.49 -8.87 -16.76
N GLU A 189 -22.51 -8.97 -15.87
CA GLU A 189 -21.24 -9.63 -16.14
C GLU A 189 -21.15 -10.98 -15.47
N GLY A 190 -22.26 -11.45 -14.88
CA GLY A 190 -22.32 -12.77 -14.28
C GLY A 190 -22.47 -12.83 -12.77
N LEU A 191 -22.50 -11.71 -12.05
CA LEU A 191 -22.67 -11.80 -10.58
C LEU A 191 -24.02 -12.40 -10.24
N ASN A 192 -24.00 -13.43 -9.41
CA ASN A 192 -25.20 -13.95 -8.78
C ASN A 192 -25.58 -13.03 -7.60
N PHE A 193 -26.63 -12.22 -7.80
CA PHE A 193 -27.12 -11.33 -6.74
C PHE A 193 -28.62 -11.41 -6.60
N THR A 194 -29.10 -11.02 -5.43
CA THR A 194 -30.47 -10.65 -5.21
C THR A 194 -30.49 -9.39 -4.38
N LEU A 195 -31.32 -8.42 -4.77
CA LEU A 195 -31.51 -7.24 -3.91
C LEU A 195 -32.81 -7.38 -3.13
N PHE A 196 -32.80 -7.08 -1.84
CA PHE A 196 -34.09 -7.02 -1.13
C PHE A 196 -34.31 -5.66 -0.50
N ARG A 197 -35.58 -5.24 -0.44
CA ARG A 197 -36.00 -3.94 0.11
C ARG A 197 -37.04 -4.17 1.20
N PRO A 198 -36.58 -4.17 2.46
CA PRO A 198 -37.47 -4.42 3.60
C PRO A 198 -38.40 -3.23 3.78
N PHE A 199 -39.70 -3.46 3.98
CA PHE A 199 -40.60 -2.35 4.27
C PHE A 199 -40.97 -2.41 5.72
N ASN A 200 -40.39 -1.51 6.52
CA ASN A 200 -40.72 -1.33 7.93
C ASN A 200 -40.85 -2.63 8.69
N TRP A 201 -39.75 -3.37 8.75
CA TRP A 201 -39.72 -4.65 9.48
C TRP A 201 -39.75 -4.34 10.97
N ILE A 202 -40.61 -5.03 11.72
CA ILE A 202 -40.74 -4.78 13.14
C ILE A 202 -40.88 -6.10 13.87
N GLY A 203 -40.35 -6.15 15.09
CA GLY A 203 -40.46 -7.36 15.91
C GLY A 203 -39.60 -7.18 17.15
N PRO A 204 -39.38 -8.27 17.93
CA PRO A 204 -38.51 -8.26 19.10
C PRO A 204 -37.12 -7.88 18.66
N GLY A 205 -36.32 -7.34 19.57
CA GLY A 205 -34.89 -7.11 19.30
C GLY A 205 -34.63 -6.08 18.21
N LEU A 206 -35.46 -5.03 18.21
CA LEU A 206 -35.28 -3.87 17.33
C LEU A 206 -33.88 -3.29 17.51
N ASP A 207 -33.28 -2.82 16.42
CA ASP A 207 -31.98 -2.16 16.54
C ASP A 207 -32.16 -0.79 17.19
N SER A 208 -31.21 -0.44 18.06
CA SER A 208 -31.13 0.87 18.65
C SER A 208 -31.10 1.92 17.53
N ILE A 209 -31.74 3.05 17.76
CA ILE A 209 -31.86 4.12 16.77
C ILE A 209 -30.56 4.48 16.05
N TYR A 210 -29.44 4.49 16.75
CA TYR A 210 -28.17 4.84 16.10
C TYR A 210 -27.27 3.66 15.71
N THR A 211 -27.78 2.44 15.79
CA THR A 211 -27.00 1.31 15.33
C THR A 211 -26.78 1.40 13.80
N PRO A 212 -25.51 1.28 13.34
CA PRO A 212 -25.25 1.29 11.87
C PRO A 212 -25.55 -0.06 11.19
N LYS A 213 -26.84 -0.40 11.15
CA LYS A 213 -27.33 -1.62 10.52
C LYS A 213 -28.65 -1.39 9.82
N GLU A 214 -28.75 -1.96 8.61
CA GLU A 214 -30.02 -2.10 7.92
C GLU A 214 -30.85 -3.10 8.74
N GLY A 215 -32.14 -2.85 8.86
CA GLY A 215 -32.97 -3.70 9.70
C GLY A 215 -34.37 -3.26 10.06
N SER A 216 -34.51 -2.52 11.15
CA SER A 216 -35.82 -2.36 11.79
C SER A 216 -36.37 -0.95 11.57
N SER A 217 -37.69 -0.85 11.48
CA SER A 217 -38.38 0.43 11.36
C SER A 217 -38.01 1.42 12.48
N ARG A 218 -37.34 2.50 12.07
CA ARG A 218 -36.90 3.49 13.07
C ARG A 218 -38.06 4.15 13.78
N VAL A 219 -39.12 4.48 13.04
CA VAL A 219 -40.21 5.22 13.65
C VAL A 219 -40.86 4.38 14.76
N VAL A 220 -41.07 3.09 14.49
CA VAL A 220 -41.69 2.24 15.49
C VAL A 220 -40.76 2.13 16.69
N THR A 221 -39.45 2.04 16.43
CA THR A 221 -38.47 1.96 17.52
C THR A 221 -38.49 3.23 18.39
N GLN A 222 -38.52 4.39 17.72
CA GLN A 222 -38.55 5.68 18.35
C GLN A 222 -39.80 5.80 19.23
N PHE A 223 -40.96 5.44 18.67
CA PHE A 223 -42.24 5.50 19.38
C PHE A 223 -42.26 4.58 20.57
N LEU A 224 -41.74 3.37 20.41
CA LEU A 224 -41.63 2.44 21.55
C LEU A 224 -40.78 3.04 22.70
N GLY A 225 -39.67 3.68 22.34
CA GLY A 225 -38.72 4.26 23.32
C GLY A 225 -39.38 5.39 24.10
N HIS A 226 -40.12 6.23 23.36
CA HIS A 226 -40.92 7.27 23.99
C HIS A 226 -41.94 6.71 24.98
N ILE A 227 -42.70 5.70 24.55
CA ILE A 227 -43.75 5.13 25.40
C ILE A 227 -43.17 4.68 26.72
N VAL A 228 -42.11 3.88 26.63
CA VAL A 228 -41.55 3.30 27.84
C VAL A 228 -40.83 4.34 28.74
N ARG A 229 -40.31 5.42 28.17
CA ARG A 229 -39.71 6.50 28.96
C ARG A 229 -40.76 7.53 29.38
N GLY A 230 -41.99 7.35 28.92
CA GLY A 230 -43.10 8.27 29.26
C GLY A 230 -42.96 9.64 28.61
N GLU A 231 -42.34 9.68 27.43
CA GLU A 231 -42.08 10.94 26.72
C GLU A 231 -43.15 11.23 25.69
N ASN A 232 -43.25 12.49 25.28
CA ASN A 232 -44.16 12.85 24.20
C ASN A 232 -43.79 12.14 22.87
N ILE A 233 -44.81 11.82 22.08
CA ILE A 233 -44.62 11.37 20.71
C ILE A 233 -44.93 12.54 19.79
N SER A 234 -43.92 12.96 19.03
CA SER A 234 -44.05 14.09 18.10
C SER A 234 -44.50 13.64 16.68
N LEU A 235 -45.53 14.30 16.15
CA LEU A 235 -46.10 13.96 14.82
C LEU A 235 -45.87 15.09 13.82
N VAL A 236 -45.13 14.81 12.76
CA VAL A 236 -44.94 15.80 11.69
C VAL A 236 -46.17 15.82 10.79
N ASP A 237 -46.67 17.03 10.52
CA ASP A 237 -47.88 17.24 9.71
C ASP A 237 -49.08 16.39 10.18
N GLY A 238 -49.20 16.26 11.50
CA GLY A 238 -50.24 15.45 12.12
C GLY A 238 -50.17 13.97 11.83
N GLY A 239 -48.96 13.47 11.53
CA GLY A 239 -48.75 12.03 11.37
C GLY A 239 -49.47 11.40 10.19
N SER A 240 -49.61 12.18 9.12
CA SER A 240 -50.34 11.72 7.93
C SER A 240 -49.57 10.68 7.10
N GLN A 241 -48.24 10.71 7.20
CA GLN A 241 -47.39 9.76 6.44
C GLN A 241 -47.86 8.31 6.64
N LYS A 242 -48.20 7.61 5.55
CA LYS A 242 -48.63 6.22 5.64
C LYS A 242 -47.45 5.29 5.32
N ARG A 243 -47.35 4.14 6.02
CA ARG A 243 -46.28 3.16 5.76
C ARG A 243 -46.83 1.74 5.83
N ALA A 244 -46.17 0.79 5.16
CA ALA A 244 -46.54 -0.62 5.26
C ALA A 244 -45.62 -1.30 6.25
N PHE A 245 -46.23 -1.83 7.31
CA PHE A 245 -45.54 -2.44 8.44
C PHE A 245 -45.49 -3.97 8.32
N THR A 246 -44.35 -4.55 8.66
CA THR A 246 -44.09 -5.97 8.35
C THR A 246 -43.49 -6.68 9.54
N TYR A 247 -44.15 -7.74 10.00
CA TYR A 247 -43.58 -8.46 11.13
C TYR A 247 -42.29 -9.16 10.71
N VAL A 248 -41.27 -9.17 11.59
CA VAL A 248 -39.98 -9.75 11.23
C VAL A 248 -40.05 -11.20 10.72
N ASP A 249 -40.93 -12.04 11.29
CA ASP A 249 -41.03 -13.44 10.82
C ASP A 249 -41.39 -13.55 9.34
N ASP A 250 -42.25 -12.63 8.87
CA ASP A 250 -42.60 -12.57 7.47
C ASP A 250 -41.38 -12.15 6.63
N GLY A 251 -40.66 -11.14 7.11
CA GLY A 251 -39.45 -10.68 6.42
C GLY A 251 -38.41 -11.76 6.25
N ILE A 252 -38.12 -12.43 7.36
CA ILE A 252 -37.18 -13.55 7.42
C ILE A 252 -37.55 -14.71 6.50
N SER A 253 -38.84 -15.10 6.43
CA SER A 253 -39.26 -16.19 5.54
C SER A 253 -38.93 -15.86 4.07
N ALA A 254 -39.17 -14.64 3.62
CA ALA A 254 -38.76 -14.28 2.28
C ALA A 254 -37.22 -14.35 2.11
N LEU A 255 -36.48 -13.90 3.14
CA LEU A 255 -35.02 -13.97 3.11
C LEU A 255 -34.54 -15.41 2.99
N MET A 256 -35.16 -16.30 3.75
CA MET A 256 -34.82 -17.73 3.69
C MET A 256 -34.96 -18.26 2.25
N LYS A 257 -36.04 -17.85 1.59
CA LYS A 257 -36.32 -18.36 0.24
C LYS A 257 -35.29 -17.85 -0.74
N ILE A 258 -34.85 -16.62 -0.51
CA ILE A 258 -33.82 -16.02 -1.37
C ILE A 258 -32.48 -16.77 -1.20
N ILE A 259 -32.15 -17.13 0.03
CA ILE A 259 -30.87 -17.75 0.33
C ILE A 259 -30.89 -19.18 -0.23
N GLU A 260 -32.04 -19.85 -0.05
CA GLU A 260 -32.19 -21.18 -0.59
C GLU A 260 -32.06 -21.10 -2.12
N ASN A 261 -32.75 -20.12 -2.71
CA ASN A 261 -32.68 -19.85 -4.15
C ASN A 261 -33.03 -21.08 -5.01
N SER A 262 -34.20 -21.70 -4.77
CA SER A 262 -34.58 -22.91 -5.51
C SER A 262 -34.52 -22.64 -6.99
N ASN A 263 -33.79 -23.47 -7.71
CA ASN A 263 -33.66 -23.40 -9.18
C ASN A 263 -33.15 -22.06 -9.70
N GLY A 264 -32.40 -21.35 -8.87
CA GLY A 264 -31.87 -20.03 -9.26
C GLY A 264 -32.92 -18.95 -9.46
N VAL A 265 -34.13 -19.17 -8.95
CA VAL A 265 -35.23 -18.22 -9.21
C VAL A 265 -34.94 -16.77 -8.73
N ALA A 266 -34.17 -16.62 -7.64
CA ALA A 266 -33.91 -15.27 -7.08
C ALA A 266 -32.71 -14.56 -7.72
N THR A 267 -31.97 -15.26 -8.57
CA THR A 267 -30.79 -14.67 -9.20
C THR A 267 -31.17 -13.56 -10.17
N GLY A 268 -30.58 -12.39 -9.98
CA GLY A 268 -30.86 -11.28 -10.88
C GLY A 268 -32.09 -10.47 -10.43
N LYS A 269 -32.68 -10.82 -9.31
CA LYS A 269 -33.96 -10.22 -8.95
C LYS A 269 -33.89 -9.16 -7.85
N ILE A 270 -34.97 -8.39 -7.78
CA ILE A 270 -35.13 -7.35 -6.79
C ILE A 270 -36.49 -7.53 -6.13
N TYR A 271 -36.52 -7.74 -4.83
CA TYR A 271 -37.79 -7.98 -4.15
C TYR A 271 -38.07 -6.96 -3.07
N ASN A 272 -39.23 -6.30 -3.13
CA ASN A 272 -39.78 -5.65 -1.95
C ASN A 272 -40.24 -6.76 -1.02
N ILE A 273 -39.91 -6.63 0.27
CA ILE A 273 -40.40 -7.58 1.26
C ILE A 273 -41.16 -6.76 2.27
N GLY A 274 -42.49 -6.74 2.12
CA GLY A 274 -43.34 -5.90 2.92
C GLY A 274 -44.75 -6.46 2.95
N ASN A 275 -45.54 -6.06 3.95
CA ASN A 275 -46.96 -6.45 3.97
C ASN A 275 -47.85 -5.25 3.58
N PRO A 276 -48.32 -5.20 2.32
CA PRO A 276 -49.13 -4.10 1.82
C PRO A 276 -50.47 -4.00 2.52
N ASN A 277 -50.86 -5.06 3.23
CA ASN A 277 -52.10 -5.06 3.99
C ASN A 277 -52.02 -4.45 5.38
N ASN A 278 -50.82 -4.07 5.78
CA ASN A 278 -50.59 -3.38 7.05
C ASN A 278 -50.22 -1.94 6.77
N ASN A 279 -51.06 -1.28 5.97
CA ASN A 279 -50.81 0.11 5.59
C ASN A 279 -51.50 1.10 6.51
N PHE A 280 -50.72 1.71 7.41
CA PHE A 280 -51.29 2.63 8.41
C PHE A 280 -50.52 3.93 8.47
N SER A 281 -51.20 5.00 8.88
CA SER A 281 -50.53 6.27 9.11
C SER A 281 -49.71 6.25 10.38
N VAL A 282 -48.78 7.19 10.44
CA VAL A 282 -47.93 7.38 11.58
C VAL A 282 -48.74 7.73 12.83
N ARG A 283 -49.75 8.59 12.68
CA ARG A 283 -50.72 8.84 13.75
C ARG A 283 -51.46 7.56 14.21
N GLU A 284 -51.87 6.72 13.26
CA GLU A 284 -52.56 5.46 13.58
C GLU A 284 -51.60 4.54 14.31
N LEU A 285 -50.33 4.55 13.91
CA LEU A 285 -49.32 3.75 14.60
C LEU A 285 -49.18 4.19 16.09
N ALA A 286 -49.02 5.49 16.33
CA ALA A 286 -48.93 6.05 17.69
C ALA A 286 -50.12 5.68 18.57
N ASN A 287 -51.33 5.84 18.03
CA ASN A 287 -52.56 5.52 18.74
C ASN A 287 -52.63 4.07 19.07
N LYS A 288 -52.33 3.23 18.09
CA LYS A 288 -52.35 1.78 18.29
C LYS A 288 -51.35 1.32 19.37
N MET A 289 -50.11 1.83 19.32
CA MET A 289 -49.09 1.52 20.33
C MET A 289 -49.48 2.05 21.73
N LEU A 290 -50.05 3.26 21.76
CA LEU A 290 -50.55 3.80 23.04
C LEU A 290 -51.67 2.90 23.61
N GLU A 291 -52.62 2.53 22.77
CA GLU A 291 -53.69 1.61 23.22
C GLU A 291 -53.13 0.30 23.74
N LEU A 292 -52.13 -0.24 23.01
CA LEU A 292 -51.57 -1.54 23.38
C LEU A 292 -50.80 -1.45 24.70
N ALA A 293 -49.98 -0.41 24.85
CA ALA A 293 -49.26 -0.15 26.10
C ALA A 293 -50.14 -0.22 27.37
N ALA A 294 -51.36 0.33 27.29
CA ALA A 294 -52.34 0.34 28.41
C ALA A 294 -52.82 -1.06 28.86
N GLU A 295 -52.71 -2.05 27.98
CA GLU A 295 -53.04 -3.43 28.33
C GLU A 295 -51.97 -4.08 29.21
N PHE A 296 -50.73 -3.60 29.13
CA PHE A 296 -49.62 -4.20 29.86
C PHE A 296 -49.28 -3.38 31.11
N PRO A 297 -49.25 -4.03 32.30
CA PRO A 297 -48.90 -3.31 33.53
C PRO A 297 -47.45 -2.80 33.53
N GLU A 298 -46.60 -3.47 32.76
CA GLU A 298 -45.18 -3.07 32.63
C GLU A 298 -45.02 -1.72 31.93
N TYR A 299 -45.99 -1.35 31.10
CA TYR A 299 -45.92 -0.10 30.33
C TYR A 299 -46.95 0.98 30.69
N ALA A 300 -48.08 0.58 31.29
CA ALA A 300 -49.27 1.44 31.36
C ALA A 300 -48.99 2.80 31.99
N ASP A 301 -48.27 2.79 33.11
CA ASP A 301 -47.99 3.99 33.91
C ASP A 301 -47.10 5.03 33.20
N SER A 302 -46.12 4.56 32.42
CA SER A 302 -45.33 5.46 31.57
C SER A 302 -46.19 5.95 30.42
N ALA A 303 -46.94 5.03 29.85
CA ALA A 303 -47.79 5.30 28.70
C ALA A 303 -48.85 6.37 29.01
N LYS A 304 -49.39 6.37 30.24
CA LYS A 304 -50.38 7.37 30.69
C LYS A 304 -49.88 8.80 30.54
N ARG A 305 -48.57 8.98 30.73
CA ARG A 305 -47.94 10.32 30.75
C ARG A 305 -47.70 10.89 29.35
N VAL A 306 -47.77 10.02 28.35
CA VAL A 306 -47.51 10.41 26.96
C VAL A 306 -48.55 11.38 26.38
N LYS A 307 -48.03 12.48 25.83
CA LYS A 307 -48.84 13.44 25.11
C LYS A 307 -48.54 13.28 23.60
N LEU A 308 -49.56 13.07 22.77
CA LEU A 308 -49.39 13.18 21.31
C LEU A 308 -49.28 14.63 20.94
N VAL A 309 -48.13 15.08 20.47
CA VAL A 309 -48.00 16.48 20.05
C VAL A 309 -47.92 16.59 18.52
N GLU A 310 -47.97 17.81 18.00
CA GLU A 310 -47.95 18.04 16.55
C GLU A 310 -46.84 19.01 16.16
N THR A 311 -46.18 18.76 15.03
CA THR A 311 -45.18 19.69 14.46
C THR A 311 -45.67 20.31 13.15
N GLN A 325 -46.55 10.51 0.41
CA GLN A 325 -47.60 10.37 1.43
C GLN A 325 -48.07 8.90 1.61
N ASN A 326 -48.00 8.11 0.54
CA ASN A 326 -48.42 6.69 0.53
C ASN A 326 -47.29 5.82 0.00
N ARG A 327 -46.90 4.81 0.77
CA ARG A 327 -45.68 4.03 0.48
C ARG A 327 -45.90 2.50 0.46
N VAL A 328 -46.72 2.05 -0.51
CA VAL A 328 -47.13 0.63 -0.58
C VAL A 328 -46.26 -0.23 -1.50
N PRO A 329 -45.64 -1.28 -0.94
CA PRO A 329 -44.81 -2.16 -1.77
C PRO A 329 -45.63 -3.09 -2.67
N LYS A 330 -45.26 -3.14 -3.95
CA LYS A 330 -45.69 -4.26 -4.78
C LYS A 330 -44.85 -5.48 -4.40
N ILE A 331 -45.51 -6.61 -4.19
CA ILE A 331 -44.85 -7.84 -3.74
C ILE A 331 -45.29 -9.02 -4.60
N GLU A 332 -45.85 -8.72 -5.77
CA GLU A 332 -46.26 -9.75 -6.72
C GLU A 332 -45.10 -10.72 -7.05
N ASN A 333 -43.96 -10.19 -7.51
CA ASN A 333 -42.83 -11.06 -7.83
C ASN A 333 -42.32 -11.83 -6.62
N THR A 334 -42.33 -11.14 -5.48
CA THR A 334 -41.89 -11.72 -4.23
C THR A 334 -42.72 -12.94 -3.85
N MET A 335 -44.04 -12.81 -3.91
CA MET A 335 -44.95 -13.88 -3.53
C MET A 335 -44.86 -15.08 -4.50
N GLN A 336 -44.89 -14.80 -5.79
CA GLN A 336 -44.87 -15.82 -6.85
C GLN A 336 -43.53 -16.55 -7.06
N GLU A 337 -42.43 -15.81 -7.11
CA GLU A 337 -41.12 -16.43 -7.33
C GLU A 337 -40.61 -17.18 -6.12
N LEU A 338 -41.00 -16.73 -4.92
CA LEU A 338 -40.45 -17.27 -3.68
C LEU A 338 -41.41 -18.20 -2.96
N GLY A 339 -42.64 -18.32 -3.44
CA GLY A 339 -43.66 -19.13 -2.75
C GLY A 339 -43.87 -18.56 -1.36
N TRP A 340 -44.17 -17.25 -1.27
CA TRP A 340 -44.16 -16.52 -0.01
C TRP A 340 -45.43 -15.69 0.14
N ALA A 341 -45.89 -15.53 1.38
CA ALA A 341 -47.01 -14.62 1.72
C ALA A 341 -46.87 -14.17 3.16
N PRO A 342 -47.08 -12.86 3.41
CA PRO A 342 -47.03 -12.36 4.79
C PRO A 342 -48.25 -12.85 5.57
N GLN A 343 -48.04 -13.29 6.80
CA GLN A 343 -49.06 -13.90 7.65
C GLN A 343 -49.50 -12.98 8.80
N PHE A 344 -48.67 -12.00 9.16
CA PHE A 344 -48.93 -11.23 10.40
C PHE A 344 -49.60 -9.89 10.18
N THR A 345 -50.72 -9.69 10.87
CA THR A 345 -51.44 -8.44 10.82
C THR A 345 -50.65 -7.39 11.60
N PHE A 346 -51.05 -6.12 11.46
CA PHE A 346 -50.47 -5.00 12.22
C PHE A 346 -50.61 -5.30 13.72
N ASP A 347 -51.83 -5.66 14.11
CA ASP A 347 -52.15 -6.02 15.48
C ASP A 347 -51.27 -7.11 16.05
N ASP A 348 -51.14 -8.26 15.35
CA ASP A 348 -50.23 -9.33 15.83
C ASP A 348 -48.80 -8.80 15.93
N ALA A 349 -48.37 -8.06 14.91
CA ALA A 349 -47.00 -7.59 14.89
C ALA A 349 -46.70 -6.83 16.18
N LEU A 350 -47.46 -5.77 16.44
CA LEU A 350 -47.17 -4.88 17.57
C LEU A 350 -47.32 -5.56 18.92
N ARG A 351 -48.31 -6.45 19.03
CA ARG A 351 -48.56 -7.22 20.23
C ARG A 351 -47.33 -8.07 20.57
N GLN A 352 -46.90 -8.87 19.59
CA GLN A 352 -45.66 -9.67 19.71
C GLN A 352 -44.49 -8.83 20.24
N ILE A 353 -44.42 -7.57 19.81
CA ILE A 353 -43.37 -6.67 20.24
C ILE A 353 -43.51 -6.28 21.74
N PHE A 354 -44.73 -5.94 22.13
CA PHE A 354 -44.99 -5.57 23.54
C PHE A 354 -44.79 -6.75 24.50
N GLU A 355 -45.22 -7.93 24.05
CA GLU A 355 -45.00 -9.19 24.77
C GLU A 355 -43.51 -9.41 25.03
N ALA A 356 -42.70 -9.23 23.99
CA ALA A 356 -41.28 -9.58 24.04
C ALA A 356 -40.45 -8.67 24.93
N TYR A 357 -40.84 -7.39 24.99
CA TYR A 357 -40.09 -6.44 25.81
C TYR A 357 -40.58 -6.33 27.27
N ARG A 358 -41.73 -6.94 27.61
CA ARG A 358 -42.37 -6.72 28.92
C ARG A 358 -41.44 -6.94 30.15
N GLY A 359 -40.65 -8.01 30.13
CA GLY A 359 -39.66 -8.24 31.19
C GLY A 359 -38.28 -7.67 30.89
N HIS A 360 -38.20 -6.74 29.92
CA HIS A 360 -36.90 -6.18 29.47
C HIS A 360 -37.07 -4.70 29.18
N VAL A 361 -37.68 -4.00 30.12
CA VAL A 361 -38.08 -2.62 29.91
C VAL A 361 -36.85 -1.72 29.76
N ALA A 362 -35.75 -2.09 30.44
CA ALA A 362 -34.52 -1.31 30.35
C ALA A 362 -33.99 -1.30 28.93
N ASP A 363 -34.05 -2.46 28.25
CA ASP A 363 -33.64 -2.62 26.84
C ASP A 363 -34.46 -1.69 25.94
N ALA A 364 -35.79 -1.67 26.16
CA ALA A 364 -36.71 -0.80 25.42
C ALA A 364 -36.37 0.66 25.63
N ARG A 365 -36.09 1.02 26.89
CA ARG A 365 -35.74 2.42 27.21
C ARG A 365 -34.43 2.88 26.52
N ALA A 366 -33.47 1.97 26.38
CA ALA A 366 -32.17 2.31 25.79
C ALA A 366 -32.18 2.32 24.27
N LEU A 367 -33.29 1.89 23.67
CA LEU A 367 -33.44 1.94 22.21
C LEU A 367 -33.24 3.33 21.62
N VAL A 368 -33.56 4.37 22.38
CA VAL A 368 -33.46 5.74 21.84
C VAL A 368 -32.26 6.54 22.33
N GLU A 369 -31.36 5.86 23.04
CA GLU A 369 -30.08 6.47 23.46
C GLU A 369 -28.97 6.12 22.44
N LYS B 23 -3.29 9.01 -34.33
CA LYS B 23 -3.29 8.45 -35.72
C LYS B 23 -2.06 7.56 -35.98
N ALA B 24 -0.86 8.15 -35.97
CA ALA B 24 0.39 7.43 -36.26
C ALA B 24 0.74 6.47 -35.12
N LYS B 25 1.29 5.30 -35.47
CA LYS B 25 1.68 4.28 -34.49
C LYS B 25 2.67 4.83 -33.47
N LYS B 26 2.41 4.60 -32.19
CA LYS B 26 3.32 5.00 -31.09
C LYS B 26 4.07 3.80 -30.49
N VAL B 27 5.40 3.89 -30.50
CA VAL B 27 6.25 2.82 -30.05
C VAL B 27 6.98 3.21 -28.74
N LEU B 28 6.71 2.46 -27.68
CA LEU B 28 7.31 2.72 -26.37
C LEU B 28 8.54 1.81 -26.18
N ILE B 29 9.70 2.42 -25.95
CA ILE B 29 10.92 1.68 -25.70
C ILE B 29 11.38 2.02 -24.26
N LEU B 30 11.32 1.02 -23.38
CA LEU B 30 11.78 1.22 -22.01
C LEU B 30 13.22 0.73 -21.92
N GLY B 31 14.13 1.65 -21.60
CA GLY B 31 15.54 1.39 -21.67
C GLY B 31 16.06 1.75 -23.06
N VAL B 32 15.86 3.00 -23.46
CA VAL B 32 16.09 3.42 -24.85
C VAL B 32 17.50 3.90 -25.08
N ASN B 33 18.19 4.30 -24.01
CA ASN B 33 19.52 4.90 -24.16
C ASN B 33 20.61 3.80 -24.20
N GLY B 34 20.60 3.02 -25.28
CA GLY B 34 21.53 1.94 -25.46
C GLY B 34 21.46 1.36 -26.86
N PHE B 35 22.09 0.20 -27.02
CA PHE B 35 22.27 -0.47 -28.32
C PHE B 35 20.99 -0.63 -29.14
N ILE B 36 20.03 -1.40 -28.65
CA ILE B 36 18.76 -1.56 -29.39
C ILE B 36 18.01 -0.22 -29.51
N GLY B 37 17.92 0.49 -28.40
CA GLY B 37 17.22 1.75 -28.40
C GLY B 37 17.63 2.73 -29.47
N HIS B 38 18.93 2.93 -29.62
CA HIS B 38 19.46 3.85 -30.62
C HIS B 38 19.19 3.34 -32.04
N HIS B 39 19.57 2.09 -32.32
CA HIS B 39 19.46 1.56 -33.67
C HIS B 39 18.01 1.42 -34.10
N LEU B 40 17.14 0.99 -33.18
CA LEU B 40 15.70 0.93 -33.45
C LEU B 40 15.09 2.30 -33.73
N SER B 41 15.33 3.26 -32.83
CA SER B 41 14.71 4.56 -32.97
C SER B 41 15.14 5.19 -34.31
N LYS B 42 16.44 5.18 -34.60
CA LYS B 42 16.94 5.66 -35.90
C LYS B 42 16.11 5.08 -37.07
N ARG B 43 15.98 3.76 -37.13
CA ARG B 43 15.33 3.13 -38.26
C ARG B 43 13.86 3.53 -38.30
N ILE B 44 13.24 3.66 -37.13
CA ILE B 44 11.83 4.07 -37.06
C ILE B 44 11.66 5.47 -37.65
N LEU B 45 12.50 6.39 -37.22
CA LEU B 45 12.40 7.77 -37.60
C LEU B 45 12.68 7.95 -39.08
N GLU B 46 13.58 7.11 -39.62
CA GLU B 46 13.97 7.25 -41.02
C GLU B 46 13.04 6.57 -42.02
N THR B 47 12.35 5.51 -41.61
CA THR B 47 11.64 4.67 -42.57
C THR B 47 10.14 4.49 -42.32
N THR B 48 9.62 5.20 -41.31
CA THR B 48 8.20 5.18 -41.01
C THR B 48 7.73 6.56 -40.57
N ASP B 49 6.43 6.69 -40.35
CA ASP B 49 5.85 7.86 -39.73
C ASP B 49 5.47 7.61 -38.27
N TRP B 50 6.05 6.56 -37.67
CA TRP B 50 5.71 6.23 -36.29
C TRP B 50 6.35 7.20 -35.29
N GLU B 51 5.77 7.27 -34.10
CA GLU B 51 6.39 8.06 -33.01
C GLU B 51 7.09 7.17 -31.99
N VAL B 52 8.26 7.62 -31.56
CA VAL B 52 9.00 6.90 -30.57
C VAL B 52 8.90 7.58 -29.21
N PHE B 53 8.52 6.79 -28.20
CA PHE B 53 8.61 7.21 -26.83
C PHE B 53 9.63 6.35 -26.11
N GLY B 54 10.74 6.99 -25.75
CA GLY B 54 11.84 6.27 -25.18
C GLY B 54 12.14 6.77 -23.79
N MET B 55 12.20 5.83 -22.84
CA MET B 55 12.54 6.12 -21.45
C MET B 55 13.93 5.67 -21.05
N ASP B 56 14.62 6.53 -20.35
CA ASP B 56 15.86 6.11 -19.70
C ASP B 56 16.33 7.18 -18.72
N MET B 57 17.46 6.95 -18.08
CA MET B 57 18.01 7.91 -17.14
C MET B 57 18.83 9.02 -17.83
N GLN B 58 19.43 8.70 -18.98
CA GLN B 58 20.29 9.64 -19.74
C GLN B 58 20.07 9.56 -21.25
N THR B 59 20.74 10.41 -22.01
CA THR B 59 20.56 10.41 -23.47
C THR B 59 21.89 10.29 -24.20
N ASP B 60 22.96 9.95 -23.48
CA ASP B 60 24.30 9.96 -24.08
C ASP B 60 24.58 8.93 -25.17
N ARG B 61 23.75 7.89 -25.26
CA ARG B 61 23.86 6.89 -26.34
C ARG B 61 22.87 7.17 -27.45
N LEU B 62 22.17 8.32 -27.37
CA LEU B 62 21.14 8.58 -28.37
C LEU B 62 21.60 9.45 -29.52
N GLY B 63 22.84 9.95 -29.44
CA GLY B 63 23.36 10.90 -30.43
C GLY B 63 22.37 12.03 -30.70
N ASP B 64 22.11 12.32 -31.97
CA ASP B 64 21.23 13.43 -32.31
C ASP B 64 19.75 13.10 -32.53
N LEU B 65 19.40 11.84 -32.27
CA LEU B 65 18.04 11.35 -32.41
C LEU B 65 17.00 12.14 -31.63
N VAL B 66 17.37 12.66 -30.45
CA VAL B 66 16.46 13.46 -29.64
C VAL B 66 15.93 14.72 -30.35
N LYS B 67 16.71 15.25 -31.29
CA LYS B 67 16.33 16.44 -32.05
C LYS B 67 15.05 16.19 -32.87
N HIS B 68 14.88 14.97 -33.36
CA HIS B 68 13.80 14.63 -34.27
C HIS B 68 12.45 14.85 -33.59
N GLU B 69 11.54 15.47 -34.32
CA GLU B 69 10.25 15.84 -33.75
C GLU B 69 9.38 14.63 -33.38
N ARG B 70 9.66 13.48 -34.02
CA ARG B 70 8.96 12.22 -33.69
C ARG B 70 9.71 11.37 -32.65
N MET B 71 10.75 11.93 -32.04
CA MET B 71 11.48 11.29 -30.98
C MET B 71 11.15 12.02 -29.69
N HIS B 72 10.60 11.25 -28.76
CA HIS B 72 10.17 11.76 -27.47
C HIS B 72 10.89 11.00 -26.35
N PHE B 73 12.04 11.53 -25.92
CA PHE B 73 12.74 11.03 -24.74
C PHE B 73 12.04 11.51 -23.50
N PHE B 74 11.89 10.62 -22.52
CA PHE B 74 11.47 11.04 -21.19
C PHE B 74 12.24 10.23 -20.15
N GLU B 75 12.29 10.78 -18.95
CA GLU B 75 13.07 10.22 -17.85
C GLU B 75 12.27 9.27 -16.99
N GLY B 76 12.95 8.29 -16.41
CA GLY B 76 12.30 7.32 -15.53
C GLY B 76 13.04 6.00 -15.36
N ASP B 77 12.63 5.23 -14.36
CA ASP B 77 13.25 3.93 -14.05
C ASP B 77 12.07 2.98 -13.80
N ILE B 78 12.05 1.79 -14.42
CA ILE B 78 10.88 0.90 -14.27
C ILE B 78 10.63 0.42 -12.84
N THR B 79 11.66 0.51 -11.99
CA THR B 79 11.54 0.08 -10.61
C THR B 79 10.99 1.20 -9.70
N ILE B 80 10.87 2.40 -10.22
CA ILE B 80 10.50 3.54 -9.39
C ILE B 80 9.28 4.26 -9.96
N ASN B 81 9.34 4.65 -11.24
CA ASN B 81 8.32 5.52 -11.84
C ASN B 81 7.12 4.73 -12.35
N LYS B 82 6.48 4.03 -11.43
CA LYS B 82 5.43 3.12 -11.83
C LYS B 82 4.30 3.81 -12.61
N GLU B 83 3.87 4.99 -12.13
CA GLU B 83 2.76 5.73 -12.71
C GLU B 83 3.10 6.24 -14.10
N TRP B 84 4.29 6.79 -14.24
CA TRP B 84 4.74 7.35 -15.51
C TRP B 84 4.93 6.23 -16.56
N VAL B 85 5.31 5.04 -16.11
CA VAL B 85 5.48 3.92 -17.03
C VAL B 85 4.11 3.42 -17.49
N GLU B 86 3.24 3.14 -16.51
CA GLU B 86 1.92 2.70 -16.83
C GLU B 86 1.19 3.66 -17.78
N TYR B 87 1.29 4.98 -17.53
CA TYR B 87 0.72 6.00 -18.41
C TYR B 87 1.19 5.86 -19.87
N HIS B 88 2.49 5.74 -20.08
CA HIS B 88 3.04 5.51 -21.40
C HIS B 88 2.62 4.18 -22.02
N VAL B 89 2.43 3.15 -21.21
CA VAL B 89 1.87 1.89 -21.74
C VAL B 89 0.44 2.09 -22.27
N LYS B 90 -0.38 2.85 -21.55
CA LYS B 90 -1.72 3.14 -22.00
C LYS B 90 -1.68 4.00 -23.27
N LYS B 91 -0.77 4.98 -23.28
CA LYS B 91 -0.63 5.89 -24.42
C LYS B 91 -0.15 5.22 -25.72
N CYS B 92 0.82 4.31 -25.60
CA CYS B 92 1.52 3.81 -26.78
C CYS B 92 0.88 2.58 -27.40
N ASP B 93 1.32 2.16 -28.58
CA ASP B 93 0.68 1.04 -29.24
C ASP B 93 1.45 -0.26 -29.10
N VAL B 94 2.76 -0.14 -29.14
CA VAL B 94 3.65 -1.26 -29.08
C VAL B 94 4.64 -1.00 -27.94
N ILE B 95 4.89 -2.04 -27.14
CA ILE B 95 5.58 -1.91 -25.85
C ILE B 95 6.83 -2.80 -25.90
N LEU B 96 8.02 -2.19 -25.82
CA LEU B 96 9.29 -2.91 -25.78
C LEU B 96 10.01 -2.73 -24.45
N PRO B 97 9.93 -3.71 -23.54
CA PRO B 97 10.64 -3.51 -22.25
C PRO B 97 12.05 -4.12 -22.31
N LEU B 98 13.08 -3.29 -22.49
CA LEU B 98 14.45 -3.79 -22.71
C LEU B 98 15.33 -3.84 -21.46
N VAL B 99 14.80 -3.37 -20.33
CA VAL B 99 15.57 -3.29 -19.06
C VAL B 99 15.73 -4.69 -18.44
N ALA B 100 16.98 -5.08 -18.21
CA ALA B 100 17.25 -6.40 -17.63
C ALA B 100 18.74 -6.44 -17.38
N ILE B 101 19.15 -7.09 -16.30
CA ILE B 101 20.56 -7.50 -16.14
C ILE B 101 20.79 -8.66 -17.12
N ALA B 102 21.74 -8.47 -18.02
CA ALA B 102 22.12 -9.48 -19.01
C ALA B 102 23.66 -9.65 -19.08
N THR B 103 24.29 -9.64 -17.90
CA THR B 103 25.74 -9.76 -17.71
C THR B 103 25.98 -11.12 -17.03
N PRO B 104 26.65 -12.05 -17.71
CA PRO B 104 26.83 -13.40 -17.14
C PRO B 104 27.40 -13.49 -15.70
N ALA B 105 28.37 -12.68 -15.31
CA ALA B 105 29.00 -12.80 -13.99
C ALA B 105 28.03 -12.42 -12.88
N THR B 106 27.16 -11.46 -13.18
CA THR B 106 26.15 -11.03 -12.21
C THR B 106 25.15 -12.15 -11.94
N TYR B 107 24.85 -12.99 -12.95
CA TYR B 107 23.96 -14.15 -12.72
C TYR B 107 24.51 -14.99 -11.56
N VAL B 108 25.84 -15.19 -11.61
CA VAL B 108 26.52 -16.05 -10.65
C VAL B 108 26.59 -15.33 -9.31
N LYS B 109 26.99 -14.06 -9.32
CA LYS B 109 27.31 -13.35 -8.07
C LYS B 109 26.05 -12.83 -7.35
N GLN B 110 25.06 -12.38 -8.12
CA GLN B 110 23.86 -11.77 -7.56
C GLN B 110 22.60 -12.28 -8.24
N PRO B 111 22.35 -13.59 -8.14
CA PRO B 111 21.21 -14.11 -8.88
C PRO B 111 19.89 -13.40 -8.46
N LEU B 112 19.74 -13.03 -7.18
CA LEU B 112 18.50 -12.34 -6.78
C LEU B 112 18.24 -11.04 -7.53
N ARG B 113 19.28 -10.24 -7.76
CA ARG B 113 19.15 -9.02 -8.55
C ARG B 113 18.65 -9.30 -9.98
N VAL B 114 19.11 -10.39 -10.57
CA VAL B 114 18.71 -10.79 -11.91
C VAL B 114 17.23 -11.15 -11.94
N PHE B 115 16.80 -12.01 -11.01
CA PHE B 115 15.37 -12.29 -10.86
C PHE B 115 14.50 -11.03 -10.61
N GLU B 116 14.91 -10.20 -9.66
CA GLU B 116 14.14 -9.01 -9.31
C GLU B 116 13.93 -8.08 -10.47
N LEU B 117 14.98 -7.84 -11.26
CA LEU B 117 14.83 -6.87 -12.36
C LEU B 117 14.19 -7.53 -13.60
N ASP B 118 14.72 -8.69 -13.97
CA ASP B 118 14.43 -9.30 -15.27
C ASP B 118 13.02 -9.85 -15.28
N PHE B 119 12.63 -10.41 -14.15
CA PHE B 119 11.28 -10.98 -14.06
C PHE B 119 10.35 -10.06 -13.29
N GLU B 120 10.56 -9.91 -11.98
CA GLU B 120 9.60 -9.21 -11.08
C GLU B 120 9.29 -7.77 -11.49
N ALA B 121 10.30 -7.02 -11.88
CA ALA B 121 10.07 -5.60 -12.21
C ALA B 121 9.45 -5.39 -13.62
N ASN B 122 9.56 -6.41 -14.48
CA ASN B 122 8.99 -6.35 -15.83
C ASN B 122 7.55 -6.88 -15.87
N LEU B 123 7.19 -7.73 -14.91
CA LEU B 123 5.85 -8.30 -14.88
C LEU B 123 4.70 -7.24 -14.85
N PRO B 124 4.87 -6.11 -14.10
CA PRO B 124 3.79 -5.11 -14.14
C PRO B 124 3.66 -4.49 -15.51
N ILE B 125 4.76 -4.38 -16.23
CA ILE B 125 4.73 -3.78 -17.58
C ILE B 125 3.94 -4.66 -18.54
N VAL B 126 4.24 -5.95 -18.54
CA VAL B 126 3.43 -6.98 -19.18
C VAL B 126 1.97 -6.85 -18.78
N ARG B 127 1.69 -6.76 -17.50
CA ARG B 127 0.29 -6.68 -17.06
C ARG B 127 -0.48 -5.42 -17.56
N SER B 128 0.21 -4.29 -17.71
CA SER B 128 -0.39 -3.07 -18.24
C SER B 128 -0.68 -3.24 -19.73
N ALA B 129 0.21 -3.94 -20.45
CA ALA B 129 0.05 -4.24 -21.87
C ALA B 129 -1.20 -5.10 -22.08
N VAL B 130 -1.35 -6.11 -21.24
CA VAL B 130 -2.61 -6.85 -21.16
C VAL B 130 -3.82 -5.94 -20.90
N LYS B 131 -3.76 -5.14 -19.84
CA LYS B 131 -4.93 -4.34 -19.45
C LYS B 131 -5.38 -3.37 -20.55
N TYR B 132 -4.42 -2.72 -21.18
CA TYR B 132 -4.75 -1.70 -22.16
C TYR B 132 -4.77 -2.20 -23.61
N GLY B 133 -4.61 -3.50 -23.81
CA GLY B 133 -4.78 -4.07 -25.17
C GLY B 133 -3.67 -3.74 -26.15
N LYS B 134 -2.43 -3.69 -25.66
CA LYS B 134 -1.32 -3.24 -26.47
C LYS B 134 -0.60 -4.43 -27.09
N HIS B 135 0.30 -4.15 -28.02
CA HIS B 135 1.20 -5.14 -28.58
C HIS B 135 2.48 -5.15 -27.77
N LEU B 136 2.64 -6.23 -26.99
CA LEU B 136 3.85 -6.49 -26.26
C LEU B 136 4.93 -7.18 -27.12
N VAL B 137 6.03 -6.48 -27.36
CA VAL B 137 7.14 -7.02 -28.14
C VAL B 137 8.34 -7.20 -27.20
N PHE B 138 8.53 -8.44 -26.76
CA PHE B 138 9.35 -8.70 -25.59
C PHE B 138 10.69 -9.36 -25.88
N PRO B 139 11.79 -8.84 -25.30
CA PRO B 139 13.06 -9.52 -25.56
C PRO B 139 13.25 -10.73 -24.68
N SER B 140 12.97 -11.90 -25.24
CA SER B 140 13.37 -13.16 -24.64
C SER B 140 14.87 -13.27 -24.92
N THR B 141 15.44 -14.46 -24.80
CA THR B 141 16.91 -14.60 -24.94
C THR B 141 17.26 -15.88 -25.63
N SER B 142 18.36 -15.85 -26.38
CA SER B 142 18.98 -17.04 -26.96
C SER B 142 19.37 -18.02 -25.86
N GLU B 143 19.60 -17.52 -24.64
CA GLU B 143 19.98 -18.39 -23.55
C GLU B 143 18.84 -19.30 -23.09
N VAL B 144 17.61 -19.02 -23.50
CA VAL B 144 16.48 -19.80 -23.04
C VAL B 144 16.56 -21.30 -23.45
N TYR B 145 17.31 -21.61 -24.51
CA TYR B 145 17.46 -23.00 -24.96
C TYR B 145 18.44 -23.76 -24.09
N GLY B 146 19.31 -23.02 -23.41
CA GLY B 146 20.27 -23.63 -22.51
C GLY B 146 21.19 -24.60 -23.25
N MET B 147 21.38 -25.76 -22.67
CA MET B 147 22.26 -26.76 -23.25
C MET B 147 21.50 -27.64 -24.25
N CYS B 148 20.62 -27.03 -25.05
CA CYS B 148 19.86 -27.78 -26.06
C CYS B 148 20.83 -28.52 -26.99
N ALA B 149 20.54 -29.77 -27.30
CA ALA B 149 21.46 -30.52 -28.16
C ALA B 149 21.08 -30.44 -29.65
N ASP B 150 20.01 -29.71 -29.98
CA ASP B 150 19.47 -29.69 -31.35
C ASP B 150 20.43 -29.00 -32.29
N GLU B 151 20.51 -29.45 -33.55
CA GLU B 151 21.40 -28.76 -34.49
C GLU B 151 20.93 -27.31 -34.76
N GLN B 152 19.61 -27.10 -34.74
CA GLN B 152 19.02 -25.76 -34.86
C GLN B 152 18.09 -25.58 -33.68
N PHE B 153 18.22 -24.46 -32.96
CA PHE B 153 17.31 -24.12 -31.86
C PHE B 153 15.99 -23.67 -32.43
N ASP B 154 14.95 -24.46 -32.28
CA ASP B 154 13.67 -24.19 -32.91
C ASP B 154 12.70 -23.65 -31.83
N PRO B 155 12.21 -22.41 -32.00
CA PRO B 155 11.38 -21.75 -30.96
C PRO B 155 10.04 -22.45 -30.71
N ASP B 156 9.59 -23.22 -31.70
CA ASP B 156 8.31 -23.92 -31.63
C ASP B 156 8.45 -25.39 -31.18
N ALA B 157 9.69 -25.90 -31.04
CA ALA B 157 9.91 -27.35 -30.84
C ALA B 157 11.07 -27.76 -29.90
N SER B 158 12.17 -27.02 -29.87
CA SER B 158 13.36 -27.40 -29.07
C SER B 158 13.07 -27.41 -27.57
N ALA B 159 13.57 -28.46 -26.91
CA ALA B 159 13.59 -28.59 -25.47
C ALA B 159 14.56 -27.61 -24.86
N LEU B 160 14.28 -27.24 -23.60
CA LEU B 160 15.02 -26.20 -22.89
C LEU B 160 15.67 -26.82 -21.65
N THR B 161 17.01 -26.76 -21.63
CA THR B 161 17.86 -27.50 -20.69
C THR B 161 18.79 -26.61 -19.87
N TYR B 162 18.59 -26.59 -18.56
CA TYR B 162 19.46 -25.85 -17.63
C TYR B 162 20.14 -26.84 -16.67
N GLY B 163 21.20 -26.39 -16.00
CA GLY B 163 21.87 -27.15 -14.94
C GLY B 163 21.11 -27.10 -13.61
N PRO B 164 21.71 -27.64 -12.55
CA PRO B 164 20.97 -27.83 -11.30
C PRO B 164 20.81 -26.52 -10.58
N ILE B 165 20.08 -26.56 -9.47
CA ILE B 165 19.87 -25.35 -8.67
C ILE B 165 21.18 -24.74 -8.11
N ASN B 166 22.19 -25.57 -7.83
CA ASN B 166 23.48 -25.07 -7.29
C ASN B 166 24.36 -24.39 -8.34
N LYS B 167 23.82 -24.21 -9.54
CA LYS B 167 24.51 -23.47 -10.59
C LYS B 167 23.66 -22.24 -10.84
N PRO B 168 23.83 -21.21 -9.99
CA PRO B 168 22.95 -20.01 -9.99
C PRO B 168 22.96 -19.21 -11.29
N ARG B 169 23.93 -19.46 -12.17
CA ARG B 169 23.95 -18.72 -13.43
C ARG B 169 22.67 -18.94 -14.23
N TRP B 170 22.00 -20.08 -13.98
CA TRP B 170 20.82 -20.41 -14.77
C TRP B 170 19.57 -19.64 -14.33
N ILE B 171 19.67 -18.79 -13.31
CA ILE B 171 18.50 -18.02 -12.87
C ILE B 171 18.12 -17.03 -13.98
N TYR B 172 19.09 -16.56 -14.75
CA TYR B 172 18.79 -15.71 -15.90
C TYR B 172 17.86 -16.42 -16.90
N ALA B 173 18.32 -17.55 -17.45
CA ALA B 173 17.54 -18.28 -18.43
C ALA B 173 16.22 -18.78 -17.79
N CYS B 174 16.28 -19.20 -16.53
CA CYS B 174 15.04 -19.62 -15.89
C CYS B 174 14.03 -18.45 -15.74
N SER B 175 14.51 -17.27 -15.32
CA SER B 175 13.63 -16.10 -15.14
C SER B 175 13.01 -15.72 -16.49
N LYS B 176 13.86 -15.69 -17.53
CA LYS B 176 13.45 -15.34 -18.88
C LYS B 176 12.46 -16.37 -19.44
N GLN B 177 12.72 -17.66 -19.19
CA GLN B 177 11.78 -18.72 -19.57
C GLN B 177 10.42 -18.51 -18.95
N LEU B 178 10.39 -18.33 -17.62
CA LEU B 178 9.12 -18.12 -16.93
C LEU B 178 8.38 -16.91 -17.46
N MET B 179 9.10 -15.81 -17.69
CA MET B 179 8.44 -14.63 -18.27
C MET B 179 7.79 -15.03 -19.61
N ASP B 180 8.48 -15.80 -20.45
CA ASP B 180 7.95 -16.16 -21.79
C ASP B 180 6.64 -16.96 -21.62
N ARG B 181 6.61 -17.84 -20.63
CA ARG B 181 5.44 -18.68 -20.38
C ARG B 181 4.30 -17.89 -19.77
N VAL B 182 4.62 -16.91 -18.90
CA VAL B 182 3.58 -16.02 -18.38
C VAL B 182 2.92 -15.19 -19.53
N ILE B 183 3.76 -14.59 -20.38
CA ILE B 183 3.29 -13.89 -21.59
C ILE B 183 2.46 -14.84 -22.48
N TRP B 184 2.90 -16.10 -22.64
CA TRP B 184 2.17 -17.06 -23.45
C TRP B 184 0.80 -17.35 -22.80
N GLY B 185 0.79 -17.53 -21.49
CA GLY B 185 -0.49 -17.58 -20.76
C GLY B 185 -1.44 -16.40 -20.99
N TYR B 186 -0.91 -15.18 -20.98
CA TYR B 186 -1.76 -14.04 -21.24
C TYR B 186 -2.19 -14.06 -22.71
N GLY B 187 -1.33 -14.60 -23.61
CA GLY B 187 -1.65 -14.73 -25.04
C GLY B 187 -2.86 -15.62 -25.23
N MET B 188 -2.91 -16.71 -24.48
CA MET B 188 -4.07 -17.58 -24.46
C MET B 188 -5.38 -16.86 -24.07
N GLU B 189 -5.24 -15.70 -23.43
CA GLU B 189 -6.40 -14.93 -22.94
C GLU B 189 -6.67 -13.72 -23.78
N GLY B 190 -5.84 -13.51 -24.81
CA GLY B 190 -6.10 -12.43 -25.75
C GLY B 190 -4.93 -11.47 -25.93
N LEU B 191 -3.86 -11.60 -25.13
CA LEU B 191 -2.76 -10.68 -25.25
C LEU B 191 -2.10 -10.79 -26.63
N ASN B 192 -1.88 -9.65 -27.25
CA ASN B 192 -1.16 -9.52 -28.50
C ASN B 192 0.32 -9.34 -28.16
N PHE B 193 1.09 -10.42 -28.34
CA PHE B 193 2.51 -10.41 -27.98
C PHE B 193 3.34 -10.98 -29.11
N THR B 194 4.60 -10.56 -29.14
CA THR B 194 5.63 -11.22 -29.90
C THR B 194 6.88 -11.33 -29.02
N LEU B 195 7.47 -12.52 -29.00
CA LEU B 195 8.71 -12.72 -28.27
C LEU B 195 9.80 -12.76 -29.34
N PHE B 196 10.90 -12.05 -29.09
CA PHE B 196 12.04 -12.15 -29.97
C PHE B 196 13.30 -12.57 -29.19
N ARG B 197 14.13 -13.40 -29.83
CA ARG B 197 15.37 -13.87 -29.22
C ARG B 197 16.60 -13.50 -30.08
N PRO B 198 17.31 -12.43 -29.70
CA PRO B 198 18.49 -12.03 -30.45
C PRO B 198 19.64 -12.97 -30.20
N PHE B 199 20.29 -13.41 -31.27
CA PHE B 199 21.48 -14.22 -31.14
C PHE B 199 22.68 -13.34 -31.44
N ASN B 200 23.41 -12.95 -30.38
CA ASN B 200 24.64 -12.15 -30.48
C ASN B 200 24.60 -11.01 -31.48
N TRP B 201 23.64 -10.11 -31.29
CA TRP B 201 23.58 -8.90 -32.10
C TRP B 201 24.81 -8.08 -31.83
N ILE B 202 25.45 -7.57 -32.87
CA ILE B 202 26.65 -6.77 -32.71
C ILE B 202 26.65 -5.58 -33.66
N GLY B 203 27.31 -4.51 -33.26
CA GLY B 203 27.43 -3.34 -34.12
C GLY B 203 27.93 -2.16 -33.32
N PRO B 204 27.92 -0.95 -33.92
CA PRO B 204 28.38 0.24 -33.24
C PRO B 204 27.49 0.46 -32.00
N GLY B 205 28.01 1.10 -30.95
CA GLY B 205 27.16 1.48 -29.84
C GLY B 205 26.81 0.30 -28.96
N LEU B 206 27.72 -0.65 -28.84
CA LEU B 206 27.54 -1.78 -27.95
C LEU B 206 27.25 -1.27 -26.54
N ASP B 207 26.34 -1.94 -25.84
CA ASP B 207 26.12 -1.62 -24.42
C ASP B 207 27.35 -2.04 -23.61
N SER B 208 27.76 -1.19 -22.69
CA SER B 208 28.78 -1.55 -21.74
C SER B 208 28.32 -2.81 -21.00
N ILE B 209 29.29 -3.59 -20.58
CA ILE B 209 29.05 -4.88 -19.97
C ILE B 209 28.15 -4.88 -18.72
N TYR B 210 28.23 -3.85 -17.91
CA TYR B 210 27.39 -3.78 -16.71
C TYR B 210 26.14 -2.90 -16.93
N THR B 211 25.81 -2.62 -18.18
CA THR B 211 24.55 -1.93 -18.47
C THR B 211 23.41 -2.94 -18.39
N PRO B 212 22.36 -2.63 -17.60
CA PRO B 212 21.21 -3.50 -17.49
C PRO B 212 20.21 -3.30 -18.65
N LYS B 213 20.61 -3.70 -19.86
CA LYS B 213 19.68 -3.70 -21.01
C LYS B 213 19.92 -4.94 -21.83
N GLU B 214 18.83 -5.53 -22.34
CA GLU B 214 18.96 -6.54 -23.38
C GLU B 214 19.44 -5.82 -24.64
N GLY B 215 20.22 -6.51 -25.48
CA GLY B 215 20.72 -5.90 -26.69
C GLY B 215 21.93 -6.56 -27.33
N SER B 216 23.13 -6.17 -26.89
CA SER B 216 24.36 -6.58 -27.57
C SER B 216 25.08 -7.77 -26.93
N SER B 217 25.93 -8.42 -27.74
CA SER B 217 26.64 -9.60 -27.35
C SER B 217 27.76 -9.25 -26.40
N ARG B 218 27.70 -9.80 -25.18
CA ARG B 218 28.63 -9.41 -24.12
C ARG B 218 30.04 -9.91 -24.43
N VAL B 219 30.15 -11.15 -24.93
CA VAL B 219 31.46 -11.69 -25.26
C VAL B 219 32.23 -10.85 -26.29
N VAL B 220 31.54 -10.36 -27.31
CA VAL B 220 32.19 -9.53 -28.33
C VAL B 220 32.59 -8.20 -27.73
N THR B 221 31.71 -7.64 -26.92
CA THR B 221 31.94 -6.39 -26.21
C THR B 221 33.13 -6.49 -25.27
N GLN B 222 33.17 -7.57 -24.48
CA GLN B 222 34.31 -7.83 -23.60
C GLN B 222 35.62 -8.03 -24.40
N PHE B 223 35.56 -8.74 -25.52
CA PHE B 223 36.79 -8.92 -26.30
C PHE B 223 37.28 -7.58 -26.85
N LEU B 224 36.36 -6.77 -27.38
CA LEU B 224 36.76 -5.47 -27.92
C LEU B 224 37.38 -4.60 -26.83
N GLY B 225 36.80 -4.64 -25.64
CA GLY B 225 37.30 -3.89 -24.48
C GLY B 225 38.72 -4.27 -24.10
N HIS B 226 38.99 -5.57 -23.98
CA HIS B 226 40.32 -5.99 -23.63
C HIS B 226 41.30 -5.61 -24.74
N ILE B 227 40.88 -5.76 -25.99
CA ILE B 227 41.78 -5.51 -27.11
C ILE B 227 42.27 -4.08 -27.07
N VAL B 228 41.35 -3.12 -26.99
CA VAL B 228 41.74 -1.73 -26.94
C VAL B 228 42.47 -1.35 -25.64
N ARG B 229 42.29 -2.14 -24.57
CA ARG B 229 42.98 -1.85 -23.30
C ARG B 229 44.32 -2.57 -23.14
N GLY B 230 44.77 -3.27 -24.19
CA GLY B 230 45.94 -4.11 -24.17
C GLY B 230 45.91 -5.16 -23.09
N GLU B 231 44.73 -5.74 -22.85
CA GLU B 231 44.54 -6.68 -21.75
C GLU B 231 44.36 -8.11 -22.26
N ASN B 232 44.68 -9.09 -21.43
CA ASN B 232 44.52 -10.49 -21.83
C ASN B 232 43.06 -10.88 -22.02
N ILE B 233 42.84 -11.84 -22.93
CA ILE B 233 41.52 -12.41 -23.15
C ILE B 233 41.47 -13.83 -22.61
N SER B 234 40.44 -14.09 -21.80
CA SER B 234 40.18 -15.39 -21.17
C SER B 234 39.28 -16.31 -22.01
N LEU B 235 39.75 -17.52 -22.31
CA LEU B 235 38.92 -18.50 -23.04
C LEU B 235 38.54 -19.69 -22.14
N VAL B 236 37.33 -19.67 -21.59
CA VAL B 236 36.82 -20.82 -20.82
C VAL B 236 36.82 -22.12 -21.66
N ASP B 237 37.28 -23.21 -21.04
CA ASP B 237 37.37 -24.54 -21.70
C ASP B 237 37.88 -24.48 -23.14
N GLY B 238 38.98 -23.76 -23.34
CA GLY B 238 39.62 -23.64 -24.66
C GLY B 238 38.87 -22.77 -25.65
N GLY B 239 37.66 -22.35 -25.30
CA GLY B 239 36.87 -21.47 -26.18
C GLY B 239 36.31 -22.15 -27.42
N SER B 240 36.06 -23.45 -27.29
CA SER B 240 35.51 -24.29 -28.37
C SER B 240 33.97 -24.19 -28.51
N GLN B 241 33.32 -23.50 -27.58
CA GLN B 241 31.89 -23.22 -27.69
C GLN B 241 31.61 -22.39 -28.95
N LYS B 242 30.74 -22.89 -29.83
CA LYS B 242 30.34 -22.17 -31.04
C LYS B 242 29.07 -21.31 -30.83
N ARG B 243 28.97 -20.22 -31.61
CA ARG B 243 27.83 -19.29 -31.51
C ARG B 243 27.54 -18.64 -32.85
N ALA B 244 26.32 -18.14 -33.02
CA ALA B 244 25.89 -17.42 -34.22
C ALA B 244 25.89 -15.91 -33.97
N PHE B 245 26.52 -15.15 -34.87
CA PHE B 245 26.70 -13.72 -34.65
C PHE B 245 25.92 -12.93 -35.67
N THR B 246 25.25 -11.86 -35.21
CA THR B 246 24.29 -11.17 -36.03
C THR B 246 24.51 -9.67 -36.04
N TYR B 247 24.74 -9.10 -37.22
CA TYR B 247 24.92 -7.67 -37.34
C TYR B 247 23.63 -6.96 -36.96
N VAL B 248 23.76 -5.83 -36.27
CA VAL B 248 22.59 -5.12 -35.74
C VAL B 248 21.56 -4.75 -36.82
N ASP B 249 21.97 -4.34 -38.02
CA ASP B 249 20.98 -3.90 -39.02
C ASP B 249 20.06 -5.06 -39.37
N ASP B 250 20.59 -6.29 -39.40
CA ASP B 250 19.76 -7.49 -39.64
C ASP B 250 18.74 -7.72 -38.54
N GLY B 251 19.16 -7.51 -37.30
CA GLY B 251 18.28 -7.61 -36.14
C GLY B 251 17.11 -6.65 -36.16
N ILE B 252 17.43 -5.39 -36.40
CA ILE B 252 16.47 -4.31 -36.45
C ILE B 252 15.47 -4.53 -37.58
N SER B 253 15.96 -4.91 -38.76
CA SER B 253 15.06 -5.19 -39.88
C SER B 253 13.95 -6.16 -39.47
N ALA B 254 14.31 -7.26 -38.78
CA ALA B 254 13.31 -8.17 -38.25
C ALA B 254 12.38 -7.52 -37.22
N LEU B 255 12.92 -6.67 -36.36
CA LEU B 255 12.10 -6.02 -35.34
C LEU B 255 11.07 -5.09 -35.95
N MET B 256 11.47 -4.39 -37.02
CA MET B 256 10.56 -3.49 -37.73
C MET B 256 9.33 -4.22 -38.26
N LYS B 257 9.56 -5.39 -38.85
CA LYS B 257 8.47 -6.23 -39.37
C LYS B 257 7.55 -6.67 -38.22
N ILE B 258 8.14 -7.06 -37.11
CA ILE B 258 7.35 -7.42 -35.93
C ILE B 258 6.47 -6.26 -35.48
N ILE B 259 7.07 -5.09 -35.37
CA ILE B 259 6.33 -3.91 -34.89
C ILE B 259 5.27 -3.45 -35.91
N GLU B 260 5.57 -3.54 -37.21
CA GLU B 260 4.57 -3.20 -38.22
C GLU B 260 3.42 -4.20 -38.07
N ASN B 261 3.80 -5.46 -37.83
CA ASN B 261 2.85 -6.53 -37.61
C ASN B 261 1.72 -6.59 -38.65
N SER B 262 2.09 -6.60 -39.94
CA SER B 262 1.09 -6.59 -41.01
C SER B 262 0.02 -7.70 -40.83
N ASN B 263 -1.25 -7.29 -40.77
CA ASN B 263 -2.39 -8.19 -40.51
C ASN B 263 -2.15 -9.18 -39.33
N GLY B 264 -1.38 -8.77 -38.34
CA GLY B 264 -1.17 -9.60 -37.16
C GLY B 264 -0.32 -10.84 -37.36
N VAL B 265 0.50 -10.90 -38.42
CA VAL B 265 1.37 -12.06 -38.68
C VAL B 265 2.27 -12.43 -37.49
N ALA B 266 2.76 -11.46 -36.73
CA ALA B 266 3.69 -11.73 -35.62
C ALA B 266 3.00 -11.95 -34.26
N THR B 267 1.68 -11.79 -34.24
CA THR B 267 0.88 -11.99 -33.04
C THR B 267 0.91 -13.47 -32.59
N GLY B 268 1.33 -13.67 -31.34
CA GLY B 268 1.41 -14.98 -30.72
C GLY B 268 2.68 -15.70 -31.11
N LYS B 269 3.63 -15.02 -31.76
CA LYS B 269 4.77 -15.72 -32.38
C LYS B 269 6.05 -15.62 -31.55
N ILE B 270 6.93 -16.59 -31.71
CA ILE B 270 8.28 -16.56 -31.09
C ILE B 270 9.36 -16.61 -32.19
N TYR B 271 10.18 -15.56 -32.30
CA TYR B 271 11.19 -15.47 -33.37
C TYR B 271 12.63 -15.42 -32.85
N ASN B 272 13.47 -16.38 -33.26
CA ASN B 272 14.91 -16.16 -33.16
C ASN B 272 15.29 -15.17 -34.25
N ILE B 273 16.14 -14.20 -33.90
CA ILE B 273 16.63 -13.26 -34.90
C ILE B 273 18.13 -13.37 -34.84
N GLY B 274 18.66 -14.26 -35.67
CA GLY B 274 20.10 -14.44 -35.78
C GLY B 274 20.50 -14.84 -37.19
N ASN B 275 21.80 -14.73 -37.47
CA ASN B 275 22.39 -15.22 -38.72
C ASN B 275 23.12 -16.55 -38.46
N PRO B 276 22.46 -17.69 -38.78
CA PRO B 276 23.07 -19.00 -38.55
C PRO B 276 24.29 -19.26 -39.45
N ASN B 277 24.47 -18.46 -40.50
CA ASN B 277 25.67 -18.59 -41.35
C ASN B 277 26.91 -17.94 -40.72
N ASN B 278 26.71 -17.05 -39.75
CA ASN B 278 27.85 -16.52 -38.98
C ASN B 278 28.16 -17.41 -37.75
N ASN B 279 28.47 -18.67 -38.02
CA ASN B 279 28.65 -19.65 -36.96
C ASN B 279 30.14 -19.87 -36.56
N PHE B 280 30.57 -19.29 -35.43
CA PHE B 280 31.98 -19.28 -35.02
C PHE B 280 32.19 -19.66 -33.56
N SER B 281 33.32 -20.29 -33.24
CA SER B 281 33.68 -20.51 -31.82
C SER B 281 34.19 -19.24 -31.13
N VAL B 282 34.16 -19.26 -29.81
CA VAL B 282 34.68 -18.16 -29.03
C VAL B 282 36.18 -17.95 -29.38
N ARG B 283 36.92 -19.06 -29.51
CA ARG B 283 38.33 -19.02 -29.92
C ARG B 283 38.48 -18.31 -31.29
N GLU B 284 37.68 -18.71 -32.28
CA GLU B 284 37.71 -18.08 -33.62
C GLU B 284 37.34 -16.60 -33.58
N LEU B 285 36.31 -16.26 -32.83
CA LEU B 285 35.98 -14.87 -32.53
C LEU B 285 37.19 -14.04 -32.01
N ALA B 286 37.83 -14.51 -30.94
CA ALA B 286 39.06 -13.88 -30.42
C ALA B 286 40.14 -13.74 -31.50
N ASN B 287 40.51 -14.85 -32.17
CA ASN B 287 41.50 -14.82 -33.27
C ASN B 287 41.12 -13.77 -34.31
N LYS B 288 39.90 -13.84 -34.83
CA LYS B 288 39.46 -12.95 -35.90
C LYS B 288 39.43 -11.49 -35.46
N MET B 289 39.09 -11.23 -34.20
CA MET B 289 39.05 -9.86 -33.73
C MET B 289 40.47 -9.30 -33.61
N LEU B 290 41.39 -10.10 -33.07
CA LEU B 290 42.81 -9.70 -32.95
C LEU B 290 43.46 -9.49 -34.30
N GLU B 291 43.18 -10.40 -35.23
CA GLU B 291 43.74 -10.33 -36.56
C GLU B 291 43.28 -9.07 -37.29
N LEU B 292 41.99 -8.77 -37.16
CA LEU B 292 41.40 -7.58 -37.77
C LEU B 292 41.87 -6.27 -37.10
N ALA B 293 42.16 -6.33 -35.80
CA ALA B 293 42.65 -5.18 -35.07
C ALA B 293 44.06 -4.74 -35.51
N ALA B 294 44.85 -5.70 -35.99
CA ALA B 294 46.20 -5.43 -36.50
C ALA B 294 46.15 -4.47 -37.68
N GLU B 295 45.07 -4.53 -38.47
CA GLU B 295 44.90 -3.64 -39.63
C GLU B 295 44.61 -2.19 -39.26
N PHE B 296 44.25 -1.94 -38.01
CA PHE B 296 43.83 -0.61 -37.58
C PHE B 296 44.93 0.03 -36.75
N PRO B 297 45.49 1.15 -37.23
CA PRO B 297 46.61 1.76 -36.49
C PRO B 297 46.19 2.18 -35.07
N GLU B 298 44.92 2.54 -34.91
CA GLU B 298 44.38 2.95 -33.61
C GLU B 298 44.33 1.78 -32.63
N TYR B 299 44.27 0.55 -33.15
CA TYR B 299 44.15 -0.64 -32.30
C TYR B 299 45.43 -1.49 -32.25
N ALA B 300 46.26 -1.39 -33.28
CA ALA B 300 47.37 -2.33 -33.51
C ALA B 300 48.27 -2.52 -32.28
N ASP B 301 48.61 -1.41 -31.63
CA ASP B 301 49.60 -1.43 -30.57
C ASP B 301 49.12 -2.05 -29.26
N SER B 302 47.90 -1.69 -28.85
CA SER B 302 47.31 -2.36 -27.70
C SER B 302 47.04 -3.83 -28.03
N ALA B 303 46.66 -4.12 -29.27
CA ALA B 303 46.38 -5.51 -29.70
C ALA B 303 47.58 -6.46 -29.54
N LYS B 304 48.79 -5.98 -29.80
CA LYS B 304 50.02 -6.80 -29.68
C LYS B 304 50.30 -7.24 -28.24
N ARG B 305 49.78 -6.51 -27.24
CA ARG B 305 49.97 -6.86 -25.83
C ARG B 305 48.98 -7.94 -25.32
N VAL B 306 47.99 -8.27 -26.14
CA VAL B 306 46.95 -9.19 -25.70
C VAL B 306 47.45 -10.63 -25.76
N LYS B 307 47.36 -11.34 -24.64
CA LYS B 307 47.53 -12.80 -24.65
C LYS B 307 46.17 -13.49 -24.58
N LEU B 308 46.01 -14.52 -25.43
CA LEU B 308 44.85 -15.41 -25.37
C LEU B 308 45.09 -16.56 -24.40
N VAL B 309 44.35 -16.60 -23.30
CA VAL B 309 44.65 -17.57 -22.24
C VAL B 309 43.52 -18.51 -21.83
N GLU B 310 43.83 -19.81 -21.81
CA GLU B 310 42.90 -20.84 -21.33
C GLU B 310 42.63 -20.66 -19.82
N THR B 311 41.35 -20.63 -19.45
CA THR B 311 40.92 -20.50 -18.05
C THR B 311 40.38 -21.83 -17.53
N GLN B 325 29.45 -28.11 -28.11
CA GLN B 325 28.30 -27.21 -28.04
C GLN B 325 28.20 -26.25 -29.22
N ASN B 326 27.23 -26.49 -30.09
CA ASN B 326 26.89 -25.53 -31.13
C ASN B 326 25.61 -24.79 -30.75
N ARG B 327 25.55 -23.48 -31.03
CA ARG B 327 24.35 -22.66 -30.74
C ARG B 327 23.81 -21.92 -31.99
N VAL B 328 23.24 -22.71 -32.92
CA VAL B 328 22.66 -22.23 -34.18
C VAL B 328 21.13 -22.01 -34.11
N PRO B 329 20.68 -20.76 -34.30
CA PRO B 329 19.22 -20.49 -34.30
C PRO B 329 18.51 -21.05 -35.55
N LYS B 330 17.38 -21.71 -35.36
CA LYS B 330 16.50 -21.91 -36.50
C LYS B 330 15.78 -20.58 -36.75
N ILE B 331 15.69 -20.18 -38.02
CA ILE B 331 15.10 -18.87 -38.39
C ILE B 331 14.07 -18.98 -39.52
N GLU B 332 13.50 -20.16 -39.69
CA GLU B 332 12.62 -20.45 -40.82
C GLU B 332 11.31 -19.65 -40.69
N ASN B 333 10.69 -19.72 -39.52
CA ASN B 333 9.48 -18.91 -39.27
C ASN B 333 9.75 -17.40 -39.38
N THR B 334 10.88 -16.97 -38.86
CA THR B 334 11.29 -15.57 -38.93
C THR B 334 11.40 -15.09 -40.38
N MET B 335 12.11 -15.87 -41.21
CA MET B 335 12.27 -15.51 -42.63
C MET B 335 10.93 -15.46 -43.35
N GLN B 336 10.15 -16.54 -43.23
CA GLN B 336 8.97 -16.73 -44.06
C GLN B 336 7.79 -15.88 -43.63
N GLU B 337 7.56 -15.82 -42.32
CA GLU B 337 6.42 -15.02 -41.82
C GLU B 337 6.67 -13.52 -41.95
N LEU B 338 7.89 -13.07 -41.71
CA LEU B 338 8.16 -11.64 -41.68
C LEU B 338 8.70 -11.10 -43.00
N GLY B 339 9.11 -11.99 -43.89
CA GLY B 339 9.72 -11.58 -45.15
C GLY B 339 11.07 -10.96 -44.85
N TRP B 340 11.96 -11.78 -44.30
CA TRP B 340 13.21 -11.30 -43.71
C TRP B 340 14.38 -12.24 -44.06
N ALA B 341 15.58 -11.69 -44.17
CA ALA B 341 16.77 -12.53 -44.32
C ALA B 341 18.00 -11.76 -43.85
N PRO B 342 18.91 -12.42 -43.10
CA PRO B 342 20.11 -11.66 -42.72
C PRO B 342 21.06 -11.45 -43.91
N GLN B 343 21.53 -10.22 -44.09
CA GLN B 343 22.39 -9.81 -45.19
C GLN B 343 23.86 -9.78 -44.81
N PHE B 344 24.16 -9.60 -43.53
CA PHE B 344 25.51 -9.23 -43.12
C PHE B 344 26.39 -10.39 -42.68
N THR B 345 27.57 -10.49 -43.32
CA THR B 345 28.55 -11.53 -43.00
C THR B 345 29.29 -11.15 -41.72
N PHE B 346 29.85 -12.16 -41.08
CA PHE B 346 30.58 -11.99 -39.82
C PHE B 346 31.71 -10.97 -39.97
N ASP B 347 32.58 -11.18 -40.97
CA ASP B 347 33.69 -10.27 -41.26
C ASP B 347 33.22 -8.86 -41.54
N ASP B 348 32.10 -8.72 -42.25
CA ASP B 348 31.54 -7.40 -42.57
C ASP B 348 31.04 -6.74 -41.27
N ALA B 349 30.39 -7.54 -40.42
CA ALA B 349 29.92 -7.09 -39.10
C ALA B 349 31.06 -6.61 -38.18
N LEU B 350 32.14 -7.39 -38.05
CA LEU B 350 33.26 -6.95 -37.20
C LEU B 350 33.98 -5.70 -37.71
N ARG B 351 34.18 -5.60 -39.02
CA ARG B 351 34.84 -4.41 -39.62
C ARG B 351 33.97 -3.14 -39.38
N GLN B 352 32.66 -3.27 -39.59
CA GLN B 352 31.71 -2.23 -39.22
C GLN B 352 31.92 -1.74 -37.79
N ILE B 353 32.10 -2.67 -36.85
CA ILE B 353 32.32 -2.30 -35.44
C ILE B 353 33.68 -1.56 -35.28
N PHE B 354 34.74 -2.19 -35.80
CA PHE B 354 36.08 -1.58 -35.76
C PHE B 354 36.14 -0.15 -36.36
N GLU B 355 35.49 0.06 -37.52
CA GLU B 355 35.32 1.41 -38.10
C GLU B 355 34.65 2.43 -37.18
N ALA B 356 33.55 2.05 -36.55
CA ALA B 356 32.78 2.96 -35.66
C ALA B 356 33.55 3.35 -34.41
N TYR B 357 34.32 2.44 -33.85
CA TYR B 357 35.09 2.79 -32.67
C TYR B 357 36.44 3.46 -33.00
N ARG B 358 36.78 3.59 -34.29
CA ARG B 358 38.10 4.13 -34.70
C ARG B 358 38.41 5.48 -34.03
N GLY B 359 37.44 6.39 -34.08
CA GLY B 359 37.60 7.71 -33.49
C GLY B 359 36.99 7.85 -32.10
N HIS B 360 36.72 6.73 -31.45
CA HIS B 360 36.18 6.73 -30.09
C HIS B 360 36.83 5.64 -29.22
N VAL B 361 38.15 5.71 -29.06
CA VAL B 361 38.87 4.67 -28.33
C VAL B 361 38.44 4.66 -26.87
N ALA B 362 38.10 5.84 -26.36
CA ALA B 362 37.59 6.05 -25.01
C ALA B 362 36.37 5.17 -24.76
N ASP B 363 35.43 5.21 -25.70
CA ASP B 363 34.17 4.51 -25.60
C ASP B 363 34.37 3.01 -25.65
N ALA B 364 35.32 2.57 -26.47
CA ALA B 364 35.60 1.15 -26.55
C ALA B 364 36.18 0.67 -25.23
N ARG B 365 37.06 1.47 -24.62
CA ARG B 365 37.71 1.11 -23.35
C ARG B 365 36.75 1.12 -22.14
N ALA B 366 35.74 1.97 -22.22
CA ALA B 366 34.71 2.08 -21.18
C ALA B 366 33.72 0.90 -21.21
N LEU B 367 33.77 0.08 -22.25
CA LEU B 367 32.87 -1.08 -22.37
C LEU B 367 33.04 -2.12 -21.25
N VAL B 368 34.25 -2.30 -20.74
CA VAL B 368 34.46 -3.23 -19.64
C VAL B 368 34.66 -2.58 -18.25
N GLU B 369 34.16 -1.36 -18.07
CA GLU B 369 34.30 -0.63 -16.79
C GLU B 369 33.03 -0.62 -15.94
N LYS C 23 9.52 -22.35 24.49
CA LYS C 23 10.73 -23.23 24.43
C LYS C 23 10.62 -24.30 23.34
N ALA C 24 9.44 -24.94 23.19
CA ALA C 24 9.28 -26.05 22.21
C ALA C 24 9.26 -25.58 20.75
N LYS C 25 9.82 -26.40 19.85
CA LYS C 25 9.81 -26.09 18.41
C LYS C 25 8.40 -25.92 17.83
N LYS C 26 8.22 -24.86 17.05
CA LYS C 26 6.95 -24.58 16.40
C LYS C 26 7.04 -24.75 14.88
N VAL C 27 6.17 -25.61 14.38
CA VAL C 27 6.16 -25.98 12.98
C VAL C 27 4.89 -25.39 12.31
N LEU C 28 5.09 -24.49 11.36
CA LEU C 28 4.00 -23.87 10.62
C LEU C 28 3.74 -24.64 9.30
N ILE C 29 2.49 -25.11 9.15
CA ILE C 29 2.05 -25.80 7.94
C ILE C 29 0.95 -25.00 7.26
N LEU C 30 1.25 -24.41 6.11
CA LEU C 30 0.24 -23.68 5.35
C LEU C 30 -0.35 -24.64 4.33
N GLY C 31 -1.65 -24.89 4.43
CA GLY C 31 -2.34 -25.94 3.66
C GLY C 31 -2.31 -27.24 4.44
N VAL C 32 -2.67 -27.15 5.72
CA VAL C 32 -2.59 -28.29 6.60
C VAL C 32 -3.71 -29.32 6.42
N ASN C 33 -4.83 -28.93 5.84
CA ASN C 33 -6.01 -29.82 5.74
C ASN C 33 -5.95 -30.74 4.52
N GLY C 34 -4.98 -31.65 4.54
CA GLY C 34 -4.83 -32.58 3.42
C GLY C 34 -3.77 -33.62 3.73
N PHE C 35 -3.21 -34.19 2.68
CA PHE C 35 -2.42 -35.43 2.76
C PHE C 35 -1.17 -35.26 3.61
N ILE C 36 -0.31 -34.31 3.25
CA ILE C 36 0.89 -34.11 4.06
C ILE C 36 0.54 -33.52 5.43
N GLY C 37 -0.34 -32.51 5.44
CA GLY C 37 -0.74 -31.86 6.69
C GLY C 37 -1.16 -32.91 7.74
N HIS C 38 -2.08 -33.79 7.35
CA HIS C 38 -2.57 -34.83 8.23
C HIS C 38 -1.46 -35.80 8.65
N HIS C 39 -0.72 -36.38 7.71
CA HIS C 39 0.24 -37.41 8.13
C HIS C 39 1.40 -36.85 8.93
N LEU C 40 1.89 -35.71 8.50
CA LEU C 40 2.95 -35.04 9.26
C LEU C 40 2.49 -34.61 10.62
N SER C 41 1.31 -33.97 10.70
CA SER C 41 0.83 -33.45 11.98
C SER C 41 0.74 -34.60 12.97
N LYS C 42 0.18 -35.74 12.51
CA LYS C 42 0.07 -36.90 13.37
C LYS C 42 1.44 -37.34 13.89
N ARG C 43 2.43 -37.42 13.00
CA ARG C 43 3.75 -37.92 13.38
C ARG C 43 4.34 -36.98 14.41
N ILE C 44 4.23 -35.68 14.14
CA ILE C 44 4.72 -34.69 15.10
C ILE C 44 4.08 -34.83 16.48
N LEU C 45 2.77 -35.04 16.52
CA LEU C 45 2.09 -35.00 17.81
C LEU C 45 2.41 -36.25 18.63
N GLU C 46 2.52 -37.40 17.97
CA GLU C 46 2.79 -38.67 18.64
C GLU C 46 4.28 -38.94 18.98
N THR C 47 5.23 -38.34 18.26
CA THR C 47 6.64 -38.69 18.48
C THR C 47 7.53 -37.56 18.96
N THR C 48 7.01 -36.34 19.11
CA THR C 48 7.83 -35.22 19.54
C THR C 48 7.08 -34.36 20.53
N ASP C 49 7.78 -33.38 21.12
CA ASP C 49 7.14 -32.35 21.92
C ASP C 49 6.87 -31.02 21.14
N TRP C 50 6.95 -31.06 19.81
CA TRP C 50 6.75 -29.85 18.98
C TRP C 50 5.28 -29.38 18.94
N GLU C 51 5.11 -28.09 18.70
CA GLU C 51 3.77 -27.52 18.49
C GLU C 51 3.53 -27.37 16.98
N VAL C 52 2.34 -27.75 16.52
CA VAL C 52 1.95 -27.60 15.11
C VAL C 52 0.99 -26.39 14.98
N PHE C 53 1.34 -25.45 14.10
CA PHE C 53 0.42 -24.39 13.73
C PHE C 53 0.02 -24.61 12.28
N GLY C 54 -1.23 -24.98 12.07
CA GLY C 54 -1.67 -25.38 10.75
C GLY C 54 -2.75 -24.47 10.21
N MET C 55 -2.57 -24.03 8.96
CA MET C 55 -3.53 -23.13 8.37
C MET C 55 -4.27 -23.81 7.22
N ASP C 56 -5.59 -23.69 7.25
CA ASP C 56 -6.39 -23.98 6.07
C ASP C 56 -7.79 -23.34 6.20
N MET C 57 -8.66 -23.66 5.25
CA MET C 57 -10.04 -23.18 5.28
C MET C 57 -10.98 -24.09 6.09
N GLN C 58 -10.72 -25.39 6.05
CA GLN C 58 -11.53 -26.42 6.76
C GLN C 58 -10.61 -27.37 7.54
N THR C 59 -11.20 -28.29 8.31
CA THR C 59 -10.45 -29.28 9.08
C THR C 59 -10.92 -30.69 8.81
N ASP C 60 -11.69 -30.86 7.75
CA ASP C 60 -12.39 -32.13 7.52
C ASP C 60 -11.42 -33.28 7.14
N ARG C 61 -10.15 -32.96 6.88
CA ARG C 61 -9.18 -34.00 6.54
C ARG C 61 -8.28 -34.28 7.71
N LEU C 62 -8.57 -33.65 8.84
CA LEU C 62 -7.70 -33.72 10.00
C LEU C 62 -8.14 -34.67 11.11
N GLY C 63 -9.34 -35.25 10.98
CA GLY C 63 -9.92 -36.15 11.99
C GLY C 63 -9.89 -35.56 13.39
N ASP C 64 -9.38 -36.36 14.33
CA ASP C 64 -9.15 -36.06 15.76
C ASP C 64 -8.04 -35.07 16.10
N LEU C 65 -7.14 -34.84 15.14
CA LEU C 65 -5.88 -34.15 15.47
C LEU C 65 -6.06 -32.79 16.12
N VAL C 66 -7.13 -32.07 15.75
CA VAL C 66 -7.29 -30.69 16.23
C VAL C 66 -7.53 -30.60 17.72
N LYS C 67 -8.09 -31.64 18.31
CA LYS C 67 -8.38 -31.71 19.76
C LYS C 67 -7.12 -31.91 20.59
N HIS C 68 -5.99 -32.16 19.93
CA HIS C 68 -4.73 -32.31 20.65
C HIS C 68 -4.20 -30.99 21.12
N GLU C 69 -3.70 -30.93 22.36
CA GLU C 69 -3.23 -29.69 22.95
C GLU C 69 -2.03 -29.04 22.17
N ARG C 70 -1.23 -29.81 21.44
CA ARG C 70 -0.09 -29.20 20.68
C ARG C 70 -0.43 -28.97 19.22
N MET C 71 -1.70 -29.21 18.86
CA MET C 71 -2.19 -28.91 17.52
C MET C 71 -2.98 -27.61 17.52
N HIS C 72 -2.54 -26.63 16.74
CA HIS C 72 -3.18 -25.32 16.72
C HIS C 72 -3.64 -25.04 15.30
N PHE C 73 -4.90 -25.35 15.02
CA PHE C 73 -5.46 -25.05 13.74
C PHE C 73 -5.90 -23.60 13.70
N PHE C 74 -5.70 -22.96 12.55
CA PHE C 74 -6.25 -21.63 12.37
C PHE C 74 -6.64 -21.40 10.89
N GLU C 75 -7.53 -20.43 10.69
CA GLU C 75 -8.05 -20.17 9.37
C GLU C 75 -7.31 -19.06 8.63
N GLY C 76 -7.24 -19.23 7.31
CA GLY C 76 -6.69 -18.23 6.45
C GLY C 76 -6.36 -18.79 5.09
N ASP C 77 -6.08 -17.89 4.17
CA ASP C 77 -5.76 -18.23 2.80
C ASP C 77 -4.54 -17.39 2.45
N ILE C 78 -3.51 -18.03 1.88
CA ILE C 78 -2.23 -17.32 1.60
C ILE C 78 -2.36 -16.16 0.61
N THR C 79 -3.38 -16.18 -0.25
CA THR C 79 -3.59 -15.10 -1.22
C THR C 79 -4.34 -13.96 -0.58
N ILE C 80 -4.88 -14.16 0.63
CA ILE C 80 -5.70 -13.11 1.23
C ILE C 80 -5.17 -12.60 2.58
N ASN C 81 -4.90 -13.54 3.50
CA ASN C 81 -4.60 -13.18 4.88
C ASN C 81 -3.12 -12.94 5.08
N LYS C 82 -2.60 -11.93 4.39
CA LYS C 82 -1.18 -11.60 4.41
C LYS C 82 -0.65 -11.31 5.80
N GLU C 83 -1.37 -10.48 6.57
CA GLU C 83 -0.98 -10.15 7.95
C GLU C 83 -0.99 -11.40 8.85
N TRP C 84 -2.04 -12.20 8.76
CA TRP C 84 -2.19 -13.35 9.65
C TRP C 84 -1.16 -14.42 9.30
N VAL C 85 -0.80 -14.56 8.01
CA VAL C 85 0.25 -15.50 7.59
C VAL C 85 1.63 -15.00 8.02
N GLU C 86 1.90 -13.71 7.82
CA GLU C 86 3.23 -13.20 8.16
C GLU C 86 3.46 -13.27 9.66
N TYR C 87 2.42 -12.95 10.44
CA TYR C 87 2.48 -13.11 11.90
C TYR C 87 2.89 -14.53 12.32
N HIS C 88 2.25 -15.52 11.71
CA HIS C 88 2.61 -16.92 11.99
C HIS C 88 4.01 -17.34 11.54
N VAL C 89 4.51 -16.71 10.47
CA VAL C 89 5.88 -16.97 10.04
C VAL C 89 6.86 -16.46 11.12
N LYS C 90 6.60 -15.25 11.62
CA LYS C 90 7.40 -14.70 12.68
C LYS C 90 7.29 -15.57 13.95
N LYS C 91 6.09 -16.04 14.23
CA LYS C 91 5.89 -16.80 15.46
C LYS C 91 6.64 -18.14 15.48
N CYS C 92 6.62 -18.83 14.34
CA CYS C 92 7.03 -20.24 14.27
C CYS C 92 8.48 -20.40 13.91
N ASP C 93 9.01 -21.61 14.06
CA ASP C 93 10.41 -21.87 13.76
C ASP C 93 10.67 -22.48 12.39
N VAL C 94 9.76 -23.33 11.94
CA VAL C 94 9.94 -24.07 10.71
C VAL C 94 8.74 -23.78 9.86
N ILE C 95 8.98 -23.46 8.58
CA ILE C 95 7.93 -22.96 7.66
C ILE C 95 7.71 -23.92 6.45
N LEU C 96 6.53 -24.57 6.42
CA LEU C 96 6.19 -25.50 5.33
C LEU C 96 5.00 -24.97 4.51
N PRO C 97 5.29 -24.31 3.38
CA PRO C 97 4.20 -23.73 2.57
C PRO C 97 3.79 -24.75 1.54
N LEU C 98 2.69 -25.44 1.80
CA LEU C 98 2.21 -26.54 0.93
C LEU C 98 1.19 -26.16 -0.18
N VAL C 99 0.82 -24.90 -0.26
CA VAL C 99 -0.25 -24.44 -1.14
C VAL C 99 0.27 -24.20 -2.55
N ALA C 100 -0.32 -24.92 -3.52
CA ALA C 100 0.09 -24.89 -4.92
C ALA C 100 -0.89 -25.71 -5.76
N ILE C 101 -1.26 -25.21 -6.95
CA ILE C 101 -1.94 -26.03 -7.94
C ILE C 101 -0.90 -27.07 -8.43
N ALA C 102 -1.24 -28.35 -8.35
CA ALA C 102 -0.31 -29.41 -8.74
C ALA C 102 -1.08 -30.44 -9.54
N THR C 103 -1.96 -29.97 -10.43
CA THR C 103 -2.86 -30.83 -11.24
C THR C 103 -2.48 -30.67 -12.72
N PRO C 104 -1.94 -31.74 -13.34
CA PRO C 104 -1.39 -31.60 -14.69
C PRO C 104 -2.32 -30.97 -15.72
N ALA C 105 -3.61 -31.37 -15.70
CA ALA C 105 -4.61 -30.80 -16.62
C ALA C 105 -4.71 -29.27 -16.46
N THR C 106 -4.64 -28.78 -15.21
CA THR C 106 -4.74 -27.32 -14.94
C THR C 106 -3.51 -26.54 -15.48
N TYR C 107 -2.32 -27.18 -15.45
CA TYR C 107 -1.10 -26.54 -16.06
C TYR C 107 -1.36 -26.18 -17.51
N VAL C 108 -2.01 -27.10 -18.23
CA VAL C 108 -2.31 -26.91 -19.64
C VAL C 108 -3.50 -25.95 -19.84
N LYS C 109 -4.55 -26.07 -19.04
CA LYS C 109 -5.74 -25.24 -19.23
C LYS C 109 -5.60 -23.82 -18.67
N GLN C 110 -4.97 -23.71 -17.52
CA GLN C 110 -4.89 -22.41 -16.83
C GLN C 110 -3.49 -22.13 -16.33
N PRO C 111 -2.53 -21.95 -17.27
CA PRO C 111 -1.14 -21.79 -16.83
C PRO C 111 -0.97 -20.61 -15.87
N LEU C 112 -1.63 -19.48 -16.14
CA LEU C 112 -1.51 -18.30 -15.28
C LEU C 112 -1.84 -18.54 -13.80
N ARG C 113 -2.88 -19.34 -13.56
CA ARG C 113 -3.30 -19.64 -12.18
C ARG C 113 -2.24 -20.44 -11.44
N VAL C 114 -1.57 -21.35 -12.18
CA VAL C 114 -0.47 -22.15 -11.65
C VAL C 114 0.68 -21.22 -11.26
N PHE C 115 1.06 -20.32 -12.15
CA PHE C 115 2.10 -19.35 -11.82
C PHE C 115 1.75 -18.45 -10.62
N GLU C 116 0.53 -17.92 -10.64
CA GLU C 116 0.05 -16.97 -9.64
C GLU C 116 0.05 -17.56 -8.23
N LEU C 117 -0.40 -18.81 -8.10
CA LEU C 117 -0.47 -19.46 -6.78
C LEU C 117 0.88 -20.06 -6.41
N ASP C 118 1.46 -20.86 -7.32
CA ASP C 118 2.64 -21.64 -6.98
C ASP C 118 3.86 -20.80 -6.78
N PHE C 119 3.99 -19.74 -7.58
CA PHE C 119 5.15 -18.88 -7.48
C PHE C 119 4.77 -17.58 -6.74
N GLU C 120 3.89 -16.81 -7.35
CA GLU C 120 3.69 -15.43 -6.88
C GLU C 120 3.17 -15.34 -5.45
N ALA C 121 2.21 -16.19 -5.10
CA ALA C 121 1.59 -16.13 -3.77
C ALA C 121 2.47 -16.78 -2.71
N ASN C 122 3.42 -17.64 -3.13
CA ASN C 122 4.36 -18.21 -2.18
C ASN C 122 5.60 -17.36 -1.93
N LEU C 123 5.94 -16.51 -2.88
CA LEU C 123 7.10 -15.65 -2.74
C LEU C 123 7.07 -14.83 -1.44
N PRO C 124 5.91 -14.25 -1.05
CA PRO C 124 6.01 -13.42 0.16
C PRO C 124 6.33 -14.22 1.45
N ILE C 125 5.96 -15.49 1.45
CA ILE C 125 6.12 -16.38 2.60
C ILE C 125 7.62 -16.71 2.69
N VAL C 126 8.23 -17.00 1.54
CA VAL C 126 9.65 -17.19 1.47
C VAL C 126 10.35 -15.95 2.01
N ARG C 127 9.91 -14.78 1.55
CA ARG C 127 10.57 -13.54 1.96
C ARG C 127 10.38 -13.25 3.49
N SER C 128 9.29 -13.74 4.09
CA SER C 128 9.06 -13.58 5.54
C SER C 128 9.98 -14.50 6.31
N ALA C 129 10.14 -15.71 5.81
CA ALA C 129 11.08 -16.67 6.42
C ALA C 129 12.51 -16.11 6.45
N VAL C 130 12.93 -15.46 5.36
CA VAL C 130 14.23 -14.76 5.32
C VAL C 130 14.28 -13.66 6.39
N LYS C 131 13.28 -12.78 6.37
CA LYS C 131 13.26 -11.64 7.29
C LYS C 131 13.33 -12.03 8.78
N TYR C 132 12.65 -13.11 9.15
CA TYR C 132 12.53 -13.46 10.57
C TYR C 132 13.46 -14.64 10.94
N GLY C 133 14.39 -14.96 10.01
CA GLY C 133 15.45 -15.95 10.27
C GLY C 133 14.95 -17.37 10.53
N LYS C 134 13.98 -17.81 9.75
CA LYS C 134 13.37 -19.11 10.01
C LYS C 134 13.92 -20.22 9.12
N HIS C 135 13.61 -21.46 9.47
CA HIS C 135 13.90 -22.58 8.57
C HIS C 135 12.76 -22.79 7.57
N LEU C 136 13.00 -22.42 6.31
CA LEU C 136 12.05 -22.66 5.23
C LEU C 136 12.20 -24.11 4.69
N VAL C 137 11.15 -24.91 4.79
CA VAL C 137 11.22 -26.29 4.30
C VAL C 137 10.24 -26.34 3.14
N PHE C 138 10.77 -26.25 1.92
CA PHE C 138 9.91 -25.95 0.81
C PHE C 138 9.65 -27.11 -0.10
N PRO C 139 8.36 -27.39 -0.41
CA PRO C 139 8.10 -28.51 -1.33
C PRO C 139 8.41 -28.11 -2.78
N SER C 140 9.57 -28.54 -3.25
CA SER C 140 9.87 -28.48 -4.69
C SER C 140 9.17 -29.70 -5.29
N THR C 141 9.59 -30.16 -6.46
CA THR C 141 8.83 -31.19 -7.17
C THR C 141 9.73 -32.10 -7.93
N SER C 142 9.37 -33.38 -8.00
CA SER C 142 10.07 -34.32 -8.90
C SER C 142 10.00 -33.88 -10.36
N GLU C 143 8.98 -33.09 -10.71
CA GLU C 143 8.84 -32.59 -12.09
C GLU C 143 9.91 -31.62 -12.49
N VAL C 144 10.68 -31.15 -11.52
CA VAL C 144 11.68 -30.10 -11.78
C VAL C 144 12.77 -30.62 -12.74
N TYR C 145 13.03 -31.94 -12.69
CA TYR C 145 13.97 -32.58 -13.64
C TYR C 145 13.46 -32.63 -15.08
N GLY C 146 12.14 -32.57 -15.25
CA GLY C 146 11.56 -32.57 -16.58
C GLY C 146 11.98 -33.82 -17.33
N MET C 147 12.41 -33.63 -18.57
CA MET C 147 12.70 -34.76 -19.44
C MET C 147 14.14 -35.24 -19.29
N CYS C 148 14.65 -35.22 -18.07
CA CYS C 148 16.04 -35.58 -17.75
C CYS C 148 16.35 -37.03 -18.16
N ALA C 149 17.48 -37.26 -18.79
CA ALA C 149 17.86 -38.60 -19.26
C ALA C 149 18.75 -39.40 -18.26
N ASP C 150 19.16 -38.77 -17.16
CA ASP C 150 19.98 -39.45 -16.16
C ASP C 150 19.27 -40.69 -15.62
N GLU C 151 20.04 -41.75 -15.38
CA GLU C 151 19.52 -42.97 -14.79
C GLU C 151 18.91 -42.72 -13.42
N GLN C 152 19.54 -41.83 -12.64
CA GLN C 152 18.99 -41.39 -11.37
C GLN C 152 19.00 -39.87 -11.34
N PHE C 153 17.89 -39.27 -10.94
CA PHE C 153 17.78 -37.82 -10.97
C PHE C 153 18.51 -37.28 -9.76
N ASP C 154 19.61 -36.57 -9.97
CA ASP C 154 20.48 -36.11 -8.88
C ASP C 154 20.25 -34.62 -8.55
N PRO C 155 19.81 -34.29 -7.29
CA PRO C 155 19.47 -32.91 -6.97
C PRO C 155 20.64 -31.95 -7.10
N ASP C 156 21.87 -32.47 -7.04
CA ASP C 156 23.08 -31.66 -7.03
C ASP C 156 23.80 -31.62 -8.40
N ALA C 157 23.29 -32.37 -9.39
CA ALA C 157 24.02 -32.55 -10.65
C ALA C 157 23.19 -32.63 -11.93
N SER C 158 22.00 -33.20 -11.87
CA SER C 158 21.20 -33.45 -13.11
C SER C 158 20.74 -32.16 -13.79
N ALA C 159 20.88 -32.11 -15.12
CA ALA C 159 20.24 -31.08 -15.95
C ALA C 159 18.71 -31.11 -15.88
N LEU C 160 18.08 -29.95 -16.14
CA LEU C 160 16.62 -29.79 -16.02
C LEU C 160 16.09 -29.40 -17.38
N THR C 161 15.24 -30.28 -17.94
CA THR C 161 14.76 -30.16 -19.32
C THR C 161 13.26 -30.11 -19.49
N TYR C 162 12.78 -28.99 -20.02
CA TYR C 162 11.35 -28.81 -20.32
C TYR C 162 11.14 -28.64 -21.82
N GLY C 163 9.89 -28.75 -22.24
CA GLY C 163 9.49 -28.52 -23.62
C GLY C 163 9.47 -27.02 -23.97
N PRO C 164 9.01 -26.68 -25.19
CA PRO C 164 8.95 -25.29 -25.58
C PRO C 164 7.87 -24.47 -24.87
N ILE C 165 7.88 -23.16 -25.10
CA ILE C 165 6.84 -22.26 -24.59
C ILE C 165 5.40 -22.68 -24.96
N ASN C 166 5.21 -23.19 -26.19
CA ASN C 166 3.90 -23.57 -26.66
C ASN C 166 3.39 -24.89 -26.06
N LYS C 167 4.12 -25.42 -25.08
CA LYS C 167 3.60 -26.50 -24.27
C LYS C 167 3.45 -25.97 -22.85
N PRO C 168 2.28 -25.33 -22.55
CA PRO C 168 2.12 -24.65 -21.26
C PRO C 168 2.12 -25.56 -20.04
N ARG C 169 2.03 -26.88 -20.25
CA ARG C 169 2.08 -27.81 -19.11
C ARG C 169 3.38 -27.54 -18.32
N TRP C 170 4.41 -27.06 -19.01
CA TRP C 170 5.71 -26.83 -18.36
C TRP C 170 5.78 -25.60 -17.45
N ILE C 171 4.72 -24.80 -17.39
CA ILE C 171 4.72 -23.64 -16.48
C ILE C 171 4.80 -24.06 -15.00
N TYR C 172 4.30 -25.25 -14.68
CA TYR C 172 4.44 -25.75 -13.33
C TYR C 172 5.93 -25.99 -13.01
N ALA C 173 6.58 -26.90 -13.74
CA ALA C 173 8.00 -27.18 -13.51
C ALA C 173 8.86 -25.90 -13.55
N CYS C 174 8.56 -25.01 -14.48
CA CYS C 174 9.35 -23.78 -14.59
C CYS C 174 9.12 -22.86 -13.41
N SER C 175 7.87 -22.73 -12.97
CA SER C 175 7.57 -21.92 -11.77
C SER C 175 8.29 -22.47 -10.54
N LYS C 176 8.19 -23.79 -10.35
CA LYS C 176 8.82 -24.44 -9.21
C LYS C 176 10.36 -24.33 -9.31
N GLN C 177 10.90 -24.49 -10.53
CA GLN C 177 12.35 -24.28 -10.70
C GLN C 177 12.76 -22.87 -10.31
N LEU C 178 12.08 -21.86 -10.82
CA LEU C 178 12.41 -20.49 -10.44
C LEU C 178 12.32 -20.25 -8.92
N MET C 179 11.30 -20.79 -8.27
CA MET C 179 11.20 -20.68 -6.83
C MET C 179 12.42 -21.32 -6.14
N ASP C 180 12.82 -22.52 -6.59
CA ASP C 180 14.00 -23.21 -6.01
C ASP C 180 15.26 -22.34 -6.18
N ARG C 181 15.37 -21.62 -7.30
CA ARG C 181 16.53 -20.74 -7.56
C ARG C 181 16.44 -19.45 -6.76
N VAL C 182 15.23 -18.94 -6.54
CA VAL C 182 15.09 -17.77 -5.68
C VAL C 182 15.41 -18.15 -4.23
N ILE C 183 14.92 -19.30 -3.81
CA ILE C 183 15.26 -19.76 -2.49
C ILE C 183 16.79 -19.94 -2.35
N TRP C 184 17.41 -20.58 -3.33
CA TRP C 184 18.86 -20.82 -3.33
C TRP C 184 19.58 -19.50 -3.21
N GLY C 185 19.08 -18.51 -3.93
CA GLY C 185 19.69 -17.16 -3.91
C GLY C 185 19.60 -16.53 -2.51
N TYR C 186 18.46 -16.74 -1.83
CA TYR C 186 18.35 -16.22 -0.46
C TYR C 186 19.26 -17.05 0.46
N GLY C 187 19.40 -18.35 0.16
CA GLY C 187 20.36 -19.25 0.84
C GLY C 187 21.77 -18.64 0.80
N MET C 188 22.16 -18.16 -0.38
CA MET C 188 23.46 -17.50 -0.54
C MET C 188 23.64 -16.29 0.37
N GLU C 189 22.55 -15.71 0.85
CA GLU C 189 22.70 -14.55 1.74
C GLU C 189 22.37 -14.91 3.19
N GLY C 190 22.26 -16.21 3.51
CA GLY C 190 22.02 -16.59 4.89
C GLY C 190 20.69 -17.30 5.19
N LEU C 191 19.79 -17.45 4.22
CA LEU C 191 18.51 -18.11 4.53
C LEU C 191 18.73 -19.58 4.87
N ASN C 192 18.18 -19.98 6.01
CA ASN C 192 18.12 -21.40 6.42
C ASN C 192 16.99 -22.07 5.64
N PHE C 193 17.31 -22.83 4.58
CA PHE C 193 16.26 -23.51 3.80
C PHE C 193 16.57 -24.97 3.59
N THR C 194 15.53 -25.75 3.35
CA THR C 194 15.69 -27.09 2.78
C THR C 194 14.64 -27.29 1.68
N LEU C 195 15.07 -27.82 0.52
CA LEU C 195 14.12 -28.15 -0.54
C LEU C 195 13.89 -29.65 -0.50
N PHE C 196 12.63 -30.07 -0.57
CA PHE C 196 12.36 -31.50 -0.70
C PHE C 196 11.50 -31.79 -1.95
N ARG C 197 11.82 -32.88 -2.63
CA ARG C 197 11.11 -33.26 -3.84
C ARG C 197 10.49 -34.64 -3.64
N PRO C 198 9.18 -34.70 -3.33
CA PRO C 198 8.52 -36.01 -3.19
C PRO C 198 8.43 -36.75 -4.52
N PHE C 199 8.74 -38.03 -4.48
CA PHE C 199 8.46 -38.90 -5.63
C PHE C 199 7.27 -39.82 -5.34
N ASN C 200 6.15 -39.48 -5.96
CA ASN C 200 4.92 -40.27 -5.90
C ASN C 200 4.58 -40.80 -4.51
N TRP C 201 4.43 -39.87 -3.57
CA TRP C 201 4.03 -40.22 -2.23
C TRP C 201 2.58 -40.65 -2.32
N ILE C 202 2.31 -41.81 -1.72
CA ILE C 202 0.99 -42.42 -1.79
C ILE C 202 0.63 -43.01 -0.41
N GLY C 203 -0.62 -42.87 -0.03
CA GLY C 203 -1.07 -43.37 1.27
C GLY C 203 -2.54 -43.10 1.46
N PRO C 204 -3.10 -43.43 2.65
CA PRO C 204 -4.50 -43.03 2.94
C PRO C 204 -4.62 -41.49 2.87
N GLY C 205 -5.82 -40.96 2.69
CA GLY C 205 -6.01 -39.50 2.71
C GLY C 205 -5.38 -38.75 1.54
N LEU C 206 -5.41 -39.36 0.36
CA LEU C 206 -4.90 -38.72 -0.84
C LEU C 206 -5.62 -37.39 -1.09
N ASP C 207 -4.90 -36.38 -1.54
CA ASP C 207 -5.57 -35.15 -1.98
C ASP C 207 -6.24 -35.41 -3.33
N SER C 208 -7.48 -34.97 -3.44
CA SER C 208 -8.23 -35.08 -4.68
C SER C 208 -7.47 -34.29 -5.70
N ILE C 209 -7.68 -34.64 -6.96
CA ILE C 209 -6.84 -34.09 -8.02
C ILE C 209 -6.99 -32.58 -8.22
N TYR C 210 -8.09 -31.99 -7.75
CA TYR C 210 -8.24 -30.54 -7.88
C TYR C 210 -7.86 -29.75 -6.64
N THR C 211 -7.45 -30.43 -5.57
CA THR C 211 -7.04 -29.77 -4.33
C THR C 211 -5.72 -29.03 -4.57
N PRO C 212 -5.64 -27.75 -4.19
CA PRO C 212 -4.40 -27.01 -4.46
C PRO C 212 -3.32 -27.22 -3.38
N LYS C 213 -2.79 -28.45 -3.29
CA LYS C 213 -1.76 -28.79 -2.32
C LYS C 213 -0.70 -29.70 -2.91
N GLU C 214 0.55 -29.40 -2.56
CA GLU C 214 1.63 -30.35 -2.80
C GLU C 214 1.39 -31.51 -1.87
N GLY C 215 1.67 -32.70 -2.36
CA GLY C 215 1.59 -33.87 -1.49
C GLY C 215 1.60 -35.22 -2.19
N SER C 216 0.44 -35.62 -2.71
CA SER C 216 0.24 -36.99 -3.17
C SER C 216 0.39 -37.13 -4.72
N SER C 217 0.69 -38.35 -5.14
CA SER C 217 0.85 -38.72 -6.55
C SER C 217 -0.49 -38.60 -7.23
N ARG C 218 -0.59 -37.71 -8.24
CA ARG C 218 -1.86 -37.55 -8.95
C ARG C 218 -2.19 -38.78 -9.78
N VAL C 219 -1.19 -39.38 -10.41
CA VAL C 219 -1.46 -40.53 -11.27
C VAL C 219 -2.09 -41.66 -10.47
N VAL C 220 -1.54 -41.98 -9.29
CA VAL C 220 -2.12 -43.01 -8.44
C VAL C 220 -3.53 -42.62 -7.99
N THR C 221 -3.73 -41.33 -7.70
CA THR C 221 -5.01 -40.83 -7.21
C THR C 221 -6.10 -40.91 -8.28
N GLN C 222 -5.76 -40.51 -9.51
CA GLN C 222 -6.78 -40.57 -10.56
C GLN C 222 -7.07 -42.01 -10.99
N PHE C 223 -6.06 -42.87 -10.97
CA PHE C 223 -6.24 -44.29 -11.29
C PHE C 223 -7.20 -44.88 -10.24
N LEU C 224 -6.96 -44.63 -8.97
CA LEU C 224 -7.87 -45.11 -7.90
C LEU C 224 -9.28 -44.56 -8.12
N GLY C 225 -9.38 -43.26 -8.34
CA GLY C 225 -10.69 -42.62 -8.57
C GLY C 225 -11.47 -43.27 -9.69
N HIS C 226 -10.83 -43.45 -10.84
CA HIS C 226 -11.47 -44.09 -12.00
C HIS C 226 -11.82 -45.56 -11.76
N ILE C 227 -10.93 -46.30 -11.09
CA ILE C 227 -11.18 -47.71 -10.81
C ILE C 227 -12.44 -47.93 -9.97
N VAL C 228 -12.58 -47.15 -8.92
CA VAL C 228 -13.71 -47.26 -8.02
C VAL C 228 -14.98 -46.75 -8.72
N ARG C 229 -14.82 -45.91 -9.73
CA ARG C 229 -15.98 -45.44 -10.51
C ARG C 229 -16.27 -46.30 -11.75
N GLY C 230 -15.49 -47.37 -11.91
CA GLY C 230 -15.57 -48.19 -13.13
C GLY C 230 -15.34 -47.45 -14.45
N GLU C 231 -14.47 -46.44 -14.45
CA GLU C 231 -14.15 -45.66 -15.66
C GLU C 231 -12.77 -46.04 -16.24
N ASN C 232 -12.62 -45.90 -17.55
CA ASN C 232 -11.33 -46.13 -18.21
C ASN C 232 -10.18 -45.33 -17.66
N ILE C 233 -8.99 -45.93 -17.78
CA ILE C 233 -7.71 -45.34 -17.34
C ILE C 233 -6.91 -45.02 -18.59
N SER C 234 -6.34 -43.82 -18.65
CA SER C 234 -5.51 -43.42 -19.79
C SER C 234 -4.04 -43.71 -19.58
N LEU C 235 -3.40 -44.26 -20.61
CA LEU C 235 -1.99 -44.56 -20.59
C LEU C 235 -1.35 -43.72 -21.68
N VAL C 236 -0.60 -42.70 -21.27
CA VAL C 236 0.00 -41.78 -22.22
C VAL C 236 1.20 -42.44 -22.86
N ASP C 237 1.21 -42.40 -24.20
CA ASP C 237 2.29 -42.96 -25.01
C ASP C 237 2.59 -44.42 -24.62
N GLY C 238 1.54 -45.22 -24.42
CA GLY C 238 1.68 -46.65 -24.10
C GLY C 238 1.89 -47.00 -22.62
N GLY C 239 2.17 -45.98 -21.80
CA GLY C 239 2.40 -46.18 -20.37
C GLY C 239 3.66 -46.94 -20.02
N SER C 240 4.68 -46.84 -20.88
CA SER C 240 5.95 -47.57 -20.66
C SER C 240 6.90 -46.87 -19.65
N GLN C 241 6.77 -45.56 -19.53
CA GLN C 241 7.62 -44.77 -18.63
C GLN C 241 7.59 -45.29 -17.18
N LYS C 242 8.75 -45.46 -16.57
CA LYS C 242 8.81 -45.99 -15.22
C LYS C 242 8.91 -44.85 -14.19
N ARG C 243 8.38 -45.09 -13.00
CA ARG C 243 8.30 -44.08 -11.97
C ARG C 243 8.66 -44.73 -10.65
N ALA C 244 8.95 -43.91 -9.65
CA ALA C 244 9.23 -44.43 -8.31
C ALA C 244 8.07 -44.03 -7.39
N PHE C 245 7.61 -45.00 -6.60
CA PHE C 245 6.44 -44.85 -5.74
C PHE C 245 6.84 -45.04 -4.29
N THR C 246 6.40 -44.11 -3.42
CA THR C 246 6.84 -44.03 -2.03
C THR C 246 5.68 -43.99 -1.05
N TYR C 247 5.61 -44.94 -0.12
CA TYR C 247 4.55 -44.91 0.88
C TYR C 247 4.71 -43.68 1.79
N VAL C 248 3.61 -43.05 2.17
CA VAL C 248 3.64 -41.77 2.92
C VAL C 248 4.48 -41.82 4.19
N ASP C 249 4.44 -42.94 4.92
CA ASP C 249 5.24 -43.09 6.13
C ASP C 249 6.74 -42.89 5.87
N ASP C 250 7.24 -43.40 4.74
CA ASP C 250 8.63 -43.22 4.37
C ASP C 250 8.91 -41.76 4.04
N GLY C 251 7.94 -41.10 3.39
CA GLY C 251 8.10 -39.68 3.06
C GLY C 251 8.14 -38.82 4.32
N ILE C 252 7.19 -39.02 5.22
CA ILE C 252 7.14 -38.33 6.49
C ILE C 252 8.41 -38.53 7.38
N SER C 253 8.95 -39.75 7.39
CA SER C 253 10.16 -40.02 8.20
C SER C 253 11.30 -39.12 7.73
N ALA C 254 11.45 -38.95 6.42
CA ALA C 254 12.51 -38.06 5.92
C ALA C 254 12.22 -36.60 6.35
N LEU C 255 10.96 -36.17 6.22
CA LEU C 255 10.54 -34.80 6.56
C LEU C 255 10.81 -34.43 7.99
N MET C 256 10.54 -35.39 8.88
CA MET C 256 10.74 -35.20 10.30
C MET C 256 12.19 -34.92 10.61
N LYS C 257 13.10 -35.61 9.91
CA LYS C 257 14.54 -35.46 10.08
C LYS C 257 14.95 -34.04 9.60
N ILE C 258 14.32 -33.59 8.52
CA ILE C 258 14.57 -32.26 7.97
C ILE C 258 14.14 -31.16 8.95
N ILE C 259 12.95 -31.29 9.51
CA ILE C 259 12.37 -30.38 10.50
C ILE C 259 13.19 -30.37 11.83
N GLU C 260 13.57 -31.53 12.31
CA GLU C 260 14.48 -31.62 13.45
C GLU C 260 15.79 -30.91 13.10
N ASN C 261 16.33 -31.20 11.92
CA ASN C 261 17.51 -30.49 11.42
C ASN C 261 18.68 -30.52 12.43
N SER C 262 19.02 -31.71 12.90
CA SER C 262 19.95 -31.81 14.03
C SER C 262 21.30 -31.23 13.61
N ASN C 263 21.79 -30.26 14.36
CA ASN C 263 23.06 -29.58 14.02
C ASN C 263 23.11 -29.03 12.60
N GLY C 264 21.95 -28.65 12.06
CA GLY C 264 21.87 -28.02 10.73
C GLY C 264 22.22 -28.94 9.57
N VAL C 265 22.02 -30.25 9.73
CA VAL C 265 22.34 -31.23 8.66
C VAL C 265 21.66 -30.87 7.32
N ALA C 266 20.40 -30.40 7.40
CA ALA C 266 19.52 -30.15 6.23
C ALA C 266 19.59 -28.71 5.69
N THR C 267 20.27 -27.82 6.41
CA THR C 267 20.42 -26.44 5.99
C THR C 267 21.15 -26.32 4.65
N GLY C 268 20.47 -25.73 3.67
CA GLY C 268 21.10 -25.47 2.37
C GLY C 268 21.03 -26.65 1.40
N LYS C 269 20.28 -27.69 1.76
CA LYS C 269 20.28 -28.95 1.02
C LYS C 269 19.00 -29.17 0.22
N ILE C 270 19.09 -30.09 -0.75
CA ILE C 270 17.99 -30.42 -1.66
C ILE C 270 17.88 -31.94 -1.66
N TYR C 271 16.73 -32.45 -1.21
CA TYR C 271 16.53 -33.89 -1.08
C TYR C 271 15.37 -34.39 -1.91
N ASN C 272 15.62 -35.39 -2.74
CA ASN C 272 14.55 -36.23 -3.26
C ASN C 272 14.08 -37.12 -2.13
N ILE C 273 12.77 -37.26 -2.01
CA ILE C 273 12.27 -38.22 -1.03
C ILE C 273 11.45 -39.23 -1.77
N GLY C 274 12.08 -40.36 -2.09
CA GLY C 274 11.42 -41.39 -2.87
C GLY C 274 12.05 -42.76 -2.65
N ASN C 275 11.29 -43.81 -2.97
CA ASN C 275 11.79 -45.17 -2.92
C ASN C 275 12.12 -45.66 -4.34
N PRO C 276 13.42 -45.63 -4.71
CA PRO C 276 13.81 -45.96 -6.09
C PRO C 276 13.66 -47.45 -6.30
N ASN C 277 13.53 -48.20 -5.22
CA ASN C 277 13.24 -49.65 -5.32
C ASN C 277 11.83 -49.98 -5.78
N ASN C 278 10.92 -49.01 -5.69
CA ASN C 278 9.55 -49.19 -6.14
C ASN C 278 9.40 -48.61 -7.54
N ASN C 279 10.13 -49.20 -8.48
CA ASN C 279 10.30 -48.62 -9.82
C ASN C 279 9.46 -49.39 -10.83
N PHE C 280 8.33 -48.82 -11.22
CA PHE C 280 7.33 -49.51 -12.06
C PHE C 280 6.82 -48.58 -13.13
N SER C 281 6.49 -49.14 -14.29
CA SER C 281 5.91 -48.39 -15.38
C SER C 281 4.50 -47.98 -15.00
N VAL C 282 3.98 -46.96 -15.68
CA VAL C 282 2.61 -46.49 -15.50
C VAL C 282 1.57 -47.62 -15.80
N ARG C 283 1.83 -48.40 -16.86
CA ARG C 283 1.00 -49.56 -17.20
C ARG C 283 1.02 -50.59 -16.06
N GLU C 284 2.22 -50.89 -15.55
CA GLU C 284 2.37 -51.81 -14.43
C GLU C 284 1.57 -51.35 -13.21
N LEU C 285 1.58 -50.04 -12.97
CA LEU C 285 0.80 -49.44 -11.88
C LEU C 285 -0.69 -49.73 -12.07
N ALA C 286 -1.20 -49.47 -13.28
CA ALA C 286 -2.60 -49.72 -13.59
C ALA C 286 -2.99 -51.19 -13.33
N ASN C 287 -2.20 -52.08 -13.92
CA ASN C 287 -2.45 -53.49 -13.80
C ASN C 287 -2.39 -53.95 -12.36
N LYS C 288 -1.37 -53.48 -11.63
CA LYS C 288 -1.26 -53.80 -10.21
C LYS C 288 -2.47 -53.28 -9.42
N MET C 289 -2.93 -52.07 -9.73
CA MET C 289 -4.07 -51.51 -8.98
C MET C 289 -5.33 -52.25 -9.30
N LEU C 290 -5.50 -52.60 -10.59
CA LEU C 290 -6.63 -53.41 -11.03
C LEU C 290 -6.65 -54.80 -10.38
N GLU C 291 -5.49 -55.46 -10.34
CA GLU C 291 -5.39 -56.76 -9.63
C GLU C 291 -5.75 -56.63 -8.14
N LEU C 292 -5.27 -55.57 -7.47
CA LEU C 292 -5.59 -55.37 -6.05
C LEU C 292 -7.07 -55.10 -5.82
N ALA C 293 -7.68 -54.32 -6.71
CA ALA C 293 -9.10 -53.97 -6.64
C ALA C 293 -10.00 -55.21 -6.64
N ALA C 294 -9.64 -56.19 -7.47
CA ALA C 294 -10.35 -57.48 -7.58
C ALA C 294 -10.42 -58.29 -6.28
N GLU C 295 -9.55 -58.00 -5.31
CA GLU C 295 -9.54 -58.75 -4.04
C GLU C 295 -10.51 -58.18 -3.01
N PHE C 296 -11.00 -56.96 -3.24
CA PHE C 296 -11.91 -56.30 -2.31
C PHE C 296 -13.35 -56.22 -2.85
N PRO C 297 -14.33 -56.70 -2.04
CA PRO C 297 -15.74 -56.69 -2.45
C PRO C 297 -16.26 -55.28 -2.72
N GLU C 298 -15.68 -54.27 -2.09
CA GLU C 298 -16.18 -52.91 -2.31
C GLU C 298 -15.74 -52.32 -3.68
N TYR C 299 -14.73 -52.94 -4.31
CA TYR C 299 -14.15 -52.43 -5.55
C TYR C 299 -14.27 -53.36 -6.76
N ALA C 300 -14.51 -54.65 -6.50
CA ALA C 300 -14.34 -55.67 -7.54
C ALA C 300 -15.25 -55.52 -8.77
N ASP C 301 -16.52 -55.22 -8.52
CA ASP C 301 -17.49 -55.05 -9.59
C ASP C 301 -17.17 -53.87 -10.51
N SER C 302 -16.80 -52.74 -9.91
CA SER C 302 -16.35 -51.56 -10.64
C SER C 302 -15.08 -51.82 -11.44
N ALA C 303 -14.13 -52.50 -10.79
CA ALA C 303 -12.81 -52.72 -11.37
C ALA C 303 -12.85 -53.59 -12.62
N LYS C 304 -13.74 -54.59 -12.63
CA LYS C 304 -13.95 -55.45 -13.80
C LYS C 304 -14.24 -54.64 -15.07
N ARG C 305 -14.88 -53.48 -14.90
CA ARG C 305 -15.35 -52.70 -16.05
C ARG C 305 -14.27 -51.82 -16.72
N VAL C 306 -13.14 -51.60 -16.03
CA VAL C 306 -12.11 -50.64 -16.47
C VAL C 306 -11.36 -51.20 -17.71
N LYS C 307 -11.27 -50.40 -18.75
CA LYS C 307 -10.37 -50.70 -19.86
C LYS C 307 -9.24 -49.68 -19.85
N LEU C 308 -8.10 -50.08 -20.41
CA LEU C 308 -6.93 -49.20 -20.54
C LEU C 308 -6.95 -48.57 -21.92
N VAL C 309 -6.82 -47.25 -21.96
CA VAL C 309 -6.89 -46.46 -23.20
C VAL C 309 -5.53 -45.84 -23.44
N GLU C 310 -4.85 -46.30 -24.49
CA GLU C 310 -3.58 -45.70 -24.88
C GLU C 310 -3.86 -44.38 -25.58
N THR C 311 -3.08 -43.34 -25.27
CA THR C 311 -3.16 -42.09 -26.04
C THR C 311 -1.80 -41.69 -26.58
N THR C 312 -1.80 -41.10 -27.77
CA THR C 312 -0.56 -40.54 -28.38
C THR C 312 -0.12 -39.22 -27.72
N GLN C 325 11.60 -43.49 -20.99
CA GLN C 325 12.03 -42.45 -20.06
C GLN C 325 11.72 -42.88 -18.62
N ASN C 326 12.76 -43.28 -17.87
CA ASN C 326 12.61 -43.65 -16.47
C ASN C 326 12.71 -42.39 -15.57
N ARG C 327 12.09 -42.42 -14.39
CA ARG C 327 12.10 -41.28 -13.47
C ARG C 327 12.46 -41.75 -12.05
N VAL C 328 13.72 -42.18 -11.90
CA VAL C 328 14.30 -42.74 -10.66
C VAL C 328 14.99 -41.64 -9.86
N PRO C 329 14.55 -41.41 -8.60
CA PRO C 329 15.28 -40.44 -7.77
C PRO C 329 16.60 -41.02 -7.25
N LYS C 330 17.67 -40.24 -7.32
CA LYS C 330 18.85 -40.52 -6.53
C LYS C 330 18.52 -40.04 -5.11
N ILE C 331 18.87 -40.85 -4.12
CA ILE C 331 18.52 -40.55 -2.73
C ILE C 331 19.72 -40.78 -1.79
N GLU C 332 20.90 -40.76 -2.36
CA GLU C 332 22.11 -41.02 -1.57
C GLU C 332 22.34 -39.96 -0.51
N ASN C 333 22.24 -38.67 -0.90
CA ASN C 333 22.37 -37.60 0.09
C ASN C 333 21.28 -37.69 1.18
N THR C 334 20.04 -37.97 0.77
CA THR C 334 18.91 -38.07 1.68
C THR C 334 19.17 -39.17 2.71
N MET C 335 19.57 -40.36 2.25
CA MET C 335 19.86 -41.49 3.16
C MET C 335 21.01 -41.20 4.12
N GLN C 336 22.15 -40.75 3.59
CA GLN C 336 23.36 -40.64 4.39
C GLN C 336 23.36 -39.43 5.30
N GLU C 337 22.81 -38.32 4.81
CA GLU C 337 22.75 -37.13 5.65
C GLU C 337 21.70 -37.25 6.74
N LEU C 338 20.49 -37.65 6.36
CA LEU C 338 19.38 -37.65 7.30
C LEU C 338 19.30 -38.91 8.16
N GLY C 339 20.02 -39.96 7.77
CA GLY C 339 19.88 -41.25 8.46
C GLY C 339 18.50 -41.84 8.19
N TRP C 340 18.22 -42.08 6.92
CA TRP C 340 16.87 -42.42 6.50
C TRP C 340 16.95 -43.51 5.44
N ALA C 341 15.93 -44.35 5.39
CA ALA C 341 15.81 -45.29 4.29
C ALA C 341 14.35 -45.74 4.23
N PRO C 342 13.79 -45.81 3.00
CA PRO C 342 12.40 -46.23 2.84
C PRO C 342 12.24 -47.72 3.11
N GLN C 343 11.18 -48.08 3.84
CA GLN C 343 10.91 -49.44 4.31
C GLN C 343 9.81 -50.15 3.51
N PHE C 344 8.91 -49.36 2.91
CA PHE C 344 7.67 -49.89 2.36
C PHE C 344 7.79 -50.26 0.90
N THR C 345 7.42 -51.50 0.59
CA THR C 345 7.35 -51.98 -0.80
C THR C 345 6.13 -51.41 -1.52
N PHE C 346 6.21 -51.42 -2.85
CA PHE C 346 5.10 -51.01 -3.75
C PHE C 346 3.82 -51.69 -3.30
N ASP C 347 3.92 -52.99 -3.06
CA ASP C 347 2.77 -53.81 -2.73
C ASP C 347 2.14 -53.49 -1.38
N ASP C 348 2.94 -53.37 -0.33
CA ASP C 348 2.43 -52.90 0.98
C ASP C 348 1.77 -51.54 0.77
N ALA C 349 2.44 -50.68 0.00
CA ALA C 349 2.01 -49.30 -0.12
C ALA C 349 0.60 -49.23 -0.72
N LEU C 350 0.38 -49.94 -1.83
CA LEU C 350 -0.93 -49.95 -2.47
C LEU C 350 -1.97 -50.72 -1.67
N ARG C 351 -1.54 -51.79 -1.02
CA ARG C 351 -2.46 -52.58 -0.21
C ARG C 351 -3.00 -51.70 0.94
N GLN C 352 -2.14 -50.90 1.56
CA GLN C 352 -2.55 -49.99 2.65
C GLN C 352 -3.59 -48.95 2.19
N ILE C 353 -3.37 -48.40 1.00
CA ILE C 353 -4.31 -47.50 0.36
C ILE C 353 -5.67 -48.17 0.14
N PHE C 354 -5.69 -49.32 -0.54
CA PHE C 354 -6.96 -50.00 -0.81
C PHE C 354 -7.74 -50.36 0.47
N GLU C 355 -7.04 -50.88 1.48
CA GLU C 355 -7.65 -51.10 2.81
C GLU C 355 -8.27 -49.82 3.35
N ALA C 356 -7.49 -48.74 3.39
CA ALA C 356 -7.94 -47.48 4.01
C ALA C 356 -9.20 -46.94 3.37
N TYR C 357 -9.33 -47.07 2.05
CA TYR C 357 -10.51 -46.52 1.41
C TYR C 357 -11.73 -47.42 1.41
N ARG C 358 -11.61 -48.65 1.95
CA ARG C 358 -12.74 -49.54 1.74
C ARG C 358 -14.01 -49.27 2.54
N GLY C 359 -13.88 -48.56 3.65
CA GLY C 359 -15.05 -47.98 4.33
C GLY C 359 -15.33 -46.55 3.89
N HIS C 360 -14.68 -46.09 2.81
CA HIS C 360 -14.81 -44.69 2.35
C HIS C 360 -14.85 -44.64 0.83
N VAL C 361 -15.72 -45.45 0.24
CA VAL C 361 -15.79 -45.59 -1.22
C VAL C 361 -16.15 -44.26 -1.88
N ALA C 362 -17.08 -43.53 -1.28
CA ALA C 362 -17.49 -42.22 -1.77
C ALA C 362 -16.32 -41.24 -1.80
N ASP C 363 -15.41 -41.33 -0.82
CA ASP C 363 -14.25 -40.44 -0.77
C ASP C 363 -13.24 -40.81 -1.87
N ALA C 364 -13.20 -42.10 -2.23
CA ALA C 364 -12.37 -42.60 -3.32
C ALA C 364 -12.93 -42.07 -4.65
N ARG C 365 -14.25 -42.19 -4.84
CA ARG C 365 -14.88 -41.68 -6.06
C ARG C 365 -14.68 -40.15 -6.21
N ALA C 366 -14.74 -39.41 -5.10
CA ALA C 366 -14.52 -37.94 -5.11
C ALA C 366 -13.10 -37.51 -5.46
N LEU C 367 -12.14 -38.43 -5.38
CA LEU C 367 -10.76 -38.12 -5.74
C LEU C 367 -10.61 -37.47 -7.11
N VAL C 368 -11.48 -37.82 -8.05
CA VAL C 368 -11.44 -37.25 -9.39
C VAL C 368 -12.61 -36.28 -9.68
N GLU C 369 -13.30 -35.81 -8.63
CA GLU C 369 -14.42 -34.85 -8.78
C GLU C 369 -14.01 -33.42 -8.44
N LYS D 23 -21.44 -1.68 28.38
CA LYS D 23 -21.29 -0.47 29.26
C LYS D 23 -19.97 -0.51 30.02
N ALA D 24 -19.48 -1.72 30.31
CA ALA D 24 -18.22 -1.92 31.04
C ALA D 24 -16.99 -1.37 30.28
N LYS D 25 -16.10 -0.70 31.02
CA LYS D 25 -14.88 -0.11 30.43
C LYS D 25 -13.98 -1.19 29.83
N LYS D 26 -13.44 -0.93 28.65
CA LYS D 26 -12.62 -1.93 27.94
C LYS D 26 -11.18 -1.43 27.84
N VAL D 27 -10.26 -2.17 28.45
CA VAL D 27 -8.86 -1.76 28.51
C VAL D 27 -8.05 -2.64 27.53
N LEU D 28 -7.32 -1.96 26.63
CA LEU D 28 -6.54 -2.60 25.61
C LEU D 28 -5.04 -2.54 26.00
N ILE D 29 -4.42 -3.71 26.19
CA ILE D 29 -2.98 -3.78 26.43
C ILE D 29 -2.26 -4.49 25.28
N LEU D 30 -1.41 -3.73 24.58
CA LEU D 30 -0.65 -4.29 23.47
C LEU D 30 0.71 -4.63 24.03
N GLY D 31 1.08 -5.92 23.97
CA GLY D 31 2.22 -6.45 24.71
C GLY D 31 1.81 -6.88 26.12
N VAL D 32 0.76 -7.72 26.22
CA VAL D 32 0.16 -8.07 27.50
C VAL D 32 0.92 -9.17 28.26
N ASN D 33 1.65 -10.01 27.52
CA ASN D 33 2.28 -11.17 28.09
C ASN D 33 3.64 -10.85 28.72
N GLY D 34 3.58 -10.16 29.85
CA GLY D 34 4.79 -9.77 30.58
C GLY D 34 4.45 -9.03 31.86
N PHE D 35 5.44 -8.32 32.35
CA PHE D 35 5.46 -7.75 33.68
C PHE D 35 4.33 -6.77 33.94
N ILE D 36 4.18 -5.73 33.12
CA ILE D 36 3.03 -4.83 33.31
C ILE D 36 1.70 -5.50 32.99
N GLY D 37 1.66 -6.25 31.88
CA GLY D 37 0.39 -6.80 31.40
C GLY D 37 -0.21 -7.77 32.42
N HIS D 38 0.64 -8.57 33.03
CA HIS D 38 0.21 -9.55 34.02
C HIS D 38 -0.29 -8.86 35.32
N HIS D 39 0.50 -7.96 35.88
CA HIS D 39 0.15 -7.31 37.13
C HIS D 39 -1.01 -6.35 36.95
N LEU D 40 -1.02 -5.60 35.85
CA LEU D 40 -2.16 -4.73 35.59
C LEU D 40 -3.45 -5.54 35.42
N SER D 41 -3.39 -6.60 34.61
CA SER D 41 -4.61 -7.36 34.26
C SER D 41 -5.20 -7.93 35.52
N LYS D 42 -4.35 -8.49 36.36
CA LYS D 42 -4.76 -9.11 37.60
C LYS D 42 -5.54 -8.11 38.48
N ARG D 43 -4.99 -6.91 38.63
CA ARG D 43 -5.63 -5.89 39.45
C ARG D 43 -7.00 -5.53 38.86
N ILE D 44 -7.04 -5.30 37.55
CA ILE D 44 -8.28 -4.95 36.87
C ILE D 44 -9.36 -6.00 37.12
N LEU D 45 -8.96 -7.25 36.99
CA LEU D 45 -9.95 -8.32 37.07
C LEU D 45 -10.40 -8.44 38.52
N GLU D 46 -9.48 -8.21 39.46
CA GLU D 46 -9.79 -8.42 40.86
C GLU D 46 -10.54 -7.26 41.53
N THR D 47 -10.35 -6.04 41.04
CA THR D 47 -10.86 -4.86 41.73
C THR D 47 -11.84 -4.02 40.93
N THR D 48 -12.21 -4.47 39.73
CA THR D 48 -13.14 -3.72 38.89
C THR D 48 -14.06 -4.62 38.09
N ASP D 49 -14.99 -4.01 37.37
CA ASP D 49 -15.81 -4.69 36.39
C ASP D 49 -15.33 -4.44 34.93
N TRP D 50 -14.10 -3.95 34.76
CA TRP D 50 -13.64 -3.63 33.41
C TRP D 50 -13.22 -4.89 32.68
N GLU D 51 -13.21 -4.82 31.34
CA GLU D 51 -12.75 -5.94 30.51
C GLU D 51 -11.34 -5.72 29.96
N VAL D 52 -10.50 -6.76 30.03
CA VAL D 52 -9.15 -6.71 29.48
C VAL D 52 -9.06 -7.36 28.09
N PHE D 53 -8.53 -6.60 27.14
CA PHE D 53 -8.18 -7.12 25.83
C PHE D 53 -6.68 -7.02 25.71
N GLY D 54 -6.05 -8.19 25.67
CA GLY D 54 -4.62 -8.29 25.79
C GLY D 54 -4.04 -8.98 24.57
N MET D 55 -3.07 -8.32 23.95
CA MET D 55 -2.45 -8.84 22.74
C MET D 55 -1.02 -9.23 22.96
N ASP D 56 -0.67 -10.42 22.50
CA ASP D 56 0.72 -10.80 22.45
C ASP D 56 0.89 -12.03 21.57
N MET D 57 2.08 -12.58 21.57
CA MET D 57 2.36 -13.76 20.76
C MET D 57 2.13 -15.09 21.54
N GLN D 58 2.41 -15.07 22.84
CA GLN D 58 2.27 -16.21 23.76
C GLN D 58 1.51 -15.77 25.00
N THR D 59 1.23 -16.72 25.89
CA THR D 59 0.55 -16.45 27.17
C THR D 59 1.30 -16.96 28.42
N ASP D 60 2.54 -17.44 28.27
CA ASP D 60 3.27 -18.07 29.39
C ASP D 60 3.51 -17.18 30.61
N ARG D 61 3.27 -15.88 30.51
CA ARG D 61 3.49 -14.98 31.65
C ARG D 61 2.17 -14.56 32.29
N LEU D 62 1.06 -15.09 31.80
CA LEU D 62 -0.23 -14.62 32.24
C LEU D 62 -0.89 -15.50 33.31
N GLY D 63 -0.17 -16.55 33.72
CA GLY D 63 -0.67 -17.47 34.73
C GLY D 63 -2.08 -17.95 34.39
N ASP D 64 -2.99 -17.76 35.33
CA ASP D 64 -4.33 -18.30 35.19
C ASP D 64 -5.30 -17.20 34.78
N LEU D 65 -4.76 -16.06 34.38
CA LEU D 65 -5.63 -14.94 34.04
C LEU D 65 -6.54 -15.20 32.84
N VAL D 66 -6.01 -15.85 31.80
CA VAL D 66 -6.78 -16.11 30.58
CA VAL D 66 -6.82 -16.05 30.58
C VAL D 66 -8.15 -16.76 30.88
N LYS D 67 -8.17 -17.60 31.92
CA LYS D 67 -9.40 -18.29 32.35
C LYS D 67 -10.54 -17.29 32.63
N HIS D 68 -10.20 -16.16 33.24
CA HIS D 68 -11.19 -15.18 33.68
C HIS D 68 -12.03 -14.68 32.52
N GLU D 69 -13.34 -14.66 32.71
CA GLU D 69 -14.22 -14.34 31.61
C GLU D 69 -14.18 -12.86 31.19
N ARG D 70 -13.61 -12.00 32.04
CA ARG D 70 -13.35 -10.62 31.65
C ARG D 70 -11.95 -10.39 31.06
N MET D 71 -11.20 -11.47 30.86
CA MET D 71 -9.85 -11.41 30.27
C MET D 71 -9.91 -11.93 28.83
N HIS D 72 -9.51 -11.11 27.87
CA HIS D 72 -9.61 -11.50 26.47
C HIS D 72 -8.22 -11.44 25.83
N PHE D 73 -7.55 -12.58 25.75
CA PHE D 73 -6.25 -12.60 25.11
C PHE D 73 -6.46 -12.78 23.63
N PHE D 74 -5.68 -12.06 22.84
CA PHE D 74 -5.64 -12.32 21.40
C PHE D 74 -4.21 -12.24 20.86
N GLU D 75 -4.00 -12.91 19.74
CA GLU D 75 -2.69 -13.02 19.13
C GLU D 75 -2.41 -11.88 18.15
N GLY D 76 -1.18 -11.42 18.14
CA GLY D 76 -0.76 -10.45 17.13
C GLY D 76 0.52 -9.75 17.47
N ASP D 77 1.03 -9.00 16.49
CA ASP D 77 2.28 -8.27 16.59
C ASP D 77 2.01 -6.85 16.07
N ILE D 78 2.36 -5.81 16.82
CA ILE D 78 2.02 -4.46 16.34
C ILE D 78 2.70 -4.10 15.00
N THR D 79 3.74 -4.82 14.57
CA THR D 79 4.39 -4.46 13.30
C THR D 79 3.81 -5.19 12.11
N ILE D 80 2.94 -6.16 12.40
CA ILE D 80 2.39 -6.99 11.36
C ILE D 80 0.88 -6.83 11.27
N ASN D 81 0.19 -7.03 12.40
CA ASN D 81 -1.26 -7.22 12.38
C ASN D 81 -1.96 -5.88 12.54
N LYS D 82 -1.73 -5.01 11.55
CA LYS D 82 -2.24 -3.66 11.63
C LYS D 82 -3.77 -3.64 11.72
N GLU D 83 -4.43 -4.50 10.96
CA GLU D 83 -5.90 -4.50 10.90
C GLU D 83 -6.49 -4.90 12.25
N TRP D 84 -5.99 -6.00 12.79
CA TRP D 84 -6.44 -6.55 14.04
C TRP D 84 -6.12 -5.57 15.18
N VAL D 85 -4.98 -4.88 15.11
CA VAL D 85 -4.69 -3.88 16.12
C VAL D 85 -5.66 -2.67 16.04
N GLU D 86 -5.84 -2.11 14.84
CA GLU D 86 -6.74 -0.96 14.69
C GLU D 86 -8.15 -1.30 15.18
N TYR D 87 -8.64 -2.48 14.80
CA TYR D 87 -9.93 -2.94 15.26
C TYR D 87 -10.10 -2.87 16.77
N HIS D 88 -9.11 -3.38 17.52
CA HIS D 88 -9.19 -3.38 18.98
C HIS D 88 -9.10 -1.98 19.58
N VAL D 89 -8.38 -1.08 18.91
CA VAL D 89 -8.33 0.31 19.33
C VAL D 89 -9.70 0.99 19.20
N LYS D 90 -10.39 0.75 18.08
CA LYS D 90 -11.71 1.30 17.91
C LYS D 90 -12.67 0.67 18.94
N LYS D 91 -12.47 -0.60 19.22
CA LYS D 91 -13.35 -1.35 20.13
C LYS D 91 -13.19 -0.92 21.61
N CYS D 92 -11.95 -0.66 22.02
CA CYS D 92 -11.65 -0.40 23.42
C CYS D 92 -11.77 1.07 23.81
N ASP D 93 -11.72 1.34 25.11
CA ASP D 93 -11.86 2.69 25.66
C ASP D 93 -10.49 3.30 25.97
N VAL D 94 -9.59 2.47 26.51
CA VAL D 94 -8.28 2.90 26.99
C VAL D 94 -7.18 2.05 26.32
N ILE D 95 -6.13 2.70 25.84
CA ILE D 95 -5.16 2.05 24.94
C ILE D 95 -3.79 2.16 25.60
N LEU D 96 -3.20 1.03 25.99
CA LEU D 96 -1.82 1.03 26.50
C LEU D 96 -0.84 0.32 25.60
N PRO D 97 0.00 1.09 24.84
CA PRO D 97 0.88 0.37 23.93
C PRO D 97 2.24 0.11 24.62
N LEU D 98 2.50 -1.12 25.04
CA LEU D 98 3.71 -1.37 25.86
C LEU D 98 4.92 -1.89 25.09
N VAL D 99 4.73 -2.16 23.80
CA VAL D 99 5.78 -2.78 22.98
C VAL D 99 6.89 -1.77 22.64
N ALA D 100 8.12 -2.10 22.99
CA ALA D 100 9.26 -1.19 22.77
C ALA D 100 10.51 -1.95 23.09
N ILE D 101 11.59 -1.72 22.35
CA ILE D 101 12.87 -2.19 22.79
C ILE D 101 13.28 -1.25 23.94
N ALA D 102 13.52 -1.84 25.13
CA ALA D 102 13.93 -1.08 26.32
C ALA D 102 15.17 -1.67 27.01
N THR D 103 16.12 -2.14 26.19
CA THR D 103 17.31 -2.83 26.64
C THR D 103 18.50 -1.98 26.32
N PRO D 104 19.19 -1.46 27.36
CA PRO D 104 20.26 -0.49 27.13
C PRO D 104 21.35 -0.89 26.13
N ALA D 105 21.73 -2.16 26.06
CA ALA D 105 22.77 -2.62 25.12
C ALA D 105 22.30 -2.49 23.67
N THR D 106 20.99 -2.59 23.45
CA THR D 106 20.49 -2.53 22.09
C THR D 106 20.51 -1.10 21.58
N TYR D 107 20.31 -0.12 22.47
CA TYR D 107 20.38 1.30 22.09
C TYR D 107 21.70 1.62 21.41
N VAL D 108 22.79 1.15 21.98
CA VAL D 108 24.15 1.34 21.49
C VAL D 108 24.41 0.60 20.17
N LYS D 109 24.06 -0.68 20.10
CA LYS D 109 24.49 -1.53 18.96
C LYS D 109 23.52 -1.50 17.77
N GLN D 110 22.22 -1.37 18.08
CA GLN D 110 21.15 -1.39 17.07
C GLN D 110 20.22 -0.18 17.22
N PRO D 111 20.77 1.06 17.15
CA PRO D 111 19.93 2.25 17.39
C PRO D 111 18.73 2.34 16.40
N LEU D 112 18.91 1.87 15.17
CA LEU D 112 17.81 1.93 14.20
C LEU D 112 16.61 1.09 14.58
N ARG D 113 16.85 -0.12 15.10
CA ARG D 113 15.75 -0.98 15.55
C ARG D 113 14.99 -0.34 16.69
N VAL D 114 15.70 0.45 17.50
CA VAL D 114 15.04 1.07 18.67
C VAL D 114 14.10 2.15 18.15
N PHE D 115 14.60 2.98 17.24
CA PHE D 115 13.74 4.00 16.65
C PHE D 115 12.53 3.37 15.93
N GLU D 116 12.78 2.32 15.14
CA GLU D 116 11.72 1.70 14.31
C GLU D 116 10.56 1.13 15.12
N LEU D 117 10.88 0.51 16.25
CA LEU D 117 9.84 -0.14 17.06
C LEU D 117 9.22 0.87 18.03
N ASP D 118 10.07 1.63 18.73
CA ASP D 118 9.60 2.45 19.84
C ASP D 118 8.86 3.68 19.34
N PHE D 119 9.33 4.25 18.25
CA PHE D 119 8.66 5.39 17.68
C PHE D 119 7.78 4.97 16.50
N GLU D 120 8.42 4.52 15.44
CA GLU D 120 7.75 4.44 14.15
C GLU D 120 6.57 3.44 14.14
N ALA D 121 6.72 2.31 14.85
CA ALA D 121 5.68 1.30 14.88
C ALA D 121 4.59 1.65 15.91
N ASN D 122 4.89 2.54 16.86
CA ASN D 122 3.86 2.96 17.79
C ASN D 122 3.01 4.12 17.31
N LEU D 123 3.56 4.89 16.38
CA LEU D 123 2.86 6.07 15.91
C LEU D 123 1.49 5.74 15.27
N PRO D 124 1.38 4.66 14.45
CA PRO D 124 0.02 4.41 13.92
C PRO D 124 -0.98 4.10 15.02
N ILE D 125 -0.52 3.53 16.14
CA ILE D 125 -1.39 3.21 17.27
C ILE D 125 -1.87 4.51 17.92
N VAL D 126 -0.96 5.46 18.09
CA VAL D 126 -1.32 6.77 18.65
C VAL D 126 -2.39 7.41 17.76
N ARG D 127 -2.17 7.35 16.45
CA ARG D 127 -3.08 7.96 15.49
C ARG D 127 -4.48 7.30 15.44
N SER D 128 -4.54 5.98 15.61
CA SER D 128 -5.83 5.28 15.76
C SER D 128 -6.54 5.72 17.04
N ALA D 129 -5.79 5.92 18.14
CA ALA D 129 -6.40 6.43 19.38
C ALA D 129 -7.01 7.81 19.14
N VAL D 130 -6.29 8.64 18.38
CA VAL D 130 -6.80 9.95 17.99
C VAL D 130 -8.12 9.80 17.20
N LYS D 131 -8.07 8.99 16.15
CA LYS D 131 -9.18 8.80 15.20
C LYS D 131 -10.48 8.37 15.91
N TYR D 132 -10.36 7.47 16.87
CA TYR D 132 -11.54 6.86 17.49
C TYR D 132 -11.94 7.50 18.81
N GLY D 133 -11.25 8.58 19.21
CA GLY D 133 -11.54 9.31 20.43
C GLY D 133 -11.26 8.54 21.71
N LYS D 134 -10.17 7.79 21.76
CA LYS D 134 -9.89 6.94 22.92
C LYS D 134 -8.99 7.61 23.96
N HIS D 135 -8.83 6.96 25.11
CA HIS D 135 -7.88 7.42 26.13
C HIS D 135 -6.55 6.70 25.92
N LEU D 136 -5.55 7.41 25.43
CA LEU D 136 -4.24 6.86 25.18
C LEU D 136 -3.40 6.98 26.46
N VAL D 137 -3.02 5.84 27.05
CA VAL D 137 -2.19 5.84 28.27
C VAL D 137 -0.83 5.30 27.89
N PHE D 138 0.12 6.20 27.71
CA PHE D 138 1.34 5.81 27.01
C PHE D 138 2.57 5.67 27.94
N PRO D 139 3.33 4.55 27.82
CA PRO D 139 4.55 4.45 28.64
C PRO D 139 5.68 5.30 28.08
N SER D 140 5.83 6.50 28.62
CA SER D 140 7.02 7.26 28.45
C SER D 140 8.12 6.57 29.29
N THR D 141 9.26 7.24 29.48
CA THR D 141 10.38 6.64 30.23
C THR D 141 11.00 7.62 31.21
N SER D 142 11.50 7.08 32.32
CA SER D 142 12.33 7.83 33.30
C SER D 142 13.59 8.42 32.66
N GLU D 143 14.11 7.74 31.64
CA GLU D 143 15.25 8.22 30.86
C GLU D 143 15.04 9.51 30.07
N VAL D 144 13.79 9.96 29.91
CA VAL D 144 13.55 11.14 29.08
C VAL D 144 14.25 12.40 29.66
N TYR D 145 14.45 12.44 30.98
CA TYR D 145 15.15 13.56 31.64
C TYR D 145 16.62 13.62 31.32
N GLY D 146 17.19 12.46 30.98
CA GLY D 146 18.57 12.38 30.59
C GLY D 146 19.48 12.79 31.73
N MET D 147 20.44 13.64 31.41
CA MET D 147 21.44 14.12 32.37
C MET D 147 20.95 15.37 33.10
N CYS D 148 19.67 15.39 33.47
CA CYS D 148 19.07 16.51 34.19
C CYS D 148 19.76 16.68 35.54
N ALA D 149 20.04 17.92 35.92
CA ALA D 149 20.70 18.24 37.19
C ALA D 149 19.74 18.47 38.39
N ASP D 150 18.44 18.62 38.12
CA ASP D 150 17.43 18.92 39.15
C ASP D 150 17.44 17.86 40.25
N GLU D 151 17.33 18.31 41.51
CA GLU D 151 17.21 17.42 42.67
C GLU D 151 16.07 16.41 42.52
N GLN D 152 14.94 16.85 41.96
CA GLN D 152 13.86 15.92 41.55
C GLN D 152 13.37 16.17 40.13
N PHE D 153 13.13 15.09 39.41
CA PHE D 153 12.78 15.20 38.00
C PHE D 153 11.31 15.60 37.88
N ASP D 154 11.07 16.82 37.42
CA ASP D 154 9.72 17.37 37.42
C ASP D 154 9.10 17.33 36.02
N PRO D 155 8.02 16.53 35.83
CA PRO D 155 7.50 16.34 34.44
C PRO D 155 6.95 17.65 33.84
N ASP D 156 6.63 18.64 34.69
CA ASP D 156 6.06 19.90 34.22
C ASP D 156 7.09 20.99 34.02
N ALA D 157 8.35 20.71 34.36
CA ALA D 157 9.36 21.78 34.42
C ALA D 157 10.81 21.40 34.10
N SER D 158 11.25 20.18 34.45
CA SER D 158 12.65 19.81 34.29
C SER D 158 13.08 19.82 32.82
N ALA D 159 14.26 20.39 32.59
CA ALA D 159 14.90 20.34 31.27
C ALA D 159 15.38 18.92 30.97
N LEU D 160 15.58 18.62 29.68
CA LEU D 160 15.90 17.25 29.24
C LEU D 160 17.17 17.28 28.42
N THR D 161 18.17 16.50 28.86
CA THR D 161 19.52 16.67 28.37
C THR D 161 20.11 15.34 27.93
N TYR D 162 20.45 15.22 26.65
CA TYR D 162 21.10 13.99 26.14
C TYR D 162 22.48 14.30 25.66
N GLY D 163 23.28 13.27 25.41
CA GLY D 163 24.63 13.51 24.90
C GLY D 163 24.58 13.83 23.41
N PRO D 164 25.75 13.88 22.78
CA PRO D 164 25.84 14.20 21.36
C PRO D 164 25.29 13.09 20.47
N ILE D 165 25.20 13.39 19.18
CA ILE D 165 24.77 12.41 18.18
C ILE D 165 25.70 11.18 18.16
N ASN D 166 26.99 11.37 18.43
CA ASN D 166 27.95 10.27 18.36
C ASN D 166 27.86 9.31 19.55
N LYS D 167 26.87 9.54 20.42
CA LYS D 167 26.50 8.58 21.47
C LYS D 167 25.08 8.09 21.18
N PRO D 168 24.99 6.95 20.45
CA PRO D 168 23.69 6.54 19.96
C PRO D 168 22.82 5.95 21.04
N ARG D 169 23.38 5.72 22.22
CA ARG D 169 22.52 5.25 23.30
C ARG D 169 21.32 6.20 23.50
N TRP D 170 21.50 7.49 23.20
CA TRP D 170 20.47 8.50 23.45
C TRP D 170 19.28 8.41 22.45
N ILE D 171 19.37 7.52 21.46
CA ILE D 171 18.26 7.34 20.53
C ILE D 171 17.01 6.80 21.25
N TYR D 172 17.19 6.04 22.31
CA TYR D 172 16.01 5.59 23.08
C TYR D 172 15.32 6.79 23.69
N ALA D 173 16.04 7.55 24.51
CA ALA D 173 15.45 8.74 25.16
C ALA D 173 14.89 9.77 24.14
N CYS D 174 15.64 10.05 23.08
CA CYS D 174 15.20 10.97 22.06
C CYS D 174 13.96 10.45 21.30
N SER D 175 13.87 9.14 21.03
CA SER D 175 12.70 8.57 20.34
C SER D 175 11.49 8.73 21.24
N LYS D 176 11.68 8.43 22.53
CA LYS D 176 10.60 8.51 23.51
C LYS D 176 10.15 9.95 23.73
N GLN D 177 11.10 10.88 23.79
CA GLN D 177 10.77 12.30 23.93
C GLN D 177 9.91 12.77 22.75
N LEU D 178 10.27 12.35 21.54
CA LEU D 178 9.58 12.87 20.37
C LEU D 178 8.19 12.30 20.35
N MET D 179 8.08 11.02 20.69
CA MET D 179 6.75 10.42 20.84
C MET D 179 5.93 11.22 21.85
N ASP D 180 6.52 11.64 22.99
CA ASP D 180 5.77 12.45 23.98
C ASP D 180 5.28 13.77 23.37
N ARG D 181 6.12 14.42 22.56
CA ARG D 181 5.78 15.70 21.98
C ARG D 181 4.71 15.52 20.91
N VAL D 182 4.78 14.41 20.18
CA VAL D 182 3.75 14.12 19.16
C VAL D 182 2.38 13.87 19.84
N ILE D 183 2.40 13.05 20.90
CA ILE D 183 1.18 12.81 21.68
C ILE D 183 0.64 14.15 22.23
N TRP D 184 1.55 14.96 22.78
CA TRP D 184 1.18 16.28 23.30
C TRP D 184 0.54 17.15 22.23
N GLY D 185 1.14 17.18 21.03
CA GLY D 185 0.55 17.90 19.89
C GLY D 185 -0.86 17.45 19.55
N TYR D 186 -1.10 16.15 19.65
CA TYR D 186 -2.45 15.62 19.46
C TYR D 186 -3.38 15.99 20.59
N GLY D 187 -2.82 16.11 21.80
CA GLY D 187 -3.56 16.62 22.96
C GLY D 187 -4.06 18.02 22.70
N MET D 188 -3.22 18.85 22.07
CA MET D 188 -3.64 20.23 21.72
C MET D 188 -4.81 20.24 20.73
N GLU D 189 -5.02 19.15 20.00
CA GLU D 189 -6.12 19.06 19.04
C GLU D 189 -7.28 18.26 19.58
N GLY D 190 -7.18 17.83 20.84
CA GLY D 190 -8.31 17.11 21.49
C GLY D 190 -8.08 15.67 21.95
N LEU D 191 -6.88 15.12 21.74
CA LEU D 191 -6.61 13.72 22.12
C LEU D 191 -6.63 13.58 23.63
N ASN D 192 -7.39 12.62 24.16
CA ASN D 192 -7.38 12.33 25.60
C ASN D 192 -6.19 11.41 25.89
N PHE D 193 -5.10 11.95 26.45
CA PHE D 193 -3.91 11.12 26.75
C PHE D 193 -3.45 11.28 28.21
N THR D 194 -2.66 10.30 28.67
CA THR D 194 -1.85 10.43 29.87
C THR D 194 -0.51 9.74 29.60
N LEU D 195 0.57 10.49 29.85
CA LEU D 195 1.90 9.92 29.75
C LEU D 195 2.30 9.48 31.15
N PHE D 196 2.84 8.28 31.27
CA PHE D 196 3.42 7.82 32.54
C PHE D 196 4.86 7.35 32.36
N ARG D 197 5.70 7.65 33.37
CA ARG D 197 7.13 7.33 33.34
C ARG D 197 7.44 6.51 34.59
N PRO D 198 7.55 5.18 34.41
CA PRO D 198 7.84 4.33 35.56
C PRO D 198 9.31 4.43 35.92
N PHE D 199 9.59 4.56 37.21
CA PHE D 199 10.97 4.61 37.73
C PHE D 199 11.30 3.26 38.30
N ASN D 200 12.07 2.50 37.52
CA ASN D 200 12.55 1.19 37.94
C ASN D 200 11.56 0.35 38.74
N TRP D 201 10.47 -0.03 38.09
CA TRP D 201 9.46 -0.90 38.68
C TRP D 201 10.05 -2.26 38.80
N ILE D 202 9.81 -2.89 39.95
CA ILE D 202 10.34 -4.21 40.21
C ILE D 202 9.35 -5.10 40.92
N GLY D 203 9.43 -6.40 40.65
CA GLY D 203 8.56 -7.33 41.33
C GLY D 203 8.67 -8.67 40.67
N PRO D 204 7.80 -9.61 41.05
CA PRO D 204 7.73 -10.92 40.39
C PRO D 204 7.38 -10.75 38.92
N GLY D 205 7.78 -11.71 38.08
CA GLY D 205 7.39 -11.71 36.69
C GLY D 205 8.10 -10.63 35.90
N LEU D 206 9.37 -10.38 36.24
CA LEU D 206 10.24 -9.45 35.51
C LEU D 206 10.35 -9.83 34.03
N ASP D 207 10.27 -8.87 33.13
CA ASP D 207 10.55 -9.17 31.71
C ASP D 207 12.03 -9.51 31.53
N SER D 208 12.31 -10.57 30.78
CA SER D 208 13.70 -10.89 30.48
C SER D 208 14.30 -9.73 29.70
N ILE D 209 15.62 -9.62 29.78
CA ILE D 209 16.38 -8.46 29.33
C ILE D 209 16.21 -8.12 27.88
N TYR D 210 15.99 -9.13 27.04
CA TYR D 210 15.77 -8.88 25.63
C TYR D 210 14.29 -8.89 25.21
N THR D 211 13.36 -8.95 26.18
CA THR D 211 11.94 -8.80 25.86
C THR D 211 11.61 -7.35 25.44
N PRO D 212 11.04 -7.16 24.24
CA PRO D 212 10.71 -5.77 23.84
C PRO D 212 9.41 -5.24 24.45
N LYS D 213 9.42 -4.94 25.74
CA LYS D 213 8.27 -4.28 26.35
C LYS D 213 8.78 -3.28 27.35
N GLU D 214 8.06 -2.17 27.48
CA GLU D 214 8.26 -1.30 28.63
C GLU D 214 7.76 -2.04 29.88
N GLY D 215 8.45 -1.87 30.99
CA GLY D 215 7.95 -2.40 32.24
C GLY D 215 8.95 -2.39 33.38
N SER D 216 9.81 -3.39 33.43
CA SER D 216 10.63 -3.67 34.61
C SER D 216 12.05 -3.15 34.47
N SER D 217 12.64 -2.85 35.61
CA SER D 217 14.04 -2.46 35.70
C SER D 217 14.99 -3.55 35.21
N ARG D 218 15.72 -3.25 34.13
CA ARG D 218 16.69 -4.17 33.54
C ARG D 218 17.91 -4.44 34.43
N VAL D 219 18.38 -3.44 35.17
CA VAL D 219 19.55 -3.66 36.07
C VAL D 219 19.20 -4.69 37.19
N VAL D 220 18.04 -4.50 37.83
CA VAL D 220 17.58 -5.45 38.84
C VAL D 220 17.45 -6.82 38.21
N THR D 221 16.83 -6.89 37.03
CA THR D 221 16.63 -8.17 36.34
C THR D 221 17.94 -8.85 36.00
N GLN D 222 18.87 -8.12 35.40
CA GLN D 222 20.21 -8.64 35.09
C GLN D 222 20.99 -9.11 36.34
N PHE D 223 20.91 -8.32 37.43
CA PHE D 223 21.62 -8.67 38.66
C PHE D 223 21.09 -9.98 39.21
N LEU D 224 19.77 -10.19 39.14
CA LEU D 224 19.18 -11.45 39.59
C LEU D 224 19.64 -12.59 38.72
N GLY D 225 19.72 -12.34 37.41
CA GLY D 225 20.23 -13.33 36.47
C GLY D 225 21.59 -13.81 36.89
N HIS D 226 22.54 -12.88 37.06
CA HIS D 226 23.91 -13.23 37.50
C HIS D 226 23.92 -13.97 38.83
N ILE D 227 23.18 -13.45 39.79
CA ILE D 227 23.13 -14.08 41.10
C ILE D 227 22.72 -15.55 41.05
N VAL D 228 21.56 -15.84 40.48
CA VAL D 228 21.10 -17.22 40.36
C VAL D 228 22.08 -18.09 39.51
N ARG D 229 22.77 -17.48 38.55
CA ARG D 229 23.75 -18.18 37.73
C ARG D 229 25.17 -18.18 38.30
N GLY D 230 25.37 -17.61 39.48
CA GLY D 230 26.72 -17.50 40.06
C GLY D 230 27.73 -16.73 39.21
N GLU D 231 27.23 -15.77 38.44
CA GLU D 231 28.08 -14.93 37.59
C GLU D 231 28.43 -13.60 38.27
N ASN D 232 29.57 -13.05 37.92
CA ASN D 232 30.00 -11.78 38.46
C ASN D 232 29.11 -10.63 38.00
N ILE D 233 28.91 -9.66 38.89
CA ILE D 233 28.15 -8.47 38.55
C ILE D 233 29.12 -7.35 38.16
N SER D 234 28.82 -6.66 37.08
CA SER D 234 29.69 -5.58 36.63
C SER D 234 29.14 -4.24 37.06
N LEU D 235 30.02 -3.42 37.65
CA LEU D 235 29.70 -2.05 38.02
C LEU D 235 30.46 -1.09 37.09
N VAL D 236 29.76 -0.13 36.50
CA VAL D 236 30.44 0.85 35.65
C VAL D 236 30.74 2.11 36.42
N ASP D 237 31.95 2.67 36.24
CA ASP D 237 32.40 3.86 36.97
C ASP D 237 32.15 3.70 38.47
N GLY D 238 32.47 2.52 38.99
CA GLY D 238 32.28 2.22 40.41
C GLY D 238 30.85 2.09 40.93
N GLY D 239 29.86 2.01 40.03
CA GLY D 239 28.45 1.75 40.41
C GLY D 239 27.88 2.79 41.38
N SER D 240 28.27 4.03 41.20
CA SER D 240 27.87 5.06 42.14
C SER D 240 26.50 5.71 41.82
N GLN D 241 25.95 5.42 40.64
CA GLN D 241 24.71 6.10 40.23
C GLN D 241 23.52 5.69 41.13
N LYS D 242 22.86 6.69 41.72
CA LYS D 242 21.62 6.47 42.48
C LYS D 242 20.41 6.39 41.56
N ARG D 243 19.42 5.59 41.94
CA ARG D 243 18.15 5.48 41.20
C ARG D 243 17.03 5.24 42.20
N ALA D 244 15.80 5.53 41.77
CA ALA D 244 14.63 5.23 42.59
C ALA D 244 13.97 3.95 42.14
N PHE D 245 13.73 3.07 43.11
CA PHE D 245 13.17 1.77 42.82
C PHE D 245 11.75 1.67 43.35
N THR D 246 10.89 0.99 42.61
CA THR D 246 9.46 1.01 42.88
C THR D 246 8.89 -0.40 42.81
N TYR D 247 8.22 -0.83 43.87
CA TYR D 247 7.57 -2.11 43.80
C TYR D 247 6.38 -2.04 42.81
N VAL D 248 6.17 -3.13 42.09
CA VAL D 248 5.17 -3.18 41.03
C VAL D 248 3.77 -2.84 41.52
N ASP D 249 3.38 -3.32 42.71
CA ASP D 249 2.06 -2.98 43.26
C ASP D 249 1.83 -1.46 43.34
N ASP D 250 2.80 -0.68 43.82
CA ASP D 250 2.67 0.81 43.80
C ASP D 250 2.53 1.36 42.38
N GLY D 251 3.19 0.69 41.42
CA GLY D 251 3.16 1.12 40.01
C GLY D 251 1.76 0.97 39.45
N ILE D 252 1.22 -0.23 39.61
CA ILE D 252 -0.15 -0.57 39.22
C ILE D 252 -1.23 0.31 39.87
N SER D 253 -1.09 0.66 41.15
CA SER D 253 -2.09 1.50 41.82
C SER D 253 -2.24 2.85 41.12
N ALA D 254 -1.12 3.47 40.76
CA ALA D 254 -1.12 4.70 39.99
C ALA D 254 -1.82 4.51 38.62
N LEU D 255 -1.42 3.48 37.88
CA LEU D 255 -2.04 3.19 36.57
C LEU D 255 -3.54 3.04 36.67
N MET D 256 -4.01 2.28 37.65
CA MET D 256 -5.44 2.10 37.89
C MET D 256 -6.18 3.43 38.06
N LYS D 257 -5.58 4.34 38.83
CA LYS D 257 -6.12 5.67 39.05
C LYS D 257 -6.15 6.46 37.73
N ILE D 258 -5.10 6.28 36.93
CA ILE D 258 -5.04 6.90 35.61
C ILE D 258 -6.19 6.37 34.73
N ILE D 259 -6.38 5.05 34.73
CA ILE D 259 -7.34 4.42 33.84
C ILE D 259 -8.75 4.79 34.29
N GLU D 260 -8.96 4.77 35.60
CA GLU D 260 -10.22 5.25 36.16
C GLU D 260 -10.50 6.70 35.74
N ASN D 261 -9.45 7.53 35.72
CA ASN D 261 -9.55 8.95 35.36
C ASN D 261 -10.74 9.69 36.03
N SER D 262 -10.75 9.67 37.36
CA SER D 262 -11.77 10.38 38.16
C SER D 262 -11.85 11.85 37.76
N ASN D 263 -13.05 12.26 37.32
CA ASN D 263 -13.31 13.64 36.86
C ASN D 263 -12.41 14.18 35.74
N GLY D 264 -11.82 13.28 34.97
CA GLY D 264 -10.95 13.64 33.84
C GLY D 264 -9.61 14.22 34.28
N VAL D 265 -9.27 14.03 35.55
CA VAL D 265 -8.08 14.64 36.15
C VAL D 265 -6.75 14.23 35.50
N ALA D 266 -6.67 13.00 34.98
CA ALA D 266 -5.45 12.52 34.35
C ALA D 266 -5.31 12.97 32.89
N THR D 267 -6.36 13.59 32.35
CA THR D 267 -6.41 13.97 30.94
C THR D 267 -5.44 15.08 30.65
N GLY D 268 -4.48 14.78 29.79
CA GLY D 268 -3.49 15.76 29.38
C GLY D 268 -2.31 15.85 30.32
N LYS D 269 -2.23 14.91 31.28
CA LYS D 269 -1.16 14.94 32.29
C LYS D 269 0.02 14.01 32.01
N ILE D 270 1.14 14.31 32.68
CA ILE D 270 2.36 13.48 32.67
C ILE D 270 2.76 13.11 34.10
N TYR D 271 2.79 11.82 34.41
CA TYR D 271 3.12 11.34 35.76
C TYR D 271 4.38 10.48 35.85
N ASN D 272 5.35 10.89 36.66
CA ASN D 272 6.40 9.97 37.15
C ASN D 272 5.70 8.99 38.10
N ILE D 273 5.96 7.70 37.92
CA ILE D 273 5.44 6.73 38.86
C ILE D 273 6.62 5.99 39.48
N GLY D 274 7.01 6.47 40.65
CA GLY D 274 8.13 5.92 41.34
C GLY D 274 8.09 6.28 42.81
N ASN D 275 8.95 5.60 43.55
CA ASN D 275 9.12 5.85 44.99
C ASN D 275 10.48 6.49 45.28
N PRO D 276 10.49 7.81 45.43
CA PRO D 276 11.68 8.59 45.70
C PRO D 276 12.37 8.20 47.00
N ASN D 277 11.66 7.55 47.92
CA ASN D 277 12.30 7.12 49.20
C ASN D 277 13.16 5.85 49.07
N ASN D 278 13.03 5.15 47.93
CA ASN D 278 13.80 3.92 47.66
C ASN D 278 14.99 4.23 46.74
N ASN D 279 15.89 5.07 47.23
CA ASN D 279 16.94 5.68 46.42
C ASN D 279 18.27 4.97 46.66
N PHE D 280 18.70 4.14 45.71
CA PHE D 280 19.84 3.24 45.97
C PHE D 280 20.85 3.25 44.83
N SER D 281 22.14 3.13 45.14
CA SER D 281 23.12 3.08 44.05
C SER D 281 23.14 1.70 43.45
N VAL D 282 23.83 1.54 42.33
CA VAL D 282 23.95 0.25 41.69
C VAL D 282 24.79 -0.71 42.54
N ARG D 283 25.84 -0.20 43.18
CA ARG D 283 26.62 -1.00 44.14
C ARG D 283 25.74 -1.50 45.30
N GLU D 284 24.94 -0.59 45.87
CA GLU D 284 24.05 -0.93 46.96
C GLU D 284 23.04 -1.98 46.52
N LEU D 285 22.41 -1.78 45.35
CA LEU D 285 21.50 -2.78 44.80
C LEU D 285 22.13 -4.17 44.72
N ALA D 286 23.32 -4.27 44.16
CA ALA D 286 24.04 -5.54 44.08
C ALA D 286 24.24 -6.12 45.49
N ASN D 287 24.80 -5.32 46.38
CA ASN D 287 25.07 -5.77 47.76
C ASN D 287 23.80 -6.24 48.46
N LYS D 288 22.75 -5.40 48.46
CA LYS D 288 21.48 -5.78 49.12
C LYS D 288 20.90 -7.06 48.54
N MET D 289 21.02 -7.22 47.21
CA MET D 289 20.51 -8.42 46.53
C MET D 289 21.33 -9.63 46.96
N LEU D 290 22.64 -9.44 47.08
CA LEU D 290 23.54 -10.51 47.51
C LEU D 290 23.31 -10.89 48.97
N GLU D 291 23.16 -9.89 49.84
CA GLU D 291 22.86 -10.13 51.25
C GLU D 291 21.53 -10.91 51.36
N LEU D 292 20.51 -10.44 50.64
CA LEU D 292 19.21 -11.09 50.67
C LEU D 292 19.25 -12.55 50.15
N ALA D 293 19.92 -12.79 49.03
CA ALA D 293 20.06 -14.15 48.49
C ALA D 293 20.66 -15.19 49.49
N ALA D 294 21.60 -14.74 50.34
CA ALA D 294 22.25 -15.62 51.33
C ALA D 294 21.28 -16.20 52.37
N GLU D 295 20.11 -15.57 52.51
CA GLU D 295 19.00 -16.04 53.37
C GLU D 295 18.14 -17.14 52.76
N PHE D 296 18.31 -17.38 51.46
CA PHE D 296 17.49 -18.36 50.73
C PHE D 296 18.31 -19.58 50.28
N PRO D 297 17.94 -20.78 50.77
CA PRO D 297 18.61 -22.05 50.41
C PRO D 297 18.81 -22.23 48.90
N GLU D 298 17.79 -21.86 48.13
CA GLU D 298 17.79 -22.03 46.69
C GLU D 298 18.78 -21.11 45.97
N TYR D 299 19.16 -20.01 46.62
CA TYR D 299 20.06 -19.02 46.01
C TYR D 299 21.48 -19.01 46.54
N ALA D 300 21.63 -19.27 47.84
CA ALA D 300 22.88 -19.03 48.57
C ALA D 300 24.17 -19.59 47.94
N ASP D 301 24.13 -20.82 47.45
CA ASP D 301 25.32 -21.49 46.89
C ASP D 301 25.86 -20.73 45.66
N SER D 302 24.95 -20.26 44.82
CA SER D 302 25.32 -19.47 43.66
C SER D 302 25.70 -18.04 44.05
N ALA D 303 24.94 -17.45 44.97
CA ALA D 303 25.17 -16.08 45.42
C ALA D 303 26.60 -15.86 45.96
N LYS D 304 27.18 -16.89 46.57
CA LYS D 304 28.52 -16.83 47.15
C LYS D 304 29.62 -16.59 46.12
N ARG D 305 29.39 -17.05 44.90
CA ARG D 305 30.43 -16.97 43.86
C ARG D 305 30.50 -15.58 43.24
N VAL D 306 29.46 -14.77 43.47
CA VAL D 306 29.36 -13.47 42.84
C VAL D 306 30.35 -12.48 43.46
N LYS D 307 31.25 -11.99 42.63
CA LYS D 307 32.11 -10.86 42.98
C LYS D 307 31.62 -9.64 42.19
N LEU D 308 31.85 -8.46 42.73
CA LEU D 308 31.55 -7.22 42.03
C LEU D 308 32.81 -6.74 41.32
N VAL D 309 32.73 -6.54 40.01
CA VAL D 309 33.90 -6.16 39.22
C VAL D 309 33.75 -4.73 38.67
N GLU D 310 34.79 -3.92 38.85
CA GLU D 310 34.82 -2.55 38.33
C GLU D 310 35.10 -2.52 36.83
N THR D 311 34.25 -1.78 36.09
CA THR D 311 34.43 -1.53 34.66
C THR D 311 34.60 -0.02 34.45
N THR D 312 35.04 0.38 33.25
CA THR D 312 35.37 1.78 32.99
C THR D 312 34.83 2.27 31.64
N ASN D 326 22.48 11.06 40.08
CA ASN D 326 21.25 10.88 40.85
C ASN D 326 19.92 11.11 40.10
N ARG D 327 18.98 10.16 40.23
CA ARG D 327 17.73 10.14 39.44
C ARG D 327 16.41 10.05 40.26
N VAL D 328 16.13 11.08 41.06
CA VAL D 328 14.91 11.11 41.89
C VAL D 328 13.68 11.70 41.16
N PRO D 329 12.59 10.91 41.09
CA PRO D 329 11.36 11.42 40.51
C PRO D 329 10.60 12.39 41.43
N LYS D 330 10.22 13.55 40.91
CA LYS D 330 9.18 14.31 41.61
C LYS D 330 7.84 13.62 41.35
N ILE D 331 7.03 13.47 42.40
CA ILE D 331 5.74 12.76 42.33
C ILE D 331 4.60 13.52 43.01
N GLU D 332 4.78 14.81 43.17
CA GLU D 332 3.75 15.69 43.76
C GLU D 332 2.43 15.64 42.98
N ASN D 333 2.48 15.91 41.67
CA ASN D 333 1.25 15.91 40.85
C ASN D 333 0.61 14.54 40.82
N THR D 334 1.44 13.52 40.78
CA THR D 334 0.99 12.15 40.81
C THR D 334 0.21 11.85 42.10
N MET D 335 0.84 12.15 43.22
CA MET D 335 0.23 12.00 44.53
C MET D 335 -1.07 12.78 44.67
N GLN D 336 -1.05 14.04 44.29
CA GLN D 336 -2.21 14.93 44.50
C GLN D 336 -3.37 14.63 43.56
N GLU D 337 -3.08 14.47 42.28
CA GLU D 337 -4.16 14.29 41.29
C GLU D 337 -4.76 12.88 41.30
N LEU D 338 -3.92 11.88 41.55
CA LEU D 338 -4.38 10.49 41.58
C LEU D 338 -4.75 9.97 42.97
N GLY D 339 -4.45 10.75 44.02
CA GLY D 339 -4.74 10.29 45.38
C GLY D 339 -3.94 9.05 45.65
N TRP D 340 -2.63 9.16 45.51
CA TRP D 340 -1.78 8.00 45.44
C TRP D 340 -0.52 8.18 46.26
N ALA D 341 -0.08 7.10 46.89
CA ALA D 341 1.19 7.11 47.59
C ALA D 341 1.83 5.74 47.47
N PRO D 342 3.15 5.72 47.19
CA PRO D 342 3.91 4.46 47.15
C PRO D 342 4.09 3.89 48.58
N GLN D 343 3.79 2.59 48.75
CA GLN D 343 3.73 1.97 50.07
C GLN D 343 4.91 1.05 50.38
N PHE D 344 5.62 0.57 49.36
CA PHE D 344 6.60 -0.49 49.57
C PHE D 344 8.04 0.01 49.62
N THR D 345 8.74 -0.39 50.69
CA THR D 345 10.16 -0.12 50.85
C THR D 345 10.94 -0.96 49.86
N PHE D 346 12.17 -0.53 49.60
CA PHE D 346 13.07 -1.28 48.73
C PHE D 346 13.26 -2.71 49.24
N ASP D 347 13.50 -2.84 50.55
CA ASP D 347 13.59 -4.13 51.23
C ASP D 347 12.35 -5.03 51.06
N ASP D 348 11.16 -4.50 51.35
CA ASP D 348 9.91 -5.20 51.04
C ASP D 348 9.95 -5.71 49.57
N ALA D 349 10.24 -4.79 48.64
CA ALA D 349 10.21 -5.10 47.20
C ALA D 349 11.11 -6.29 46.79
N LEU D 350 12.36 -6.26 47.25
CA LEU D 350 13.34 -7.30 46.95
C LEU D 350 12.96 -8.63 47.58
N ARG D 351 12.50 -8.58 48.82
CA ARG D 351 12.02 -9.79 49.49
C ARG D 351 10.90 -10.46 48.67
N GLN D 352 9.94 -9.67 48.18
CA GLN D 352 8.86 -10.22 47.33
C GLN D 352 9.43 -10.98 46.13
N ILE D 353 10.47 -10.41 45.53
CA ILE D 353 11.06 -10.91 44.28
C ILE D 353 11.77 -12.25 44.51
N PHE D 354 12.58 -12.28 45.57
CA PHE D 354 13.28 -13.51 45.92
C PHE D 354 12.28 -14.59 46.33
N GLU D 355 11.27 -14.22 47.13
CA GLU D 355 10.21 -15.17 47.46
C GLU D 355 9.50 -15.73 46.21
N ALA D 356 9.14 -14.85 45.27
CA ALA D 356 8.41 -15.26 44.06
C ALA D 356 9.21 -16.19 43.15
N TYR D 357 10.52 -15.98 43.03
CA TYR D 357 11.34 -16.85 42.18
C TYR D 357 11.92 -18.08 42.88
N ARG D 358 11.66 -18.25 44.18
CA ARG D 358 12.37 -19.26 44.97
C ARG D 358 12.16 -20.70 44.49
N GLY D 359 10.94 -21.04 44.11
CA GLY D 359 10.66 -22.32 43.50
C GLY D 359 10.53 -22.18 42.00
N HIS D 360 11.30 -21.27 41.39
CA HIS D 360 11.28 -21.06 39.94
C HIS D 360 12.65 -20.64 39.40
N VAL D 361 13.69 -21.33 39.87
CA VAL D 361 15.09 -20.98 39.61
C VAL D 361 15.41 -20.89 38.13
N ALA D 362 14.92 -21.87 37.36
CA ALA D 362 15.04 -21.90 35.90
C ALA D 362 14.57 -20.59 35.24
N ASP D 363 13.38 -20.13 35.65
CA ASP D 363 12.81 -18.87 35.13
C ASP D 363 13.73 -17.70 35.43
N ALA D 364 14.26 -17.66 36.65
CA ALA D 364 15.19 -16.60 37.05
C ALA D 364 16.48 -16.63 36.23
N ARG D 365 16.98 -17.83 35.94
CA ARG D 365 18.19 -17.99 35.11
C ARG D 365 17.94 -17.50 33.68
N ALA D 366 16.72 -17.71 33.19
CA ALA D 366 16.33 -17.33 31.81
C ALA D 366 16.22 -15.81 31.58
N LEU D 367 16.25 -15.05 32.66
CA LEU D 367 16.08 -13.59 32.55
C LEU D 367 17.21 -12.88 31.77
N VAL D 368 18.37 -13.52 31.68
CA VAL D 368 19.52 -12.94 30.95
C VAL D 368 19.84 -13.70 29.65
N GLU D 369 18.92 -14.55 29.22
CA GLU D 369 19.01 -15.24 27.91
C GLU D 369 18.10 -14.56 26.88
N LYS E 23 28.94 11.37 -16.06
CA LYS E 23 30.33 11.90 -15.86
C LYS E 23 30.44 12.86 -14.65
N ALA E 24 29.92 14.08 -14.83
CA ALA E 24 30.06 15.12 -13.83
C ALA E 24 29.17 14.80 -12.64
N LYS E 25 29.56 15.34 -11.48
CA LYS E 25 28.81 15.18 -10.25
C LYS E 25 27.43 15.76 -10.38
N LYS E 26 26.44 15.01 -9.93
CA LYS E 26 25.05 15.49 -9.94
C LYS E 26 24.58 15.76 -8.53
N VAL E 27 24.15 17.00 -8.29
CA VAL E 27 23.77 17.47 -6.96
C VAL E 27 22.25 17.68 -6.94
N LEU E 28 21.55 16.94 -6.08
CA LEU E 28 20.09 17.09 -5.99
C LEU E 28 19.73 18.03 -4.83
N ILE E 29 18.99 19.10 -5.12
CA ILE E 29 18.55 20.02 -4.07
C ILE E 29 17.03 20.00 -4.03
N LEU E 30 16.47 19.57 -2.90
CA LEU E 30 15.03 19.53 -2.75
C LEU E 30 14.64 20.75 -1.90
N GLY E 31 13.76 21.57 -2.46
CA GLY E 31 13.45 22.92 -1.98
C GLY E 31 14.49 23.92 -2.50
N VAL E 32 14.68 23.93 -3.82
CA VAL E 32 15.74 24.74 -4.45
C VAL E 32 15.40 26.22 -4.55
N ASN E 33 14.11 26.52 -4.60
CA ASN E 33 13.67 27.89 -4.86
C ASN E 33 13.68 28.78 -3.61
N GLY E 34 14.86 29.08 -3.10
CA GLY E 34 14.96 29.91 -1.89
C GLY E 34 16.40 30.24 -1.58
N PHE E 35 16.63 30.79 -0.39
CA PHE E 35 17.95 31.22 0.09
C PHE E 35 19.10 30.26 -0.20
N ILE E 36 19.07 29.05 0.38
CA ILE E 36 20.18 28.11 0.18
C ILE E 36 20.24 27.66 -1.25
N GLY E 37 19.07 27.29 -1.77
CA GLY E 37 18.99 26.72 -3.11
C GLY E 37 19.59 27.63 -4.16
N HIS E 38 19.24 28.91 -4.08
CA HIS E 38 19.73 29.92 -4.99
C HIS E 38 21.25 30.16 -4.87
N HIS E 39 21.74 30.40 -3.66
CA HIS E 39 23.14 30.81 -3.48
C HIS E 39 24.08 29.65 -3.78
N LEU E 40 23.66 28.46 -3.38
CA LEU E 40 24.44 27.23 -3.63
C LEU E 40 24.51 26.95 -5.12
N SER E 41 23.34 26.93 -5.78
CA SER E 41 23.26 26.60 -7.19
C SER E 41 24.18 27.51 -7.99
N LYS E 42 24.09 28.81 -7.69
CA LYS E 42 24.92 29.83 -8.31
C LYS E 42 26.38 29.47 -8.18
N ARG E 43 26.82 29.14 -6.97
CA ARG E 43 28.22 28.79 -6.75
C ARG E 43 28.59 27.54 -7.52
N ILE E 44 27.68 26.57 -7.56
CA ILE E 44 27.96 25.32 -8.28
C ILE E 44 28.15 25.59 -9.78
N LEU E 45 27.26 26.40 -10.33
CA LEU E 45 27.27 26.63 -11.76
C LEU E 45 28.49 27.45 -12.20
N GLU E 46 28.85 28.45 -11.40
CA GLU E 46 29.97 29.33 -11.74
C GLU E 46 31.37 28.79 -11.42
N THR E 47 31.49 27.84 -10.50
CA THR E 47 32.83 27.44 -10.04
C THR E 47 33.17 25.94 -10.24
N THR E 48 32.21 25.14 -10.72
CA THR E 48 32.46 23.71 -10.96
C THR E 48 31.88 23.28 -12.29
N ASP E 49 32.08 22.02 -12.64
CA ASP E 49 31.42 21.41 -13.80
C ASP E 49 30.25 20.48 -13.37
N TRP E 50 29.75 20.70 -12.16
CA TRP E 50 28.67 19.86 -11.61
C TRP E 50 27.31 20.24 -12.18
N GLU E 51 26.42 19.24 -12.28
CA GLU E 51 25.02 19.44 -12.69
C GLU E 51 24.12 19.62 -11.45
N VAL E 52 23.22 20.58 -11.48
CA VAL E 52 22.35 20.80 -10.34
C VAL E 52 20.97 20.33 -10.72
N PHE E 53 20.40 19.42 -9.94
CA PHE E 53 18.98 19.06 -10.11
C PHE E 53 18.19 19.63 -8.93
N GLY E 54 17.30 20.56 -9.25
CA GLY E 54 16.62 21.35 -8.23
C GLY E 54 15.12 21.19 -8.27
N MET E 55 14.54 20.76 -7.14
CA MET E 55 13.09 20.59 -7.04
C MET E 55 12.39 21.70 -6.25
N ASP E 56 11.31 22.23 -6.83
CA ASP E 56 10.41 23.11 -6.06
C ASP E 56 9.09 23.32 -6.79
N MET E 57 8.19 24.10 -6.20
CA MET E 57 6.92 24.39 -6.84
C MET E 57 6.97 25.56 -7.85
N GLN E 58 7.84 26.53 -7.59
CA GLN E 58 7.97 27.74 -8.42
C GLN E 58 9.48 28.05 -8.57
N THR E 59 9.84 29.03 -9.41
CA THR E 59 11.23 29.40 -9.69
C THR E 59 11.56 30.89 -9.43
N ASP E 60 10.65 31.62 -8.78
CA ASP E 60 10.82 33.08 -8.64
C ASP E 60 12.02 33.53 -7.79
N ARG E 61 12.71 32.59 -7.13
CA ARG E 61 13.88 32.92 -6.31
C ARG E 61 15.16 32.47 -6.95
N LEU E 62 15.07 32.04 -8.21
CA LEU E 62 16.21 31.46 -8.92
C LEU E 62 16.71 32.36 -10.05
N GLY E 63 15.93 33.40 -10.37
CA GLY E 63 16.24 34.32 -11.46
C GLY E 63 16.56 33.62 -12.78
N ASP E 64 17.63 34.06 -13.43
CA ASP E 64 18.08 33.46 -14.68
C ASP E 64 18.87 32.15 -14.51
N LEU E 65 19.10 31.69 -13.27
CA LEU E 65 19.89 30.47 -13.07
C LEU E 65 19.32 29.32 -13.87
N VAL E 66 18.00 29.24 -13.97
CA VAL E 66 17.35 28.11 -14.66
C VAL E 66 17.76 28.01 -16.13
N LYS E 67 18.14 29.14 -16.71
CA LYS E 67 18.56 29.20 -18.11
C LYS E 67 19.90 28.48 -18.41
N HIS E 68 20.74 28.29 -17.38
CA HIS E 68 22.06 27.65 -17.53
C HIS E 68 21.93 26.15 -17.86
N GLU E 69 22.76 25.66 -18.77
CA GLU E 69 22.65 24.27 -19.26
C GLU E 69 22.92 23.19 -18.21
N ARG E 70 23.64 23.54 -17.15
CA ARG E 70 23.91 22.59 -16.08
C ARG E 70 22.91 22.70 -14.92
N MET E 71 21.91 23.57 -15.09
CA MET E 71 20.82 23.74 -14.13
C MET E 71 19.56 23.03 -14.61
N HIS E 72 19.05 22.12 -13.79
CA HIS E 72 17.84 21.40 -14.15
C HIS E 72 16.76 21.54 -13.06
N PHE E 73 15.88 22.52 -13.25
CA PHE E 73 14.76 22.67 -12.38
C PHE E 73 13.66 21.67 -12.70
N PHE E 74 13.06 21.10 -11.66
CA PHE E 74 11.89 20.24 -11.86
C PHE E 74 10.90 20.40 -10.70
N GLU E 75 9.65 20.15 -11.01
CA GLU E 75 8.57 20.45 -10.11
C GLU E 75 8.21 19.23 -9.33
N GLY E 76 7.81 19.47 -8.09
CA GLY E 76 7.35 18.42 -7.18
C GLY E 76 7.25 18.88 -5.74
N ASP E 77 6.64 18.03 -4.93
CA ASP E 77 6.48 18.31 -3.51
C ASP E 77 6.84 17.02 -2.78
N ILE E 78 7.75 17.09 -1.81
CA ILE E 78 8.22 15.86 -1.12
C ILE E 78 7.09 15.08 -0.47
N THR E 79 5.98 15.74 -0.18
CA THR E 79 4.89 15.04 0.48
C THR E 79 4.00 14.38 -0.55
N ILE E 80 4.25 14.61 -1.84
CA ILE E 80 3.33 14.13 -2.87
C ILE E 80 4.01 13.25 -3.95
N ASN E 81 5.05 13.81 -4.54
CA ASN E 81 5.71 13.21 -5.67
C ASN E 81 6.77 12.20 -5.24
N LYS E 82 6.31 11.13 -4.61
CA LYS E 82 7.20 10.10 -4.04
C LYS E 82 8.14 9.46 -5.12
N GLU E 83 7.54 9.10 -6.26
CA GLU E 83 8.24 8.44 -7.36
C GLU E 83 9.27 9.38 -8.00
N TRP E 84 8.84 10.60 -8.26
CA TRP E 84 9.67 11.56 -8.94
C TRP E 84 10.88 11.97 -8.10
N VAL E 85 10.68 12.15 -6.81
CA VAL E 85 11.77 12.38 -5.85
C VAL E 85 12.75 11.18 -5.77
N GLU E 86 12.23 9.96 -5.58
CA GLU E 86 13.12 8.82 -5.47
C GLU E 86 13.96 8.55 -6.74
N TYR E 87 13.33 8.66 -7.91
CA TYR E 87 14.04 8.57 -9.18
C TYR E 87 15.26 9.47 -9.16
N HIS E 88 15.07 10.71 -8.67
CA HIS E 88 16.12 11.71 -8.64
C HIS E 88 17.23 11.42 -7.61
N VAL E 89 16.83 10.79 -6.50
CA VAL E 89 17.79 10.29 -5.55
C VAL E 89 18.65 9.20 -6.18
N LYS E 90 18.06 8.34 -7.02
CA LYS E 90 18.84 7.29 -7.64
C LYS E 90 19.82 7.89 -8.68
N LYS E 91 19.35 8.91 -9.38
CA LYS E 91 20.09 9.53 -10.48
C LYS E 91 21.27 10.36 -9.99
N CYS E 92 21.11 11.02 -8.84
CA CYS E 92 22.10 12.01 -8.40
C CYS E 92 23.10 11.37 -7.44
N ASP E 93 24.18 12.09 -7.16
CA ASP E 93 25.30 11.64 -6.33
C ASP E 93 25.23 12.24 -4.92
N VAL E 94 24.77 13.48 -4.81
CA VAL E 94 24.73 14.15 -3.51
C VAL E 94 23.31 14.65 -3.33
N ILE E 95 22.78 14.47 -2.12
CA ILE E 95 21.36 14.71 -1.85
C ILE E 95 21.22 15.71 -0.71
N LEU E 96 20.66 16.90 -0.99
CA LEU E 96 20.42 17.95 0.03
C LEU E 96 18.93 18.18 0.23
N PRO E 97 18.33 17.60 1.30
CA PRO E 97 16.89 17.79 1.42
C PRO E 97 16.63 19.00 2.29
N LEU E 98 16.21 20.10 1.64
CA LEU E 98 16.11 21.40 2.35
C LEU E 98 14.71 21.76 2.89
N VAL E 99 13.72 20.89 2.64
CA VAL E 99 12.35 21.24 2.97
C VAL E 99 12.04 21.00 4.44
N ALA E 100 11.54 22.05 5.12
CA ALA E 100 11.29 22.02 6.57
C ALA E 100 10.60 23.27 7.04
N ILE E 101 9.64 23.12 7.92
CA ILE E 101 9.14 24.29 8.63
C ILE E 101 10.22 24.69 9.65
N ALA E 102 10.70 25.91 9.55
CA ALA E 102 11.74 26.41 10.47
C ALA E 102 11.40 27.79 11.01
N THR E 103 10.10 28.01 11.27
CA THR E 103 9.58 29.26 11.82
C THR E 103 9.21 29.04 13.29
N PRO E 104 9.89 29.74 14.22
CA PRO E 104 9.63 29.60 15.65
C PRO E 104 8.17 29.66 16.05
N ALA E 105 7.42 30.64 15.56
CA ALA E 105 6.00 30.76 15.87
C ALA E 105 5.22 29.47 15.57
N THR E 106 5.62 28.75 14.52
CA THR E 106 4.88 27.57 14.08
C THR E 106 5.13 26.39 14.99
N TYR E 107 6.30 26.31 15.60
CA TYR E 107 6.63 25.21 16.51
C TYR E 107 5.62 25.21 17.66
N VAL E 108 5.28 26.42 18.12
CA VAL E 108 4.42 26.64 19.28
C VAL E 108 2.99 26.34 18.92
N LYS E 109 2.52 26.87 17.79
CA LYS E 109 1.10 26.80 17.44
C LYS E 109 0.71 25.53 16.68
N GLN E 110 1.58 25.06 15.81
CA GLN E 110 1.31 23.83 15.03
C GLN E 110 2.48 22.83 15.13
N PRO E 111 2.78 22.34 16.34
CA PRO E 111 3.90 21.41 16.52
C PRO E 111 3.80 20.16 15.60
N LEU E 112 2.58 19.66 15.37
CA LEU E 112 2.42 18.48 14.50
C LEU E 112 2.84 18.73 13.05
N ARG E 113 2.56 19.92 12.51
CA ARG E 113 3.00 20.24 11.15
C ARG E 113 4.52 20.20 11.03
N VAL E 114 5.21 20.67 12.08
CA VAL E 114 6.67 20.68 12.13
C VAL E 114 7.25 19.26 12.07
N PHE E 115 6.73 18.39 12.94
CA PHE E 115 7.13 16.98 12.93
C PHE E 115 6.83 16.26 11.58
N GLU E 116 5.59 16.41 11.08
CA GLU E 116 5.16 15.73 9.87
C GLU E 116 6.06 16.07 8.69
N LEU E 117 6.40 17.34 8.53
CA LEU E 117 7.21 17.76 7.40
C LEU E 117 8.72 17.58 7.67
N ASP E 118 9.21 18.04 8.82
CA ASP E 118 10.67 18.10 9.03
C ASP E 118 11.27 16.73 9.21
N PHE E 119 10.52 15.88 9.92
CA PHE E 119 10.95 14.53 10.18
C PHE E 119 10.29 13.50 9.24
N GLU E 120 8.97 13.32 9.39
CA GLU E 120 8.30 12.24 8.71
C GLU E 120 8.40 12.32 7.16
N ALA E 121 8.22 13.51 6.58
CA ALA E 121 8.28 13.60 5.13
C ALA E 121 9.72 13.52 4.58
N ASN E 122 10.70 13.76 5.45
CA ASN E 122 12.12 13.71 5.04
C ASN E 122 12.73 12.32 5.19
N LEU E 123 12.15 11.48 6.05
CA LEU E 123 12.71 10.13 6.29
C LEU E 123 12.81 9.24 5.05
N PRO E 124 11.78 9.24 4.18
CA PRO E 124 11.87 8.40 2.98
C PRO E 124 13.00 8.81 2.07
N ILE E 125 13.35 10.09 2.13
CA ILE E 125 14.41 10.62 1.28
C ILE E 125 15.75 10.14 1.84
N VAL E 126 15.93 10.27 3.16
CA VAL E 126 17.07 9.66 3.83
C VAL E 126 17.21 8.17 3.42
N ARG E 127 16.10 7.44 3.50
CA ARG E 127 16.14 6.02 3.27
C ARG E 127 16.46 5.66 1.81
N SER E 128 16.10 6.52 0.85
CA SER E 128 16.48 6.28 -0.55
C SER E 128 17.99 6.55 -0.72
N ALA E 129 18.51 7.60 -0.06
CA ALA E 129 19.96 7.91 -0.13
C ALA E 129 20.72 6.67 0.33
N VAL E 130 20.19 6.02 1.36
CA VAL E 130 20.79 4.77 1.86
C VAL E 130 20.76 3.71 0.77
N LYS E 131 19.54 3.42 0.30
CA LYS E 131 19.32 2.37 -0.67
C LYS E 131 20.22 2.50 -1.91
N TYR E 132 20.34 3.71 -2.42
CA TYR E 132 21.12 3.94 -3.66
C TYR E 132 22.58 4.36 -3.46
N GLY E 133 23.06 4.37 -2.22
CA GLY E 133 24.47 4.59 -1.93
C GLY E 133 24.95 6.00 -2.20
N LYS E 134 24.11 6.99 -1.92
CA LYS E 134 24.43 8.38 -2.25
C LYS E 134 25.10 9.13 -1.08
N HIS E 135 25.63 10.30 -1.36
CA HIS E 135 26.05 11.21 -0.29
C HIS E 135 24.88 12.05 0.23
N LEU E 136 24.46 11.80 1.46
CA LEU E 136 23.38 12.56 2.09
C LEU E 136 23.95 13.74 2.84
N VAL E 137 23.59 14.94 2.42
CA VAL E 137 24.14 16.17 3.00
C VAL E 137 22.96 16.89 3.61
N PHE E 138 22.85 16.78 4.93
CA PHE E 138 21.58 17.03 5.57
C PHE E 138 21.62 18.23 6.49
N PRO E 139 20.67 19.18 6.31
CA PRO E 139 20.65 20.32 7.22
C PRO E 139 20.01 19.96 8.57
N SER E 140 20.89 19.76 9.54
CA SER E 140 20.56 19.77 10.93
C SER E 140 20.35 21.26 11.35
N THR E 141 20.33 21.53 12.65
CA THR E 141 20.06 22.91 13.07
C THR E 141 20.94 23.35 14.21
N SER E 142 21.34 24.61 14.22
CA SER E 142 22.04 25.17 15.39
C SER E 142 21.18 25.01 16.63
N GLU E 143 19.88 24.83 16.46
CA GLU E 143 18.94 24.73 17.59
C GLU E 143 19.04 23.40 18.32
N VAL E 144 19.66 22.40 17.68
CA VAL E 144 19.80 21.08 18.24
C VAL E 144 20.49 21.09 19.61
N TYR E 145 21.37 22.06 19.83
CA TYR E 145 22.04 22.19 21.11
C TYR E 145 21.12 22.66 22.24
N GLY E 146 20.09 23.42 21.87
CA GLY E 146 19.08 23.90 22.83
C GLY E 146 19.71 24.79 23.90
N MET E 147 19.36 24.55 25.15
CA MET E 147 19.85 25.36 26.26
C MET E 147 21.24 24.94 26.77
N CYS E 148 22.11 24.50 25.86
CA CYS E 148 23.46 24.05 26.20
C CYS E 148 24.24 25.13 26.96
N ALA E 149 24.89 24.75 28.05
CA ALA E 149 25.71 25.66 28.85
C ALA E 149 27.17 25.85 28.38
N ASP E 150 27.66 24.98 27.48
CA ASP E 150 29.04 25.11 26.95
C ASP E 150 29.29 26.45 26.28
N GLU E 151 30.48 27.00 26.52
CA GLU E 151 30.94 28.24 25.88
C GLU E 151 30.92 28.12 24.37
N GLN E 152 31.30 26.94 23.86
CA GLN E 152 31.26 26.68 22.43
C GLN E 152 30.45 25.41 22.15
N PHE E 153 29.47 25.50 21.27
CA PHE E 153 28.67 24.33 20.92
C PHE E 153 29.51 23.43 20.05
N ASP E 154 29.82 22.24 20.58
CA ASP E 154 30.73 21.28 19.96
C ASP E 154 29.90 20.12 19.43
N PRO E 155 29.86 19.94 18.10
CA PRO E 155 29.00 18.90 17.47
C PRO E 155 29.43 17.48 17.85
N ASP E 156 30.66 17.34 18.34
CA ASP E 156 31.14 16.03 18.78
C ASP E 156 31.10 15.87 20.30
N ALA E 157 30.73 16.90 21.06
CA ALA E 157 30.83 16.75 22.52
C ALA E 157 29.74 17.34 23.39
N SER E 158 29.15 18.44 22.93
CA SER E 158 28.13 19.15 23.69
C SER E 158 26.85 18.36 23.95
N ALA E 159 26.37 18.45 25.19
CA ALA E 159 25.10 17.85 25.58
C ALA E 159 23.98 18.65 24.92
N LEU E 160 22.80 18.05 24.81
CA LEU E 160 21.69 18.68 24.10
C LEU E 160 20.49 18.76 25.01
N THR E 161 20.07 19.98 25.29
CA THR E 161 19.08 20.26 26.34
C THR E 161 17.84 21.01 25.86
N TYR E 162 16.67 20.40 26.02
CA TYR E 162 15.40 21.06 25.73
C TYR E 162 14.50 21.19 26.97
N GLY E 163 13.44 21.97 26.84
CA GLY E 163 12.56 22.15 27.97
C GLY E 163 11.59 20.98 28.01
N PRO E 164 10.62 21.02 28.93
CA PRO E 164 9.67 19.92 29.10
C PRO E 164 8.69 19.69 27.91
N ILE E 165 7.90 18.61 28.00
CA ILE E 165 6.94 18.32 26.96
C ILE E 165 5.94 19.46 26.76
N ASN E 166 5.58 20.15 27.85
CA ASN E 166 4.60 21.25 27.78
C ASN E 166 5.13 22.54 27.16
N LYS E 167 6.35 22.47 26.65
CA LYS E 167 6.87 23.56 25.87
C LYS E 167 7.06 23.11 24.39
N PRO E 168 5.96 23.12 23.60
CA PRO E 168 5.97 22.49 22.27
C PRO E 168 6.92 23.11 21.25
N ARG E 169 7.43 24.31 21.53
CA ARG E 169 8.51 24.92 20.74
C ARG E 169 9.65 23.94 20.43
N TRP E 170 9.95 23.06 21.41
CA TRP E 170 11.06 22.10 21.30
C TRP E 170 10.81 20.91 20.38
N ILE E 171 9.59 20.75 19.86
CA ILE E 171 9.37 19.69 18.86
C ILE E 171 10.26 19.88 17.64
N TYR E 172 10.60 21.13 17.33
CA TYR E 172 11.45 21.36 16.18
C TYR E 172 12.84 20.75 16.45
N ALA E 173 13.47 21.17 17.55
CA ALA E 173 14.82 20.69 17.88
C ALA E 173 14.79 19.19 18.11
N CYS E 174 13.76 18.70 18.76
CA CYS E 174 13.67 17.26 19.04
C CYS E 174 13.47 16.42 17.77
N SER E 175 12.63 16.90 16.84
CA SER E 175 12.51 16.28 15.51
C SER E 175 13.85 16.24 14.80
N LYS E 176 14.57 17.36 14.88
CA LYS E 176 15.83 17.46 14.14
C LYS E 176 16.90 16.59 14.82
N GLN E 177 16.90 16.56 16.14
CA GLN E 177 17.82 15.66 16.84
C GLN E 177 17.53 14.20 16.47
N LEU E 178 16.27 13.80 16.47
CA LEU E 178 15.96 12.41 16.09
C LEU E 178 16.39 12.07 14.65
N MET E 179 16.15 12.98 13.71
CA MET E 179 16.62 12.74 12.33
C MET E 179 18.16 12.58 12.27
N ASP E 180 18.89 13.39 13.04
CA ASP E 180 20.37 13.30 13.07
C ASP E 180 20.83 11.93 13.59
N ARG E 181 20.12 11.40 14.59
CA ARG E 181 20.42 10.10 15.19
C ARG E 181 20.04 8.95 14.26
N VAL E 182 18.92 9.09 13.54
CA VAL E 182 18.53 8.11 12.52
C VAL E 182 19.59 8.09 11.41
N ILE E 183 19.97 9.28 10.93
CA ILE E 183 20.98 9.35 9.87
C ILE E 183 22.29 8.74 10.39
N TRP E 184 22.61 9.02 11.67
CA TRP E 184 23.85 8.50 12.28
C TRP E 184 23.77 6.97 12.35
N GLY E 185 22.59 6.46 12.70
CA GLY E 185 22.38 5.01 12.74
C GLY E 185 22.60 4.38 11.37
N TYR E 186 22.12 5.08 10.33
CA TYR E 186 22.36 4.62 8.98
C TYR E 186 23.85 4.70 8.68
N GLY E 187 24.50 5.74 9.19
CA GLY E 187 25.96 5.91 9.02
C GLY E 187 26.70 4.69 9.55
N MET E 188 26.26 4.18 10.71
CA MET E 188 26.88 2.98 11.30
C MET E 188 26.80 1.76 10.39
N GLU E 189 25.87 1.79 9.43
CA GLU E 189 25.61 0.66 8.55
C GLU E 189 26.18 0.94 7.16
N GLY E 190 26.92 2.04 7.02
CA GLY E 190 27.57 2.39 5.74
C GLY E 190 27.01 3.57 4.94
N LEU E 191 26.01 4.30 5.47
CA LEU E 191 25.50 5.45 4.71
C LEU E 191 26.58 6.50 4.67
N ASN E 192 26.84 7.07 3.50
CA ASN E 192 27.74 8.22 3.38
C ASN E 192 26.97 9.51 3.70
N PHE E 193 27.15 10.08 4.90
CA PHE E 193 26.40 11.29 5.28
C PHE E 193 27.32 12.44 5.73
N THR E 194 26.79 13.65 5.70
CA THR E 194 27.40 14.78 6.38
C THR E 194 26.26 15.63 6.89
N LEU E 195 26.32 15.96 8.17
CA LEU E 195 25.34 16.85 8.76
C LEU E 195 25.94 18.25 8.86
N PHE E 196 25.16 19.27 8.55
CA PHE E 196 25.62 20.67 8.72
C PHE E 196 24.62 21.48 9.50
N ARG E 197 25.12 22.39 10.33
CA ARG E 197 24.26 23.14 11.21
C ARG E 197 24.51 24.61 10.98
N PRO E 198 23.69 25.24 10.13
CA PRO E 198 23.89 26.66 9.89
C PRO E 198 23.59 27.51 11.13
N PHE E 199 24.52 28.41 11.45
CA PHE E 199 24.30 29.42 12.49
C PHE E 199 23.98 30.78 11.86
N ASN E 200 22.67 31.06 11.76
CA ASN E 200 22.15 32.36 11.33
C ASN E 200 22.77 32.87 10.06
N TRP E 201 22.60 32.11 8.98
CA TRP E 201 23.16 32.51 7.69
C TRP E 201 22.31 33.66 7.25
N ILE E 202 22.96 34.66 6.67
CA ILE E 202 22.25 35.87 6.27
C ILE E 202 22.82 36.38 4.97
N GLY E 203 21.96 36.89 4.10
CA GLY E 203 22.39 37.47 2.85
C GLY E 203 21.22 37.94 1.99
N PRO E 204 21.49 38.23 0.71
CA PRO E 204 20.41 38.56 -0.22
C PRO E 204 19.50 37.35 -0.35
N GLY E 205 18.26 37.60 -0.78
CA GLY E 205 17.28 36.54 -1.00
C GLY E 205 17.00 35.71 0.25
N LEU E 206 16.82 36.38 1.39
CA LEU E 206 16.33 35.72 2.59
C LEU E 206 15.00 35.07 2.31
N ASP E 207 14.80 33.89 2.88
CA ASP E 207 13.51 33.23 2.82
C ASP E 207 12.52 34.03 3.69
N SER E 208 11.31 34.28 3.15
CA SER E 208 10.27 34.96 3.95
C SER E 208 9.95 34.04 5.09
N ILE E 209 9.45 34.62 6.18
CA ILE E 209 9.35 33.92 7.47
C ILE E 209 8.53 32.61 7.49
N TYR E 210 7.54 32.48 6.61
CA TYR E 210 6.78 31.23 6.56
C TYR E 210 7.19 30.35 5.38
N THR E 211 8.33 30.62 4.77
CA THR E 211 8.88 29.69 3.77
C THR E 211 9.32 28.39 4.47
N PRO E 212 8.79 27.23 4.02
CA PRO E 212 9.16 25.99 4.66
C PRO E 212 10.50 25.40 4.12
N LYS E 213 11.57 26.14 4.39
CA LYS E 213 12.92 25.74 4.04
C LYS E 213 13.91 26.09 5.15
N GLU E 214 14.83 25.16 5.42
CA GLU E 214 16.03 25.42 6.21
C GLU E 214 16.85 26.43 5.42
N GLY E 215 17.45 27.40 6.11
CA GLY E 215 18.27 28.38 5.41
C GLY E 215 18.68 29.64 6.17
N SER E 216 17.81 30.64 6.18
CA SER E 216 18.22 31.97 6.61
C SER E 216 17.78 32.25 8.06
N SER E 217 18.50 33.15 8.73
CA SER E 217 18.17 33.57 10.11
C SER E 217 16.79 34.23 10.14
N ARG E 218 15.85 33.63 10.84
CA ARG E 218 14.52 34.23 10.95
C ARG E 218 14.57 35.57 11.67
N VAL E 219 15.30 35.63 12.79
CA VAL E 219 15.33 36.87 13.57
C VAL E 219 15.82 38.06 12.72
N VAL E 220 16.85 37.84 11.90
CA VAL E 220 17.39 38.93 11.08
C VAL E 220 16.38 39.31 10.01
N THR E 221 15.65 38.31 9.52
CA THR E 221 14.68 38.47 8.45
C THR E 221 13.49 39.28 8.95
N GLN E 222 12.94 38.88 10.11
CA GLN E 222 11.80 39.60 10.69
C GLN E 222 12.16 41.07 11.04
N PHE E 223 13.35 41.28 11.60
CA PHE E 223 13.82 42.64 11.92
C PHE E 223 13.90 43.51 10.66
N LEU E 224 14.46 42.94 9.58
CA LEU E 224 14.54 43.64 8.29
C LEU E 224 13.16 44.04 7.79
N GLY E 225 12.24 43.07 7.75
CA GLY E 225 10.84 43.33 7.38
C GLY E 225 10.22 44.47 8.17
N HIS E 226 10.22 44.34 9.50
CA HIS E 226 9.66 45.37 10.38
C HIS E 226 10.32 46.74 10.16
N ILE E 227 11.64 46.77 9.97
CA ILE E 227 12.38 48.01 9.75
C ILE E 227 11.94 48.73 8.48
N VAL E 228 11.86 48.00 7.37
CA VAL E 228 11.43 48.58 6.11
C VAL E 228 9.94 48.94 6.13
N ARG E 229 9.19 48.33 7.02
CA ARG E 229 7.76 48.64 7.16
C ARG E 229 7.47 49.74 8.20
N GLY E 230 8.51 50.20 8.92
CA GLY E 230 8.35 51.13 10.05
C GLY E 230 7.48 50.52 11.15
N GLU E 231 7.74 49.26 11.48
CA GLU E 231 7.03 48.54 12.53
C GLU E 231 7.92 48.26 13.74
N ASN E 232 7.30 48.31 14.91
CA ASN E 232 8.01 48.07 16.15
C ASN E 232 8.61 46.67 16.18
N ILE E 233 9.79 46.58 16.80
CA ILE E 233 10.52 45.34 17.00
C ILE E 233 10.38 44.79 18.44
N SER E 234 10.13 43.49 18.54
CA SER E 234 10.04 42.74 19.81
C SER E 234 11.39 42.17 20.32
N LEU E 235 11.80 42.63 21.50
CA LEU E 235 12.99 42.12 22.18
C LEU E 235 12.56 41.18 23.30
N VAL E 236 12.58 39.88 22.98
CA VAL E 236 12.12 38.83 23.89
C VAL E 236 13.08 38.67 25.08
N ASP E 237 12.51 38.79 26.29
CA ASP E 237 13.25 38.72 27.58
C ASP E 237 14.34 39.81 27.72
N GLY E 238 14.01 41.02 27.26
CA GLY E 238 14.98 42.12 27.24
C GLY E 238 15.98 42.09 26.08
N GLY E 239 15.97 40.99 25.32
CA GLY E 239 16.78 40.87 24.10
C GLY E 239 18.29 40.83 24.35
N SER E 240 18.69 40.05 25.35
CA SER E 240 20.12 39.92 25.68
C SER E 240 20.73 38.58 25.27
N GLN E 241 19.93 37.70 24.66
CA GLN E 241 20.46 36.45 24.10
C GLN E 241 21.47 36.77 22.97
N LYS E 242 22.72 36.31 23.18
CA LYS E 242 23.78 36.44 22.18
C LYS E 242 23.73 35.32 21.12
N ARG E 243 23.94 35.67 19.86
CA ARG E 243 23.94 34.65 18.78
C ARG E 243 25.08 34.91 17.80
N ALA E 244 25.39 33.94 16.94
CA ALA E 244 26.44 34.08 15.92
C ALA E 244 25.87 34.19 14.52
N PHE E 245 26.31 35.21 13.80
CA PHE E 245 25.76 35.54 12.50
C PHE E 245 26.75 35.31 11.40
N THR E 246 26.26 34.78 10.27
CA THR E 246 27.15 34.28 9.23
C THR E 246 26.68 34.74 7.86
N TYR E 247 27.56 35.39 7.12
CA TYR E 247 27.24 35.73 5.74
C TYR E 247 27.10 34.46 4.88
N VAL E 248 26.15 34.50 3.93
CA VAL E 248 25.81 33.33 3.12
C VAL E 248 27.01 32.82 2.32
N ASP E 249 27.85 33.71 1.81
CA ASP E 249 29.01 33.28 1.01
C ASP E 249 29.96 32.38 1.81
N ASP E 250 30.10 32.66 3.10
CA ASP E 250 30.89 31.82 4.00
C ASP E 250 30.19 30.47 4.19
N GLY E 251 28.90 30.53 4.46
CA GLY E 251 28.11 29.30 4.55
C GLY E 251 28.24 28.41 3.32
N ILE E 252 28.09 29.01 2.15
CA ILE E 252 28.13 28.30 0.88
C ILE E 252 29.50 27.70 0.60
N SER E 253 30.57 28.49 0.80
CA SER E 253 31.93 27.97 0.66
C SER E 253 32.13 26.65 1.44
N ALA E 254 31.62 26.58 2.66
CA ALA E 254 31.76 25.39 3.47
C ALA E 254 30.95 24.22 2.90
N LEU E 255 29.73 24.52 2.45
CA LEU E 255 28.89 23.49 1.83
C LEU E 255 29.58 22.93 0.60
N MET E 256 30.26 23.80 -0.15
CA MET E 256 30.96 23.35 -1.36
C MET E 256 32.05 22.34 -1.03
N LYS E 257 32.76 22.61 0.06
CA LYS E 257 33.80 21.71 0.51
C LYS E 257 33.18 20.36 0.89
N ILE E 258 32.05 20.40 1.59
CA ILE E 258 31.37 19.17 1.97
C ILE E 258 30.99 18.35 0.73
N ILE E 259 30.39 19.00 -0.26
CA ILE E 259 29.93 18.32 -1.46
C ILE E 259 31.12 17.69 -2.23
N GLU E 260 32.21 18.43 -2.37
CA GLU E 260 33.42 17.99 -3.07
C GLU E 260 33.99 16.78 -2.36
N ASN E 261 34.00 16.86 -1.03
CA ASN E 261 34.33 15.74 -0.17
C ASN E 261 35.68 15.14 -0.49
N SER E 262 36.68 16.01 -0.58
CA SER E 262 38.04 15.65 -0.92
C SER E 262 38.55 14.55 0.00
N ASN E 263 38.92 13.44 -0.62
CA ASN E 263 39.38 12.26 0.11
C ASN E 263 38.40 11.64 1.11
N GLY E 264 37.12 11.93 0.98
CA GLY E 264 36.14 11.39 1.93
C GLY E 264 36.15 12.04 3.32
N VAL E 265 36.81 13.20 3.43
CA VAL E 265 37.02 13.85 4.75
C VAL E 265 35.71 14.20 5.51
N ALA E 266 34.65 14.52 4.78
CA ALA E 266 33.37 14.92 5.38
C ALA E 266 32.42 13.75 5.68
N THR E 267 32.76 12.56 5.22
CA THR E 267 31.90 11.38 5.42
C THR E 267 31.84 11.09 6.90
N GLY E 268 30.63 10.87 7.43
CA GLY E 268 30.38 10.60 8.84
C GLY E 268 30.48 11.77 9.82
N LYS E 269 30.67 12.99 9.30
CA LYS E 269 30.96 14.17 10.11
C LYS E 269 29.79 15.15 10.31
N ILE E 270 29.96 16.04 11.28
CA ILE E 270 28.91 16.97 11.73
C ILE E 270 29.56 18.31 11.93
N TYR E 271 29.18 19.27 11.08
CA TYR E 271 29.81 20.56 11.07
C TYR E 271 28.89 21.69 11.43
N ASN E 272 29.27 22.50 12.41
CA ASN E 272 28.66 23.82 12.58
C ASN E 272 29.25 24.72 11.51
N ILE E 273 28.40 25.40 10.75
CA ILE E 273 28.88 26.39 9.80
C ILE E 273 28.39 27.74 10.31
N GLY E 274 29.32 28.54 10.85
CA GLY E 274 29.01 29.87 11.32
C GLY E 274 30.27 30.61 11.70
N ASN E 275 30.13 31.91 11.89
CA ASN E 275 31.23 32.76 12.29
C ASN E 275 31.11 33.13 13.76
N PRO E 276 31.88 32.47 14.64
CA PRO E 276 31.83 32.75 16.09
C PRO E 276 32.27 34.17 16.48
N ASN E 277 33.02 34.83 15.59
CA ASN E 277 33.49 36.20 15.78
C ASN E 277 32.40 37.22 15.57
N ASN E 278 31.28 36.80 14.98
CA ASN E 278 30.14 37.70 14.77
C ASN E 278 29.09 37.47 15.86
N ASN E 279 29.52 37.56 17.10
CA ASN E 279 28.68 37.22 18.23
C ASN E 279 28.01 38.49 18.77
N PHE E 280 26.75 38.71 18.44
CA PHE E 280 26.04 39.88 18.95
C PHE E 280 24.72 39.50 19.60
N SER E 281 24.26 40.34 20.52
CA SER E 281 22.96 40.09 21.15
C SER E 281 21.86 40.53 20.18
N VAL E 282 20.64 40.02 20.40
CA VAL E 282 19.46 40.43 19.65
C VAL E 282 19.32 41.98 19.70
N ARG E 283 19.39 42.55 20.90
CA ARG E 283 19.43 44.01 21.09
C ARG E 283 20.52 44.69 20.23
N GLU E 284 21.75 44.15 20.28
CA GLU E 284 22.84 44.72 19.49
C GLU E 284 22.56 44.61 17.99
N LEU E 285 21.99 43.48 17.57
CA LEU E 285 21.62 43.27 16.18
C LEU E 285 20.61 44.36 15.75
N ALA E 286 19.52 44.49 16.52
CA ALA E 286 18.49 45.46 16.22
C ALA E 286 19.06 46.91 16.09
N ASN E 287 19.85 47.31 17.09
CA ASN E 287 20.54 48.63 17.03
C ASN E 287 21.45 48.79 15.82
N LYS E 288 22.27 47.77 15.54
CA LYS E 288 23.15 47.78 14.37
C LYS E 288 22.37 47.95 13.07
N MET E 289 21.29 47.17 12.94
CA MET E 289 20.44 47.23 11.76
C MET E 289 19.75 48.57 11.64
N LEU E 290 19.27 49.12 12.75
CA LEU E 290 18.69 50.47 12.77
C LEU E 290 19.68 51.54 12.34
N GLU E 291 20.91 51.48 12.86
CA GLU E 291 21.93 52.46 12.51
C GLU E 291 22.31 52.36 11.02
N LEU E 292 22.38 51.14 10.49
CA LEU E 292 22.68 50.89 9.07
C LEU E 292 21.61 51.38 8.09
N ALA E 293 20.35 51.15 8.45
CA ALA E 293 19.17 51.59 7.68
C ALA E 293 19.07 53.11 7.54
N ALA E 294 19.51 53.84 8.56
CA ALA E 294 19.57 55.31 8.54
C ALA E 294 20.48 55.86 7.42
N GLU E 295 21.47 55.09 7.02
CA GLU E 295 22.39 55.47 5.92
C GLU E 295 21.80 55.35 4.51
N PHE E 296 20.66 54.65 4.37
CA PHE E 296 20.04 54.42 3.04
C PHE E 296 18.74 55.18 2.80
N PRO E 297 18.62 55.84 1.62
CA PRO E 297 17.47 56.70 1.36
C PRO E 297 16.14 55.92 1.34
N GLU E 298 16.20 54.68 0.88
CA GLU E 298 15.04 53.80 0.84
C GLU E 298 14.54 53.40 2.22
N TYR E 299 15.42 53.40 3.23
CA TYR E 299 15.04 52.89 4.57
C TYR E 299 14.88 53.91 5.70
N ALA E 300 15.66 54.99 5.64
CA ALA E 300 15.82 55.93 6.76
C ALA E 300 14.51 56.46 7.34
N ASP E 301 13.57 56.81 6.46
CA ASP E 301 12.25 57.30 6.86
C ASP E 301 11.48 56.29 7.72
N SER E 302 11.33 55.07 7.21
CA SER E 302 10.57 54.05 7.89
C SER E 302 11.24 53.58 9.21
N ALA E 303 12.57 53.44 9.19
CA ALA E 303 13.35 52.98 10.36
C ALA E 303 13.29 53.93 11.57
N LYS E 304 13.27 55.23 11.31
CA LYS E 304 13.12 56.22 12.38
C LYS E 304 11.85 55.94 13.21
N ARG E 305 10.84 55.31 12.63
CA ARG E 305 9.59 55.03 13.32
C ARG E 305 9.67 53.77 14.21
N VAL E 306 10.81 53.08 14.19
CA VAL E 306 10.93 51.79 14.90
C VAL E 306 11.38 51.87 16.37
N LYS E 307 10.52 51.36 17.26
CA LYS E 307 10.82 51.23 18.68
C LYS E 307 11.18 49.78 19.02
N LEU E 308 12.13 49.63 19.93
CA LEU E 308 12.39 48.33 20.53
C LEU E 308 11.48 48.12 21.76
N VAL E 309 10.73 47.02 21.75
CA VAL E 309 9.72 46.72 22.78
C VAL E 309 10.11 45.48 23.60
N GLU E 310 10.16 45.62 24.92
CA GLU E 310 10.50 44.50 25.80
C GLU E 310 9.28 43.59 26.00
N THR E 311 9.48 42.28 25.93
CA THR E 311 8.38 41.31 25.99
C THR E 311 8.65 40.08 26.88
N GLN E 325 21.68 32.06 26.97
CA GLN E 325 22.55 33.22 27.21
C GLN E 325 23.49 33.49 26.02
N ASN E 326 24.39 32.54 25.74
CA ASN E 326 25.26 32.58 24.55
C ASN E 326 25.14 31.32 23.68
N ARG E 327 25.01 31.53 22.37
CA ARG E 327 24.89 30.41 21.43
C ARG E 327 26.04 30.42 20.37
N VAL E 328 27.28 30.22 20.86
CA VAL E 328 28.50 30.34 20.03
C VAL E 328 28.96 28.97 19.52
N PRO E 329 29.08 28.81 18.18
CA PRO E 329 29.49 27.55 17.57
C PRO E 329 30.99 27.29 17.62
N LYS E 330 31.40 26.11 18.09
CA LYS E 330 32.74 25.63 17.83
C LYS E 330 32.81 25.23 16.34
N ILE E 331 33.82 25.74 15.64
CA ILE E 331 33.96 25.48 14.21
C ILE E 331 35.35 24.94 13.88
N GLU E 332 36.01 24.42 14.90
CA GLU E 332 37.38 23.99 14.76
C GLU E 332 37.48 22.79 13.80
N ASN E 333 36.61 21.78 13.93
CA ASN E 333 36.61 20.65 12.98
C ASN E 333 36.24 21.08 11.55
N THR E 334 35.34 22.06 11.43
CA THR E 334 34.86 22.55 10.14
C THR E 334 35.99 23.24 9.41
N MET E 335 36.73 24.07 10.16
CA MET E 335 37.92 24.76 9.67
C MET E 335 39.01 23.78 9.18
N GLN E 336 39.49 22.89 10.05
CA GLN E 336 40.63 22.01 9.72
C GLN E 336 40.27 20.94 8.69
N GLU E 337 39.17 20.24 8.91
CA GLU E 337 38.77 19.17 7.99
C GLU E 337 38.40 19.70 6.58
N LEU E 338 37.75 20.85 6.50
CA LEU E 338 37.30 21.33 5.19
C LEU E 338 38.20 22.44 4.62
N GLY E 339 39.24 22.82 5.36
CA GLY E 339 40.16 23.87 4.90
C GLY E 339 39.35 25.11 4.61
N TRP E 340 38.67 25.62 5.63
CA TRP E 340 37.67 26.65 5.46
C TRP E 340 37.79 27.61 6.62
N ALA E 341 37.41 28.86 6.39
CA ALA E 341 37.43 29.91 7.39
C ALA E 341 36.48 30.99 6.90
N PRO E 342 35.65 31.54 7.80
CA PRO E 342 34.70 32.57 7.41
C PRO E 342 35.40 33.93 7.20
N GLN E 343 34.97 34.67 6.18
CA GLN E 343 35.66 35.88 5.71
C GLN E 343 34.92 37.15 6.10
N PHE E 344 33.63 37.04 6.32
CA PHE E 344 32.83 38.26 6.40
C PHE E 344 32.55 38.70 7.84
N THR E 345 32.78 39.98 8.08
CA THR E 345 32.44 40.56 9.37
C THR E 345 30.93 40.80 9.45
N PHE E 346 30.43 40.97 10.66
CA PHE E 346 29.04 41.35 10.94
C PHE E 346 28.60 42.54 10.10
N ASP E 347 29.38 43.62 10.15
CA ASP E 347 29.15 44.84 9.37
C ASP E 347 29.14 44.60 7.87
N ASP E 348 30.13 43.86 7.35
CA ASP E 348 30.15 43.53 5.91
C ASP E 348 28.84 42.84 5.53
N ALA E 349 28.47 41.86 6.35
CA ALA E 349 27.32 41.01 6.07
C ALA E 349 26.04 41.84 5.99
N LEU E 350 25.72 42.55 7.09
CA LEU E 350 24.49 43.39 7.15
C LEU E 350 24.48 44.46 6.07
N ARG E 351 25.63 45.07 5.82
CA ARG E 351 25.77 46.04 4.73
C ARG E 351 25.32 45.43 3.40
N GLN E 352 25.84 44.24 3.07
CA GLN E 352 25.50 43.54 1.80
C GLN E 352 24.00 43.35 1.64
N ILE E 353 23.37 42.89 2.74
CA ILE E 353 21.92 42.70 2.82
C ILE E 353 21.13 43.97 2.55
N PHE E 354 21.51 45.09 3.18
CA PHE E 354 20.79 46.35 2.97
C PHE E 354 20.95 46.83 1.52
N GLU E 355 22.19 46.79 1.02
CA GLU E 355 22.46 47.10 -0.39
C GLU E 355 21.57 46.28 -1.33
N ALA E 356 21.55 44.96 -1.15
CA ALA E 356 20.80 44.08 -2.06
C ALA E 356 19.30 44.38 -2.12
N TYR E 357 18.74 44.90 -1.03
CA TYR E 357 17.29 45.12 -0.96
C TYR E 357 16.81 46.54 -1.33
N ARG E 358 17.75 47.44 -1.59
CA ARG E 358 17.43 48.85 -1.91
C ARG E 358 16.45 49.00 -3.07
N GLY E 359 16.69 48.25 -4.14
CA GLY E 359 15.80 48.24 -5.29
C GLY E 359 14.60 47.29 -5.16
N HIS E 360 14.61 46.45 -4.12
CA HIS E 360 13.52 45.47 -3.91
C HIS E 360 12.84 45.67 -2.56
N VAL E 361 12.38 46.90 -2.30
CA VAL E 361 11.71 47.28 -1.05
C VAL E 361 10.45 46.43 -0.75
N ALA E 362 9.68 46.09 -1.79
CA ALA E 362 8.51 45.23 -1.64
C ALA E 362 8.87 43.80 -1.24
N ASP E 363 9.97 43.27 -1.79
CA ASP E 363 10.49 41.96 -1.35
C ASP E 363 10.77 42.00 0.16
N ALA E 364 11.54 43.00 0.58
CA ALA E 364 11.79 43.26 2.00
C ALA E 364 10.48 43.31 2.83
N ARG E 365 9.52 44.16 2.43
CA ARG E 365 8.26 44.27 3.18
C ARG E 365 7.53 42.92 3.30
N ALA E 366 7.65 42.11 2.26
CA ALA E 366 6.97 40.81 2.17
C ALA E 366 7.59 39.70 3.07
N LEU E 367 8.78 39.96 3.62
CA LEU E 367 9.52 38.94 4.39
C LEU E 367 8.76 38.45 5.64
N VAL E 368 7.89 39.32 6.15
CA VAL E 368 7.09 39.05 7.33
C VAL E 368 5.59 38.87 6.98
N GLU E 369 5.30 38.63 5.70
CA GLU E 369 3.92 38.50 5.18
C GLU E 369 3.43 37.05 5.22
N LYS F 23 1.35 35.24 -8.09
CA LYS F 23 0.27 36.22 -7.88
C LYS F 23 -0.91 35.94 -8.83
N ALA F 24 -0.63 35.72 -10.13
CA ALA F 24 -1.69 35.39 -11.10
C ALA F 24 -2.44 34.11 -10.68
N LYS F 25 -3.76 34.07 -10.90
CA LYS F 25 -4.58 32.88 -10.57
C LYS F 25 -4.13 31.71 -11.43
N LYS F 26 -4.09 30.52 -10.85
CA LYS F 26 -3.73 29.30 -11.55
C LYS F 26 -4.97 28.43 -11.70
N VAL F 27 -5.29 28.11 -12.96
CA VAL F 27 -6.45 27.32 -13.25
C VAL F 27 -6.02 25.90 -13.74
N LEU F 28 -6.44 24.88 -12.99
CA LEU F 28 -6.15 23.48 -13.34
C LEU F 28 -7.31 22.90 -14.15
N ILE F 29 -7.00 22.49 -15.38
CA ILE F 29 -8.00 21.82 -16.22
C ILE F 29 -7.55 20.39 -16.50
N LEU F 30 -8.27 19.42 -15.95
CA LEU F 30 -7.99 18.02 -16.21
C LEU F 30 -8.83 17.52 -17.38
N GLY F 31 -8.19 17.05 -18.45
CA GLY F 31 -8.92 16.72 -19.67
C GLY F 31 -9.06 17.99 -20.50
N VAL F 32 -7.94 18.69 -20.64
CA VAL F 32 -7.91 19.97 -21.33
C VAL F 32 -8.01 19.87 -22.88
N ASN F 33 -7.69 18.71 -23.47
CA ASN F 33 -7.77 18.58 -24.92
C ASN F 33 -9.25 18.50 -25.37
N GLY F 34 -10.19 18.44 -24.43
CA GLY F 34 -11.61 18.40 -24.80
C GLY F 34 -12.25 19.63 -25.46
N PHE F 35 -13.54 19.48 -25.73
CA PHE F 35 -14.35 20.56 -26.23
C PHE F 35 -14.28 21.75 -25.25
N ILE F 36 -14.60 21.50 -23.99
CA ILE F 36 -14.59 22.57 -23.00
C ILE F 36 -13.19 23.11 -22.74
N GLY F 37 -12.22 22.20 -22.64
CA GLY F 37 -10.88 22.51 -22.17
C GLY F 37 -10.21 23.48 -23.10
N HIS F 38 -10.33 23.24 -24.40
CA HIS F 38 -9.63 24.06 -25.37
C HIS F 38 -10.33 25.39 -25.60
N HIS F 39 -11.66 25.37 -25.51
CA HIS F 39 -12.44 26.61 -25.58
C HIS F 39 -12.19 27.51 -24.37
N LEU F 40 -12.17 26.92 -23.19
CA LEU F 40 -11.92 27.65 -21.94
C LEU F 40 -10.47 28.19 -21.86
N SER F 41 -9.51 27.35 -22.27
CA SER F 41 -8.10 27.76 -22.30
C SER F 41 -7.90 29.02 -23.16
N LYS F 42 -8.45 28.97 -24.39
CA LYS F 42 -8.39 30.08 -25.31
C LYS F 42 -8.86 31.37 -24.65
N ARG F 43 -10.06 31.34 -24.06
CA ARG F 43 -10.62 32.55 -23.44
C ARG F 43 -9.73 33.09 -22.36
N ILE F 44 -9.22 32.20 -21.53
CA ILE F 44 -8.36 32.55 -20.40
C ILE F 44 -7.07 33.24 -20.86
N LEU F 45 -6.39 32.59 -21.80
CA LEU F 45 -5.13 33.06 -22.29
C LEU F 45 -5.33 34.44 -22.91
N GLU F 46 -6.41 34.58 -23.68
CA GLU F 46 -6.70 35.79 -24.41
C GLU F 46 -7.34 36.93 -23.61
N THR F 47 -8.00 36.65 -22.48
CA THR F 47 -8.78 37.73 -21.86
C THR F 47 -8.42 38.00 -20.42
N THR F 48 -7.46 37.26 -19.88
CA THR F 48 -7.03 37.42 -18.50
C THR F 48 -5.55 37.25 -18.37
N ASP F 49 -5.05 37.41 -17.15
CA ASP F 49 -3.66 37.14 -16.89
C ASP F 49 -3.44 35.81 -16.13
N TRP F 50 -4.45 34.94 -16.15
CA TRP F 50 -4.34 33.69 -15.41
C TRP F 50 -3.43 32.69 -16.12
N GLU F 51 -2.78 31.82 -15.35
CA GLU F 51 -1.98 30.72 -15.83
C GLU F 51 -2.85 29.48 -15.96
N VAL F 52 -2.71 28.77 -17.08
CA VAL F 52 -3.48 27.58 -17.31
C VAL F 52 -2.59 26.35 -17.15
N PHE F 53 -3.01 25.44 -16.28
CA PHE F 53 -2.32 24.15 -16.15
C PHE F 53 -3.29 23.14 -16.67
N GLY F 54 -2.90 22.50 -17.78
CA GLY F 54 -3.83 21.69 -18.55
C GLY F 54 -3.28 20.30 -18.77
N MET F 55 -4.03 19.29 -18.32
CA MET F 55 -3.60 17.89 -18.41
C MET F 55 -4.40 17.10 -19.43
N ASP F 56 -3.71 16.36 -20.30
CA ASP F 56 -4.38 15.37 -21.14
C ASP F 56 -3.36 14.42 -21.73
N MET F 57 -3.82 13.45 -22.53
CA MET F 57 -2.96 12.51 -23.27
C MET F 57 -2.46 13.04 -24.63
N GLN F 58 -3.30 13.78 -25.34
CA GLN F 58 -2.94 14.34 -26.65
C GLN F 58 -3.18 15.85 -26.66
N THR F 59 -2.62 16.56 -27.63
CA THR F 59 -2.81 18.03 -27.75
C THR F 59 -3.49 18.46 -29.06
N ASP F 60 -4.10 17.52 -29.77
CA ASP F 60 -4.55 17.78 -31.14
C ASP F 60 -5.68 18.82 -31.25
N ARG F 61 -6.42 19.03 -30.17
CA ARG F 61 -7.49 20.04 -30.17
C ARG F 61 -7.04 21.40 -29.69
N LEU F 62 -5.78 21.53 -29.30
CA LEU F 62 -5.28 22.78 -28.70
C LEU F 62 -4.58 23.70 -29.70
N GLY F 63 -4.03 23.09 -30.76
CA GLY F 63 -3.32 23.82 -31.81
C GLY F 63 -2.20 24.64 -31.22
N ASP F 64 -2.31 25.95 -31.42
CA ASP F 64 -1.28 26.88 -31.01
C ASP F 64 -1.33 27.33 -29.55
N LEU F 65 -2.41 27.01 -28.83
CA LEU F 65 -2.51 27.38 -27.43
C LEU F 65 -1.27 26.94 -26.65
N VAL F 66 -0.75 25.76 -26.94
CA VAL F 66 0.37 25.18 -26.14
C VAL F 66 1.65 26.02 -26.22
N LYS F 67 1.80 26.79 -27.29
CA LYS F 67 2.97 27.65 -27.43
C LYS F 67 2.82 28.97 -26.64
N HIS F 68 1.62 29.25 -26.12
CA HIS F 68 1.40 30.48 -25.36
C HIS F 68 2.13 30.41 -24.00
N GLU F 69 2.75 31.49 -23.58
CA GLU F 69 3.62 31.46 -22.39
C GLU F 69 2.89 31.32 -21.05
N ARG F 70 1.58 31.55 -21.04
CA ARG F 70 0.79 31.26 -19.84
C ARG F 70 0.05 29.93 -19.92
N MET F 71 0.35 29.14 -20.97
CA MET F 71 -0.26 27.81 -21.13
C MET F 71 0.76 26.74 -20.73
N HIS F 72 0.36 25.85 -19.82
CA HIS F 72 1.25 24.78 -19.35
C HIS F 72 0.54 23.45 -19.51
N PHE F 73 0.71 22.87 -20.69
CA PHE F 73 0.25 21.51 -20.92
C PHE F 73 1.15 20.51 -20.22
N PHE F 74 0.54 19.47 -19.67
CA PHE F 74 1.27 18.32 -19.14
C PHE F 74 0.48 17.07 -19.37
N GLU F 75 1.21 15.97 -19.53
CA GLU F 75 0.66 14.66 -19.79
C GLU F 75 0.26 13.93 -18.52
N GLY F 76 -0.83 13.18 -18.58
CA GLY F 76 -1.22 12.36 -17.45
C GLY F 76 -2.59 11.84 -17.74
N ASP F 77 -2.98 10.84 -16.94
CA ASP F 77 -4.31 10.26 -16.94
C ASP F 77 -4.78 10.27 -15.46
N ILE F 78 -5.98 10.75 -15.18
CA ILE F 78 -6.45 10.74 -13.79
C ILE F 78 -6.56 9.36 -13.14
N THR F 79 -6.58 8.28 -13.94
CA THR F 79 -6.67 6.94 -13.34
C THR F 79 -5.29 6.36 -13.00
N ILE F 80 -4.25 7.05 -13.47
CA ILE F 80 -2.90 6.56 -13.34
C ILE F 80 -1.91 7.53 -12.69
N ASN F 81 -1.87 8.77 -13.15
CA ASN F 81 -0.89 9.70 -12.63
C ASN F 81 -1.34 10.42 -11.34
N LYS F 82 -1.56 9.62 -10.30
CA LYS F 82 -2.20 10.16 -9.11
C LYS F 82 -1.31 11.22 -8.43
N GLU F 83 -0.01 10.97 -8.36
CA GLU F 83 0.91 11.90 -7.72
C GLU F 83 0.97 13.24 -8.47
N TRP F 84 1.08 13.13 -9.78
CA TRP F 84 1.23 14.32 -10.61
C TRP F 84 -0.07 15.15 -10.56
N VAL F 85 -1.22 14.47 -10.53
CA VAL F 85 -2.51 15.17 -10.42
C VAL F 85 -2.65 15.86 -9.05
N GLU F 86 -2.37 15.13 -7.96
CA GLU F 86 -2.46 15.70 -6.65
C GLU F 86 -1.54 16.91 -6.53
N TYR F 87 -0.31 16.78 -7.04
CA TYR F 87 0.61 17.90 -6.99
C TYR F 87 0.04 19.19 -7.61
N HIS F 88 -0.55 19.08 -8.80
CA HIS F 88 -1.14 20.25 -9.47
C HIS F 88 -2.37 20.81 -8.78
N VAL F 89 -3.11 19.93 -8.08
CA VAL F 89 -4.26 20.39 -7.26
C VAL F 89 -3.75 21.29 -6.14
N LYS F 90 -2.66 20.90 -5.48
CA LYS F 90 -2.07 21.71 -4.43
C LYS F 90 -1.51 23.01 -4.97
N LYS F 91 -0.90 22.96 -6.16
CA LYS F 91 -0.28 24.11 -6.77
C LYS F 91 -1.33 25.14 -7.27
N CYS F 92 -2.48 24.68 -7.79
CA CYS F 92 -3.41 25.57 -8.49
C CYS F 92 -4.47 26.17 -7.57
N ASP F 93 -5.28 27.12 -8.07
CA ASP F 93 -6.28 27.77 -7.23
C ASP F 93 -7.66 27.22 -7.50
N VAL F 94 -7.93 26.94 -8.77
CA VAL F 94 -9.25 26.52 -9.23
C VAL F 94 -9.10 25.19 -10.00
N ILE F 95 -9.95 24.24 -9.64
CA ILE F 95 -9.82 22.85 -10.12
C ILE F 95 -11.02 22.46 -11.00
N LEU F 96 -10.77 22.23 -12.31
CA LEU F 96 -11.82 21.71 -13.22
C LEU F 96 -11.56 20.30 -13.70
N PRO F 97 -12.14 19.28 -13.01
CA PRO F 97 -11.94 17.90 -13.45
C PRO F 97 -12.93 17.58 -14.59
N LEU F 98 -12.48 17.66 -15.82
CA LEU F 98 -13.43 17.52 -16.92
C LEU F 98 -13.45 16.11 -17.54
N VAL F 99 -12.69 15.18 -16.97
CA VAL F 99 -12.61 13.80 -17.53
C VAL F 99 -13.85 13.00 -17.11
N ALA F 100 -14.55 12.43 -18.09
CA ALA F 100 -15.79 11.71 -17.83
C ALA F 100 -16.25 11.08 -19.13
N ILE F 101 -16.77 9.85 -19.03
CA ILE F 101 -17.49 9.18 -20.11
C ILE F 101 -18.89 9.80 -20.17
N ALA F 102 -19.23 10.28 -21.36
CA ALA F 102 -20.49 10.99 -21.61
C ALA F 102 -21.09 10.60 -22.99
N THR F 103 -21.00 9.32 -23.31
CA THR F 103 -21.63 8.73 -24.50
C THR F 103 -22.84 7.89 -24.05
N PRO F 104 -24.08 8.30 -24.43
CA PRO F 104 -25.29 7.57 -24.04
C PRO F 104 -25.26 6.07 -24.38
N ALA F 105 -24.64 5.70 -25.51
CA ALA F 105 -24.50 4.29 -25.89
C ALA F 105 -23.71 3.45 -24.86
N THR F 106 -22.66 4.04 -24.26
CA THR F 106 -21.83 3.34 -23.26
C THR F 106 -22.54 3.11 -21.91
N TYR F 107 -23.42 4.04 -21.53
CA TYR F 107 -24.18 3.92 -20.27
C TYR F 107 -24.96 2.57 -20.23
N VAL F 108 -25.63 2.25 -21.33
CA VAL F 108 -26.44 1.05 -21.53
C VAL F 108 -25.57 -0.20 -21.60
N LYS F 109 -24.51 -0.15 -22.41
CA LYS F 109 -23.69 -1.32 -22.71
C LYS F 109 -22.68 -1.68 -21.61
N GLN F 110 -21.96 -0.66 -21.12
CA GLN F 110 -20.97 -0.85 -20.04
C GLN F 110 -21.25 0.13 -18.91
N PRO F 111 -22.35 -0.12 -18.15
CA PRO F 111 -22.63 0.81 -17.07
C PRO F 111 -21.46 0.93 -16.07
N LEU F 112 -20.70 -0.16 -15.84
CA LEU F 112 -19.65 -0.08 -14.82
C LEU F 112 -18.52 0.87 -15.21
N ARG F 113 -18.19 0.91 -16.50
CA ARG F 113 -17.13 1.83 -16.94
C ARG F 113 -17.50 3.29 -16.65
N VAL F 114 -18.78 3.63 -16.81
CA VAL F 114 -19.27 4.96 -16.51
C VAL F 114 -19.04 5.34 -15.03
N PHE F 115 -19.47 4.46 -14.14
CA PHE F 115 -19.29 4.64 -12.70
C PHE F 115 -17.81 4.76 -12.33
N GLU F 116 -16.99 3.84 -12.80
CA GLU F 116 -15.55 3.83 -12.45
C GLU F 116 -14.84 5.12 -12.83
N LEU F 117 -15.15 5.67 -14.00
CA LEU F 117 -14.49 6.90 -14.44
C LEU F 117 -15.13 8.20 -13.91
N ASP F 118 -16.44 8.37 -14.12
CA ASP F 118 -17.10 9.63 -13.76
C ASP F 118 -17.22 9.81 -12.25
N PHE F 119 -17.40 8.70 -11.53
CA PHE F 119 -17.48 8.78 -10.10
C PHE F 119 -16.15 8.38 -9.41
N GLU F 120 -15.78 7.10 -9.49
CA GLU F 120 -14.69 6.59 -8.65
C GLU F 120 -13.33 7.27 -8.92
N ALA F 121 -13.04 7.55 -10.19
CA ALA F 121 -11.74 8.15 -10.55
C ALA F 121 -11.72 9.64 -10.16
N ASN F 122 -12.88 10.27 -10.06
CA ASN F 122 -12.91 11.71 -9.75
C ASN F 122 -12.97 12.04 -8.28
N LEU F 123 -13.46 11.11 -7.49
CA LEU F 123 -13.54 11.29 -6.05
C LEU F 123 -12.20 11.70 -5.36
N PRO F 124 -11.07 11.05 -5.71
CA PRO F 124 -9.82 11.49 -5.09
C PRO F 124 -9.48 12.95 -5.40
N ILE F 125 -9.87 13.42 -6.58
CA ILE F 125 -9.49 14.77 -7.03
C ILE F 125 -10.34 15.76 -6.26
N VAL F 126 -11.61 15.42 -6.05
CA VAL F 126 -12.47 16.19 -5.19
C VAL F 126 -11.85 16.28 -3.77
N ARG F 127 -11.42 15.14 -3.24
CA ARG F 127 -10.87 15.09 -1.89
C ARG F 127 -9.57 15.93 -1.75
N SER F 128 -8.77 15.96 -2.82
CA SER F 128 -7.55 16.77 -2.82
C SER F 128 -7.93 18.24 -2.83
N ALA F 129 -8.99 18.59 -3.58
CA ALA F 129 -9.41 19.99 -3.60
C ALA F 129 -9.86 20.41 -2.21
N VAL F 130 -10.49 19.49 -1.48
CA VAL F 130 -10.86 19.74 -0.10
C VAL F 130 -9.59 19.92 0.73
N LYS F 131 -8.68 18.94 0.66
CA LYS F 131 -7.52 18.94 1.52
C LYS F 131 -6.73 20.25 1.35
N TYR F 132 -6.56 20.71 0.12
CA TYR F 132 -5.69 21.89 -0.11
C TYR F 132 -6.44 23.22 -0.15
N GLY F 133 -7.73 23.19 0.16
CA GLY F 133 -8.58 24.38 0.25
C GLY F 133 -8.77 25.09 -1.08
N LYS F 134 -9.00 24.34 -2.16
CA LYS F 134 -9.12 24.97 -3.49
C LYS F 134 -10.56 25.23 -3.89
N HIS F 135 -10.74 25.90 -5.02
CA HIS F 135 -12.08 26.14 -5.56
C HIS F 135 -12.36 25.05 -6.58
N LEU F 136 -13.28 24.17 -6.26
CA LEU F 136 -13.62 23.07 -7.14
C LEU F 136 -14.79 23.50 -8.01
N VAL F 137 -14.54 23.54 -9.31
CA VAL F 137 -15.58 23.89 -10.29
C VAL F 137 -15.85 22.62 -11.09
N PHE F 138 -16.93 21.93 -10.75
CA PHE F 138 -17.15 20.58 -11.20
C PHE F 138 -18.26 20.46 -12.23
N PRO F 139 -18.04 19.66 -13.30
CA PRO F 139 -19.09 19.49 -14.28
C PRO F 139 -20.12 18.45 -13.82
N SER F 140 -21.27 18.89 -13.28
CA SER F 140 -22.44 18.03 -13.08
C SER F 140 -23.00 17.82 -14.50
N THR F 141 -24.27 17.42 -14.64
CA THR F 141 -24.83 17.12 -15.96
C THR F 141 -26.27 17.66 -16.05
N SER F 142 -26.65 18.12 -17.26
CA SER F 142 -28.04 18.44 -17.59
C SER F 142 -28.95 17.23 -17.41
N GLU F 143 -28.40 16.04 -17.50
CA GLU F 143 -29.22 14.81 -17.34
C GLU F 143 -29.59 14.49 -15.89
N VAL F 144 -29.02 15.23 -14.93
CA VAL F 144 -29.21 14.90 -13.51
C VAL F 144 -30.70 15.06 -13.16
N TYR F 145 -31.43 15.91 -13.89
CA TYR F 145 -32.87 16.04 -13.65
C TYR F 145 -33.70 14.84 -14.10
N GLY F 146 -33.21 14.09 -15.09
CA GLY F 146 -33.86 12.86 -15.55
C GLY F 146 -35.24 13.17 -16.10
N MET F 147 -36.25 12.43 -15.63
CA MET F 147 -37.60 12.61 -16.13
C MET F 147 -38.43 13.67 -15.36
N CYS F 148 -37.74 14.67 -14.81
CA CYS F 148 -38.38 15.79 -14.13
C CYS F 148 -39.44 16.45 -15.02
N ALA F 149 -40.56 16.88 -14.43
CA ALA F 149 -41.70 17.32 -15.21
C ALA F 149 -41.83 18.83 -15.23
N ASP F 150 -41.02 19.51 -14.41
CA ASP F 150 -41.09 20.97 -14.31
C ASP F 150 -40.86 21.58 -15.67
N GLU F 151 -41.64 22.61 -15.96
CA GLU F 151 -41.46 23.35 -17.21
C GLU F 151 -40.03 23.84 -17.30
N GLN F 152 -39.45 24.18 -16.15
CA GLN F 152 -38.07 24.63 -16.12
C GLN F 152 -37.28 23.84 -15.06
N PHE F 153 -36.10 23.33 -15.44
CA PHE F 153 -35.25 22.56 -14.53
C PHE F 153 -34.55 23.49 -13.55
N ASP F 154 -34.98 23.46 -12.29
CA ASP F 154 -34.46 24.38 -11.28
C ASP F 154 -33.39 23.68 -10.42
N PRO F 155 -32.13 24.19 -10.46
CA PRO F 155 -31.01 23.56 -9.74
C PRO F 155 -31.21 23.52 -8.23
N ASP F 156 -32.02 24.46 -7.71
CA ASP F 156 -32.26 24.59 -6.26
C ASP F 156 -33.58 23.97 -5.78
N ALA F 157 -34.38 23.46 -6.71
CA ALA F 157 -35.76 23.11 -6.38
C ALA F 157 -36.30 21.83 -7.07
N SER F 158 -35.89 21.59 -8.32
CA SER F 158 -36.47 20.46 -9.10
C SER F 158 -36.10 19.11 -8.52
N ALA F 159 -37.08 18.21 -8.53
CA ALA F 159 -36.89 16.81 -8.18
C ALA F 159 -36.14 16.11 -9.31
N LEU F 160 -35.47 15.02 -8.96
CA LEU F 160 -34.59 14.29 -9.87
C LEU F 160 -35.15 12.87 -10.02
N THR F 161 -35.58 12.51 -11.23
CA THR F 161 -36.28 11.25 -11.48
C THR F 161 -35.60 10.37 -12.54
N TYR F 162 -35.21 9.17 -12.13
CA TYR F 162 -34.65 8.14 -13.04
C TYR F 162 -35.54 6.90 -13.06
N GLY F 163 -35.23 5.98 -13.98
CA GLY F 163 -36.02 4.79 -14.18
C GLY F 163 -35.56 3.75 -13.18
N PRO F 164 -36.12 2.54 -13.24
CA PRO F 164 -35.76 1.48 -12.30
C PRO F 164 -34.30 1.00 -12.49
N ILE F 165 -33.83 0.17 -11.56
CA ILE F 165 -32.49 -0.38 -11.65
C ILE F 165 -32.28 -1.12 -12.99
N ASN F 166 -33.31 -1.84 -13.46
CA ASN F 166 -33.20 -2.58 -14.72
C ASN F 166 -33.14 -1.71 -15.99
N LYS F 167 -33.05 -0.39 -15.83
CA LYS F 167 -32.68 0.48 -16.94
C LYS F 167 -31.28 1.07 -16.71
N PRO F 168 -30.24 0.32 -17.07
CA PRO F 168 -28.87 0.73 -16.64
C PRO F 168 -28.35 2.07 -17.18
N ARG F 169 -28.97 2.62 -18.23
CA ARG F 169 -28.52 3.92 -18.75
C ARG F 169 -28.51 4.98 -17.66
N TRP F 170 -29.39 4.81 -16.67
CA TRP F 170 -29.47 5.77 -15.58
C TRP F 170 -28.26 5.78 -14.62
N ILE F 171 -27.30 4.86 -14.78
CA ILE F 171 -26.13 4.86 -13.91
C ILE F 171 -25.30 6.15 -14.14
N TYR F 172 -25.40 6.73 -15.33
CA TYR F 172 -24.68 7.97 -15.60
C TYR F 172 -25.28 9.09 -14.72
N ALA F 173 -26.60 9.31 -14.83
CA ALA F 173 -27.28 10.35 -14.03
C ALA F 173 -27.11 10.11 -12.55
N CYS F 174 -27.30 8.87 -12.14
CA CYS F 174 -27.16 8.51 -10.74
C CYS F 174 -25.73 8.71 -10.18
N SER F 175 -24.71 8.35 -10.96
CA SER F 175 -23.31 8.60 -10.58
C SER F 175 -23.02 10.09 -10.41
N LYS F 176 -23.50 10.89 -11.36
CA LYS F 176 -23.28 12.34 -11.33
C LYS F 176 -24.02 12.98 -10.15
N GLN F 177 -25.25 12.52 -9.92
CA GLN F 177 -26.03 13.00 -8.77
C GLN F 177 -25.32 12.70 -7.43
N LEU F 178 -24.84 11.48 -7.27
CA LEU F 178 -24.17 11.10 -6.02
C LEU F 178 -22.92 11.95 -5.84
N MET F 179 -22.16 12.12 -6.92
CA MET F 179 -20.98 13.00 -6.87
C MET F 179 -21.37 14.44 -6.46
N ASP F 180 -22.49 14.94 -7.00
CA ASP F 180 -23.00 16.26 -6.58
C ASP F 180 -23.27 16.34 -5.08
N ARG F 181 -23.84 15.28 -4.53
CA ARG F 181 -24.20 15.24 -3.10
C ARG F 181 -22.95 15.08 -2.25
N VAL F 182 -21.97 14.34 -2.75
CA VAL F 182 -20.73 14.16 -2.00
C VAL F 182 -20.05 15.53 -1.96
N ILE F 183 -19.95 16.20 -3.10
CA ILE F 183 -19.36 17.54 -3.17
C ILE F 183 -20.11 18.54 -2.27
N TRP F 184 -21.45 18.49 -2.33
CA TRP F 184 -22.31 19.27 -1.41
C TRP F 184 -22.01 19.00 0.06
N GLY F 185 -21.88 17.72 0.42
CA GLY F 185 -21.46 17.30 1.76
C GLY F 185 -20.15 17.93 2.22
N TYR F 186 -19.15 17.93 1.34
CA TYR F 186 -17.88 18.61 1.62
C TYR F 186 -18.04 20.13 1.70
N GLY F 187 -18.94 20.66 0.87
CA GLY F 187 -19.33 22.06 0.99
C GLY F 187 -19.85 22.40 2.39
N MET F 188 -20.60 21.49 3.00
CA MET F 188 -21.14 21.71 4.34
C MET F 188 -20.01 21.78 5.39
N GLU F 189 -18.83 21.28 5.01
CA GLU F 189 -17.72 21.26 5.94
C GLU F 189 -16.69 22.29 5.55
N GLY F 190 -16.99 23.13 4.55
CA GLY F 190 -16.06 24.19 4.17
C GLY F 190 -15.50 24.20 2.76
N LEU F 191 -15.82 23.20 1.93
CA LEU F 191 -15.27 23.19 0.56
C LEU F 191 -15.82 24.36 -0.23
N ASN F 192 -14.94 25.09 -0.91
CA ASN F 192 -15.35 26.07 -1.87
C ASN F 192 -15.60 25.36 -3.21
N PHE F 193 -16.87 25.19 -3.59
CA PHE F 193 -17.19 24.51 -4.82
C PHE F 193 -18.26 25.28 -5.60
N THR F 194 -18.28 25.06 -6.92
CA THR F 194 -19.39 25.44 -7.78
C THR F 194 -19.67 24.25 -8.68
N LEU F 195 -20.92 23.84 -8.74
CA LEU F 195 -21.40 22.86 -9.72
C LEU F 195 -21.95 23.57 -10.94
N PHE F 196 -21.62 23.07 -12.12
CA PHE F 196 -22.24 23.59 -13.34
C PHE F 196 -22.78 22.45 -14.18
N ARG F 197 -23.89 22.73 -14.87
CA ARG F 197 -24.57 21.77 -15.73
C ARG F 197 -24.73 22.33 -17.15
N PRO F 198 -23.86 21.92 -18.08
CA PRO F 198 -23.99 22.40 -19.46
C PRO F 198 -25.15 21.73 -20.19
N PHE F 199 -25.95 22.54 -20.86
CA PHE F 199 -27.03 22.04 -21.69
C PHE F 199 -26.61 22.17 -23.16
N ASN F 200 -26.24 21.03 -23.73
CA ASN F 200 -25.98 20.90 -25.17
C ASN F 200 -25.15 22.04 -25.76
N TRP F 201 -23.95 22.23 -25.21
CA TRP F 201 -23.03 23.21 -25.77
C TRP F 201 -22.59 22.74 -27.14
N ILE F 202 -22.55 23.68 -28.08
CA ILE F 202 -22.15 23.36 -29.45
C ILE F 202 -21.28 24.49 -29.94
N GLY F 203 -20.41 24.19 -30.91
CA GLY F 203 -19.48 25.19 -31.44
C GLY F 203 -18.40 24.53 -32.26
N PRO F 204 -17.43 25.33 -32.75
CA PRO F 204 -16.25 24.79 -33.39
C PRO F 204 -15.50 23.79 -32.48
N GLY F 205 -14.78 22.85 -33.09
CA GLY F 205 -14.00 21.87 -32.34
C GLY F 205 -14.82 20.85 -31.57
N LEU F 206 -15.94 20.42 -32.15
CA LEU F 206 -16.80 19.40 -31.53
C LEU F 206 -16.03 18.17 -31.03
N ASP F 207 -16.47 17.60 -29.90
CA ASP F 207 -15.86 16.40 -29.33
C ASP F 207 -16.17 15.15 -30.14
N SER F 208 -15.17 14.26 -30.28
CA SER F 208 -15.34 12.97 -30.96
C SER F 208 -16.29 12.10 -30.13
N ILE F 209 -17.21 11.41 -30.82
CA ILE F 209 -18.24 10.54 -30.19
C ILE F 209 -17.76 9.73 -28.95
N TYR F 210 -16.56 9.15 -29.03
CA TYR F 210 -16.02 8.29 -27.96
C TYR F 210 -15.04 8.98 -26.99
N THR F 211 -14.94 10.31 -27.03
CA THR F 211 -14.00 11.02 -26.13
C THR F 211 -14.48 11.11 -24.64
N PRO F 212 -13.60 10.68 -23.68
CA PRO F 212 -13.87 10.71 -22.22
C PRO F 212 -13.84 12.12 -21.58
N LYS F 213 -14.68 13.01 -22.10
CA LYS F 213 -14.85 14.34 -21.53
C LYS F 213 -16.29 14.84 -21.61
N GLU F 214 -16.67 15.58 -20.58
CA GLU F 214 -17.86 16.42 -20.64
C GLU F 214 -17.58 17.49 -21.71
N GLY F 215 -18.46 17.57 -22.70
CA GLY F 215 -18.20 18.36 -23.89
C GLY F 215 -19.40 18.82 -24.68
N SER F 216 -19.46 18.36 -25.93
CA SER F 216 -20.39 18.90 -26.89
C SER F 216 -21.56 17.94 -27.17
N SER F 217 -22.61 18.48 -27.79
CA SER F 217 -23.82 17.74 -28.12
C SER F 217 -23.50 16.74 -29.23
N ARG F 218 -23.76 15.47 -28.98
CA ARG F 218 -23.51 14.39 -29.97
C ARG F 218 -24.31 14.58 -31.27
N VAL F 219 -25.64 14.74 -31.12
CA VAL F 219 -26.57 14.86 -32.25
C VAL F 219 -26.13 15.87 -33.30
N VAL F 220 -25.60 17.02 -32.88
CA VAL F 220 -25.22 18.06 -33.84
C VAL F 220 -24.02 17.64 -34.72
N THR F 221 -23.06 16.93 -34.14
CA THR F 221 -21.94 16.39 -34.92
C THR F 221 -22.45 15.45 -36.03
N GLN F 222 -23.16 14.39 -35.61
CA GLN F 222 -23.75 13.41 -36.52
C GLN F 222 -24.32 14.08 -37.78
N PHE F 223 -25.16 15.09 -37.60
CA PHE F 223 -25.74 15.83 -38.72
C PHE F 223 -24.69 16.72 -39.40
N GLY F 239 -38.97 13.04 -35.07
CA GLY F 239 -37.82 13.88 -34.72
C GLY F 239 -38.23 15.13 -33.95
N SER F 240 -39.18 14.95 -33.04
CA SER F 240 -39.83 16.05 -32.34
C SER F 240 -39.39 16.21 -30.87
N GLN F 241 -38.37 15.46 -30.45
CA GLN F 241 -37.75 15.67 -29.14
C GLN F 241 -36.90 16.96 -29.13
N LYS F 242 -37.18 17.82 -28.16
CA LYS F 242 -36.49 19.12 -28.06
C LYS F 242 -35.40 19.09 -27.02
N ARG F 243 -34.42 19.96 -27.22
CA ARG F 243 -33.39 20.18 -26.23
C ARG F 243 -32.86 21.59 -26.42
N ALA F 244 -32.25 22.15 -25.37
CA ALA F 244 -31.84 23.57 -25.38
C ALA F 244 -30.38 23.64 -25.77
N PHE F 245 -30.13 24.14 -26.97
CA PHE F 245 -28.79 24.23 -27.52
C PHE F 245 -28.14 25.53 -27.13
N THR F 246 -26.87 25.43 -26.75
CA THR F 246 -26.15 26.54 -26.19
C THR F 246 -24.82 26.74 -26.93
N TYR F 247 -24.66 27.88 -27.57
CA TYR F 247 -23.39 28.18 -28.20
C TYR F 247 -22.23 28.24 -27.19
N VAL F 248 -21.08 27.68 -27.58
CA VAL F 248 -19.99 27.45 -26.64
C VAL F 248 -19.52 28.74 -25.98
N ASP F 249 -19.45 29.83 -26.77
CA ASP F 249 -19.00 31.14 -26.24
C ASP F 249 -19.85 31.62 -25.07
N ASP F 250 -21.18 31.38 -25.13
CA ASP F 250 -22.04 31.66 -23.97
C ASP F 250 -21.71 30.78 -22.75
N GLY F 251 -21.51 29.50 -23.01
CA GLY F 251 -21.12 28.54 -21.98
C GLY F 251 -19.82 28.94 -21.29
N ILE F 252 -18.80 29.20 -22.11
CA ILE F 252 -17.49 29.63 -21.61
C ILE F 252 -17.60 30.93 -20.80
N SER F 253 -18.39 31.90 -21.29
CA SER F 253 -18.57 33.17 -20.53
C SER F 253 -19.05 32.99 -19.10
N ALA F 254 -20.05 32.12 -18.91
CA ALA F 254 -20.52 31.81 -17.57
C ALA F 254 -19.40 31.17 -16.74
N LEU F 255 -18.63 30.27 -17.36
CA LEU F 255 -17.52 29.60 -16.66
C LEU F 255 -16.48 30.58 -16.13
N MET F 256 -16.11 31.54 -16.98
CA MET F 256 -15.18 32.61 -16.65
C MET F 256 -15.63 33.37 -15.39
N LYS F 257 -16.93 33.63 -15.32
CA LYS F 257 -17.49 34.39 -14.19
C LYS F 257 -17.44 33.53 -12.92
N ILE F 258 -17.67 32.23 -13.09
CA ILE F 258 -17.53 31.28 -11.99
C ILE F 258 -16.09 31.21 -11.47
N ILE F 259 -15.12 31.13 -12.39
CA ILE F 259 -13.74 31.09 -12.01
C ILE F 259 -13.29 32.40 -11.35
N GLU F 260 -13.69 33.52 -11.95
CA GLU F 260 -13.43 34.83 -11.34
C GLU F 260 -14.06 34.97 -9.95
N ASN F 261 -15.27 34.41 -9.77
CA ASN F 261 -15.99 34.37 -8.49
C ASN F 261 -15.96 35.67 -7.68
N SER F 262 -16.29 36.76 -8.37
CA SER F 262 -16.36 38.10 -7.78
C SER F 262 -17.25 38.12 -6.51
N ASN F 263 -16.64 38.48 -5.38
CA ASN F 263 -17.32 38.54 -4.08
C ASN F 263 -17.74 37.17 -3.53
N GLY F 264 -17.14 36.08 -4.01
CA GLY F 264 -17.51 34.74 -3.57
C GLY F 264 -18.95 34.33 -3.91
N VAL F 265 -19.57 35.01 -4.89
CA VAL F 265 -20.97 34.76 -5.25
C VAL F 265 -21.25 33.34 -5.78
N ALA F 266 -20.27 32.72 -6.46
CA ALA F 266 -20.47 31.37 -6.99
C ALA F 266 -20.20 30.25 -5.98
N THR F 267 -19.63 30.58 -4.83
CA THR F 267 -19.28 29.59 -3.80
C THR F 267 -20.54 28.91 -3.26
N GLY F 268 -20.55 27.58 -3.26
CA GLY F 268 -21.68 26.79 -2.75
C GLY F 268 -22.84 26.67 -3.74
N LYS F 269 -22.70 27.22 -4.95
CA LYS F 269 -23.82 27.32 -5.90
C LYS F 269 -23.82 26.27 -7.02
N ILE F 270 -25.00 26.10 -7.62
CA ILE F 270 -25.24 25.13 -8.71
C ILE F 270 -25.90 25.89 -9.86
N TYR F 271 -25.28 25.87 -11.04
CA TYR F 271 -25.73 26.67 -12.22
C TYR F 271 -26.00 25.83 -13.45
N ASN F 272 -27.23 25.88 -13.98
CA ASN F 272 -27.45 25.40 -15.33
C ASN F 272 -26.81 26.42 -16.24
N ILE F 273 -26.06 25.95 -17.24
CA ILE F 273 -25.50 26.83 -18.24
C ILE F 273 -26.07 26.40 -19.60
N GLY F 274 -27.16 27.06 -19.97
CA GLY F 274 -27.84 26.76 -21.20
C GLY F 274 -28.63 27.96 -21.72
N ASN F 275 -29.02 27.89 -22.99
CA ASN F 275 -29.91 28.90 -23.57
C ASN F 275 -31.27 28.29 -23.78
N PRO F 276 -32.23 28.61 -22.88
CA PRO F 276 -33.59 28.08 -22.93
C PRO F 276 -34.38 28.58 -24.15
N ASN F 277 -33.89 29.64 -24.80
CA ASN F 277 -34.53 30.19 -26.01
C ASN F 277 -34.17 29.42 -27.27
N ASN F 278 -33.20 28.52 -27.17
CA ASN F 278 -32.82 27.69 -28.30
C ASN F 278 -33.35 26.26 -28.09
N ASN F 279 -34.62 26.13 -27.75
CA ASN F 279 -35.25 24.82 -27.51
C ASN F 279 -35.78 24.25 -28.80
N PHE F 280 -34.96 23.49 -29.51
CA PHE F 280 -35.32 23.07 -30.84
C PHE F 280 -35.40 21.56 -30.94
N SER F 281 -36.23 21.07 -31.84
CA SER F 281 -36.37 19.63 -32.02
C SER F 281 -35.28 19.11 -32.96
N VAL F 282 -35.13 17.79 -33.04
CA VAL F 282 -34.22 17.19 -34.05
C VAL F 282 -34.60 17.58 -35.52
N ARG F 283 -35.89 17.45 -35.86
CA ARG F 283 -36.36 17.87 -37.18
C ARG F 283 -35.93 19.31 -37.50
N GLU F 284 -36.04 20.20 -36.52
CA GLU F 284 -35.75 21.62 -36.69
C GLU F 284 -34.25 21.87 -36.91
N LEU F 285 -33.44 21.09 -36.20
CA LEU F 285 -31.99 21.10 -36.36
C LEU F 285 -31.63 20.71 -37.80
N ALA F 286 -32.09 19.54 -38.23
CA ALA F 286 -31.98 19.09 -39.63
C ALA F 286 -32.39 20.17 -40.65
N ASN F 287 -33.61 20.69 -40.53
CA ASN F 287 -34.10 21.70 -41.47
C ASN F 287 -33.31 23.03 -41.46
N LYS F 288 -32.86 23.47 -40.29
CA LYS F 288 -32.07 24.72 -40.20
C LYS F 288 -30.64 24.49 -40.73
N MET F 289 -30.07 23.32 -40.46
CA MET F 289 -28.72 22.99 -40.92
C MET F 289 -28.63 22.93 -42.45
N LEU F 290 -29.69 22.42 -43.07
CA LEU F 290 -29.76 22.39 -44.52
C LEU F 290 -30.02 23.80 -45.08
N GLU F 291 -30.90 24.56 -44.43
CA GLU F 291 -31.17 25.94 -44.86
C GLU F 291 -29.91 26.82 -44.74
N LEU F 292 -29.09 26.56 -43.71
CA LEU F 292 -27.81 27.23 -43.52
C LEU F 292 -26.76 26.77 -44.57
N ALA F 293 -26.64 25.45 -44.77
CA ALA F 293 -25.78 24.88 -45.82
C ALA F 293 -26.15 25.33 -47.26
N ALA F 294 -27.31 25.97 -47.39
CA ALA F 294 -27.73 26.58 -48.67
C ALA F 294 -27.02 27.92 -48.94
N GLU F 295 -26.41 28.49 -47.90
CA GLU F 295 -25.69 29.76 -48.05
C GLU F 295 -24.21 29.58 -48.41
N PHE F 296 -23.65 28.40 -48.13
CA PHE F 296 -22.21 28.14 -48.29
C PHE F 296 -21.90 27.13 -49.39
N PRO F 297 -21.03 27.51 -50.35
CA PRO F 297 -20.62 26.66 -51.48
C PRO F 297 -19.45 25.72 -51.16
N ASN F 326 -39.84 17.62 -22.52
CA ASN F 326 -39.26 18.94 -22.34
C ASN F 326 -38.11 19.01 -21.31
N ARG F 327 -37.03 19.67 -21.71
CA ARG F 327 -35.80 19.72 -20.93
C ARG F 327 -35.21 21.16 -20.93
N VAL F 328 -36.02 22.12 -20.51
CA VAL F 328 -35.61 23.52 -20.55
C VAL F 328 -34.92 23.93 -19.24
N PRO F 329 -33.65 24.37 -19.32
CA PRO F 329 -32.87 24.82 -18.16
C PRO F 329 -33.40 26.14 -17.56
N LYS F 330 -33.66 26.16 -16.26
CA LYS F 330 -33.89 27.43 -15.57
C LYS F 330 -32.53 28.06 -15.26
N ILE F 331 -32.36 29.33 -15.64
CA ILE F 331 -31.04 29.99 -15.61
C ILE F 331 -31.08 31.35 -14.89
N GLU F 332 -32.13 31.57 -14.09
CA GLU F 332 -32.32 32.81 -13.35
C GLU F 332 -31.15 33.12 -12.42
N ASN F 333 -30.75 32.14 -11.61
CA ASN F 333 -29.66 32.33 -10.68
C ASN F 333 -28.34 32.51 -11.42
N THR F 334 -28.16 31.74 -12.50
CA THR F 334 -26.96 31.85 -13.34
C THR F 334 -26.83 33.27 -13.89
N MET F 335 -27.92 33.77 -14.49
CA MET F 335 -27.96 35.15 -15.01
C MET F 335 -27.70 36.23 -13.97
N GLN F 336 -28.42 36.17 -12.86
CA GLN F 336 -28.34 37.20 -11.82
C GLN F 336 -27.00 37.18 -11.08
N GLU F 337 -26.60 35.99 -10.65
CA GLU F 337 -25.44 35.88 -9.79
C GLU F 337 -24.15 36.13 -10.55
N LEU F 338 -24.11 35.78 -11.84
CA LEU F 338 -22.88 35.90 -12.61
C LEU F 338 -22.87 37.11 -13.55
N GLY F 339 -23.97 37.83 -13.58
CA GLY F 339 -24.12 38.96 -14.51
C GLY F 339 -23.96 38.44 -15.92
N TRP F 340 -24.79 37.47 -16.29
CA TRP F 340 -24.57 36.68 -17.48
C TRP F 340 -25.89 36.52 -18.20
N ALA F 341 -25.84 36.45 -19.52
CA ALA F 341 -26.98 36.17 -20.37
C ALA F 341 -26.40 35.58 -21.66
N PRO F 342 -27.04 34.53 -22.21
CA PRO F 342 -26.57 33.98 -23.48
C PRO F 342 -26.89 34.95 -24.63
N GLN F 343 -25.93 35.13 -25.54
CA GLN F 343 -26.02 36.11 -26.63
C GLN F 343 -26.38 35.46 -27.96
N PHE F 344 -26.10 34.16 -28.10
CA PHE F 344 -26.18 33.44 -29.39
C PHE F 344 -27.51 32.69 -29.63
N THR F 345 -28.22 33.07 -30.70
CA THR F 345 -29.44 32.38 -31.10
C THR F 345 -29.04 31.05 -31.74
N PHE F 346 -30.00 30.13 -31.84
CA PHE F 346 -29.78 28.86 -32.50
C PHE F 346 -29.16 29.08 -33.89
N ASP F 347 -29.74 30.02 -34.64
CA ASP F 347 -29.24 30.41 -35.94
C ASP F 347 -27.78 30.91 -35.92
N ASP F 348 -27.47 31.89 -35.07
CA ASP F 348 -26.06 32.31 -34.80
C ASP F 348 -25.16 31.10 -34.53
N ALA F 349 -25.62 30.19 -33.67
CA ALA F 349 -24.81 29.04 -33.21
C ALA F 349 -24.38 28.14 -34.37
N LEU F 350 -25.35 27.80 -35.20
CA LEU F 350 -25.09 26.89 -36.30
C LEU F 350 -24.34 27.60 -37.44
N ARG F 351 -24.68 28.87 -37.70
CA ARG F 351 -23.92 29.64 -38.69
C ARG F 351 -22.43 29.56 -38.34
N GLN F 352 -22.12 29.75 -37.06
CA GLN F 352 -20.74 29.72 -36.56
C GLN F 352 -20.02 28.41 -36.78
N ILE F 353 -20.74 27.29 -36.66
CA ILE F 353 -20.15 25.97 -36.88
C ILE F 353 -19.80 25.69 -38.37
N PHE F 354 -20.62 26.21 -39.29
CA PHE F 354 -20.35 26.07 -40.72
C PHE F 354 -19.19 26.97 -41.15
N GLU F 355 -19.22 28.22 -40.70
CA GLU F 355 -18.11 29.14 -40.94
C GLU F 355 -16.76 28.53 -40.51
N ALA F 356 -16.78 27.71 -39.46
CA ALA F 356 -15.56 27.17 -38.86
C ALA F 356 -15.00 25.92 -39.55
N TYR F 357 -15.90 25.02 -39.95
CA TYR F 357 -15.48 23.73 -40.48
C TYR F 357 -15.31 23.66 -41.99
N ARG F 358 -15.61 24.76 -42.68
CA ARG F 358 -15.56 24.76 -44.15
C ARG F 358 -14.27 24.13 -44.71
N GLY F 359 -13.12 24.62 -44.26
CA GLY F 359 -11.83 24.06 -44.68
C GLY F 359 -11.64 22.61 -44.26
N HIS F 360 -12.03 22.29 -43.03
CA HIS F 360 -11.61 21.04 -42.35
C HIS F 360 -12.60 19.88 -42.46
N VAL F 361 -13.16 19.71 -43.66
CA VAL F 361 -14.10 18.62 -43.97
C VAL F 361 -13.57 17.26 -43.45
N ALA F 362 -12.24 17.12 -43.41
CA ALA F 362 -11.56 15.93 -42.89
C ALA F 362 -11.82 15.72 -41.39
N ASP F 363 -11.66 16.79 -40.63
CA ASP F 363 -11.88 16.78 -39.18
C ASP F 363 -13.37 16.54 -38.82
N ALA F 364 -14.27 16.92 -39.72
CA ALA F 364 -15.72 16.71 -39.56
C ALA F 364 -16.12 15.23 -39.51
N ARG F 365 -15.68 14.48 -40.52
CA ARG F 365 -15.95 13.05 -40.66
C ARG F 365 -15.48 12.20 -39.46
N ALA F 366 -14.25 12.48 -38.99
CA ALA F 366 -13.65 11.72 -37.89
C ALA F 366 -14.30 12.02 -36.54
CL CL G . -32.46 17.48 3.66
CL CL H . -51.89 -9.92 6.38
CL CL I . 26.77 -21.08 -11.73
CL CL J . 25.17 -13.85 -44.54
CL CL K . 1.16 -28.56 -22.93
CL CL L . 11.89 -51.21 -0.17
CL CL M . 26.55 5.45 23.23
CL CL N . 8.05 3.95 51.34
CL CL O . 6.65 26.62 23.90
CL CL P . 35.43 37.44 10.10
CL CL Q . -31.45 1.41 -20.15
CL CL R . -30.65 34.31 -27.47
#